data_8V4P
#
_entry.id   8V4P
#
_cell.length_a   138.543
_cell.length_b   138.543
_cell.length_c   543.538
_cell.angle_alpha   90.00
_cell.angle_beta   90.00
_cell.angle_gamma   120.00
#
_symmetry.space_group_name_H-M   'P 61 2 2'
#
loop_
_entity.id
_entity.type
_entity.pdbx_description
1 polymer 'Acetyl-coenzyme A synthetase 2'
2 non-polymer 'SULFATE ION'
3 non-polymer 'CHLORIDE ION'
4 non-polymer "5'-O-{(S)-hydroxy[(prop-2-en-1-yl)oxy]phosphoryl}adenosine"
5 non-polymer 'TETRAETHYLENE GLYCOL'
6 water water
#
_entity_poly.entity_id   1
_entity_poly.type   'polypeptide(L)'
_entity_poly.pdbx_seq_one_letter_code
;MHHHHHHHHENLYFQGPTEQTHNVVHEANGVKLRETPKEFFERQPNKGHIHDVNQYKQMYEQSIKDPQGFFGPLAKELLS
WDHDFHTVKSGTLKNGDAAWFLGGELNASYNCVDRHAFANPDKPALICEADDEKDSHILTYGDLLREVSKVAGVLQSWGI
KKGDTVAVYLPMNAQAIIAMLAIARLGAAHSVIFAGFSAGSIKDRVNDASCKALITCDEGKRGGRTTNIKKLCDEALVDC
PTVEKVLVYKRTNNPEIHLTEGRDYYWDVETAKFPGYLPPVSVNSEDPLFLLYTSGSTGTPKGVVHSTAGYLLGAALSTK
YIFDIHPEDILFTAGDVGWITGHTYALYGPLLLGVPTIIFEGTPAYPDYGRFWQIVEKHKATHFYVAPTALRLLRKAGEQ
EIAKYDLSSLRTLGSVGEPISPDIWEWYNEFVGKNQCHISDTYWQTESGSHLIAPLAGVVPNKPGSASYPFFGIDAALID
PVTGVEIEGNDAEGVLAIKDHWPSMARTVYKNHTKYMDTYMNPYPGYYFTGDGAARDHDGYYWIRGRVDDVVNVSGHRLS
TAEIEAALIEDKKVSEAAVVGIHDDITGQAVIAYVALKEGNSDEDSEGLRKELVLQVRKTIGPFAAPKSVIIVQDLPKTR
SGKIMRRILRKVSSNEADQLGDISTLSNPQSVEGIISAFGAQFGKK
;
_entity_poly.pdbx_strand_id   A,B,C
#
loop_
_chem_comp.id
_chem_comp.type
_chem_comp.name
_chem_comp.formula
CL non-polymer 'CHLORIDE ION' 'Cl -1'
PG4 non-polymer 'TETRAETHYLENE GLYCOL' 'C8 H18 O5'
SO4 non-polymer 'SULFATE ION' 'O4 S -2'
WPO non-polymer 5'-O-{(S)-hydroxy[(prop-2-en-1-yl)oxy]phosphoryl}adenosine 'C13 H18 N5 O7 P'
#
# COMPACT_ATOMS: atom_id res chain seq x y z
N GLN A 20 22.40 -10.19 -53.05
CA GLN A 20 21.36 -10.06 -54.06
C GLN A 20 20.46 -11.30 -54.08
N THR A 21 21.09 -12.48 -54.21
CA THR A 21 20.38 -13.74 -54.27
C THR A 21 20.47 -14.45 -52.92
N HIS A 22 19.39 -15.14 -52.55
CA HIS A 22 19.29 -15.82 -51.27
C HIS A 22 19.26 -17.33 -51.50
N ASN A 23 20.06 -18.05 -50.72
CA ASN A 23 20.09 -19.51 -50.78
C ASN A 23 19.21 -20.17 -49.74
N VAL A 24 18.80 -19.44 -48.71
CA VAL A 24 17.99 -19.98 -47.62
C VAL A 24 16.61 -19.32 -47.58
N VAL A 25 16.56 -17.99 -47.68
CA VAL A 25 15.30 -17.25 -47.54
C VAL A 25 14.74 -17.01 -48.93
N HIS A 26 14.13 -18.07 -49.51
CA HIS A 26 13.61 -17.99 -50.87
C HIS A 26 12.46 -17.00 -51.01
N GLU A 27 11.75 -16.71 -49.91
CA GLU A 27 10.65 -15.75 -49.99
C GLU A 27 11.13 -14.39 -50.46
N ALA A 28 12.41 -14.06 -50.21
CA ALA A 28 12.93 -12.73 -50.46
C ALA A 28 13.54 -12.58 -51.85
N ASN A 29 13.65 -13.66 -52.62
CA ASN A 29 14.27 -13.59 -53.93
C ASN A 29 13.38 -12.84 -54.91
N GLY A 30 13.96 -11.86 -55.59
CA GLY A 30 13.23 -11.13 -56.62
C GLY A 30 12.00 -10.41 -56.10
N VAL A 31 12.09 -9.84 -54.90
CA VAL A 31 10.98 -9.16 -54.26
C VAL A 31 11.24 -7.65 -54.35
N LYS A 32 10.38 -6.95 -55.09
CA LYS A 32 10.53 -5.51 -55.24
C LYS A 32 10.21 -4.82 -53.92
N LEU A 33 11.15 -4.02 -53.42
CA LEU A 33 10.92 -3.23 -52.22
C LEU A 33 9.86 -2.17 -52.50
N ARG A 34 8.95 -2.00 -51.54
CA ARG A 34 7.75 -1.18 -51.72
C ARG A 34 7.81 0.04 -50.80
N GLU A 35 8.18 1.18 -51.36
CA GLU A 35 8.22 2.41 -50.58
C GLU A 35 6.83 2.85 -50.20
N THR A 36 6.73 3.59 -49.09
CA THR A 36 5.44 4.10 -48.64
C THR A 36 4.93 5.13 -49.65
N PRO A 37 3.67 5.05 -50.08
CA PRO A 37 3.20 5.97 -51.12
C PRO A 37 3.26 7.43 -50.68
N LYS A 38 3.43 8.31 -51.67
CA LYS A 38 3.53 9.73 -51.39
C LYS A 38 2.27 10.27 -50.72
N GLU A 39 1.10 9.70 -51.03
CA GLU A 39 -0.14 10.19 -50.45
CA GLU A 39 -0.13 10.21 -50.44
C GLU A 39 -0.15 10.02 -48.93
N PHE A 40 0.58 9.01 -48.43
CA PHE A 40 0.67 8.81 -46.99
C PHE A 40 1.10 10.10 -46.28
N PHE A 41 2.15 10.73 -46.81
CA PHE A 41 2.68 11.93 -46.16
C PHE A 41 1.77 13.14 -46.39
N GLU A 42 1.02 13.15 -47.49
CA GLU A 42 0.05 14.22 -47.69
C GLU A 42 -1.04 14.18 -46.62
N ARG A 43 -1.44 12.97 -46.22
CA ARG A 43 -2.49 12.80 -45.21
C ARG A 43 -1.95 12.83 -43.78
N GLN A 44 -0.64 12.76 -43.60
CA GLN A 44 -0.04 12.83 -42.27
C GLN A 44 -0.31 14.20 -41.66
N PRO A 45 -0.93 14.27 -40.47
CA PRO A 45 -1.32 15.59 -39.95
C PRO A 45 -0.14 16.45 -39.53
N ASN A 46 0.96 15.85 -39.07
CA ASN A 46 2.12 16.59 -38.61
C ASN A 46 3.37 15.89 -39.13
N LYS A 47 4.52 16.48 -38.84
CA LYS A 47 5.78 15.80 -39.11
C LYS A 47 5.77 14.43 -38.44
N GLY A 48 6.31 13.43 -39.14
CA GLY A 48 6.35 12.10 -38.59
C GLY A 48 7.14 12.04 -37.30
N HIS A 49 6.82 11.03 -36.48
CA HIS A 49 7.52 10.85 -35.21
C HIS A 49 8.95 10.41 -35.40
N ILE A 50 9.29 9.87 -36.58
CA ILE A 50 10.64 9.46 -36.92
C ILE A 50 10.98 10.03 -38.28
N HIS A 51 12.20 10.54 -38.42
CA HIS A 51 12.58 11.30 -39.60
C HIS A 51 12.68 10.39 -40.82
N ASP A 52 13.48 9.33 -40.73
CA ASP A 52 13.64 8.38 -41.82
C ASP A 52 14.13 7.06 -41.23
N VAL A 53 14.32 6.07 -42.11
CA VAL A 53 14.73 4.75 -41.64
C VAL A 53 16.10 4.80 -40.97
N ASN A 54 16.95 5.75 -41.36
CA ASN A 54 18.26 5.84 -40.73
C ASN A 54 18.14 6.30 -39.28
N GLN A 55 17.25 7.25 -39.00
CA GLN A 55 17.01 7.62 -37.61
C GLN A 55 16.42 6.45 -36.85
N TYR A 56 15.59 5.64 -37.50
CA TYR A 56 15.05 4.47 -36.81
C TYR A 56 16.16 3.51 -36.42
N LYS A 57 17.12 3.28 -37.31
CA LYS A 57 18.20 2.36 -37.00
C LYS A 57 19.06 2.89 -35.85
N GLN A 58 19.33 4.19 -35.84
CA GLN A 58 20.09 4.78 -34.74
C GLN A 58 19.32 4.65 -33.43
N MET A 59 18.03 4.97 -33.44
CA MET A 59 17.24 4.83 -32.22
C MET A 59 17.13 3.37 -31.80
N TYR A 60 16.91 2.47 -32.76
CA TYR A 60 16.82 1.05 -32.42
C TYR A 60 18.11 0.58 -31.77
N GLU A 61 19.25 0.99 -32.30
CA GLU A 61 20.52 0.52 -31.74
C GLU A 61 20.72 1.04 -30.32
N GLN A 62 20.23 2.24 -30.01
CA GLN A 62 20.31 2.72 -28.63
C GLN A 62 19.34 1.96 -27.74
N SER A 63 18.16 1.58 -28.26
CA SER A 63 17.22 0.83 -27.46
C SER A 63 17.76 -0.55 -27.07
N ILE A 64 18.73 -1.05 -27.83
CA ILE A 64 19.36 -2.33 -27.51
C ILE A 64 20.61 -2.14 -26.66
N LYS A 65 21.48 -1.21 -27.07
CA LYS A 65 22.77 -1.06 -26.40
C LYS A 65 22.66 -0.23 -25.12
N ASP A 66 21.69 0.67 -25.05
CA ASP A 66 21.55 1.59 -23.91
C ASP A 66 20.07 1.75 -23.56
N PRO A 67 19.41 0.67 -23.16
CA PRO A 67 17.98 0.78 -22.83
C PRO A 67 17.71 1.77 -21.71
N GLN A 68 18.67 2.02 -20.82
CA GLN A 68 18.46 2.99 -19.76
C GLN A 68 18.24 4.38 -20.33
N GLY A 69 19.15 4.84 -21.20
CA GLY A 69 19.04 6.16 -21.78
C GLY A 69 17.98 6.29 -22.84
N PHE A 70 17.48 5.17 -23.37
CA PHE A 70 16.46 5.21 -24.40
C PHE A 70 15.05 5.18 -23.81
N PHE A 71 14.75 4.17 -23.01
CA PHE A 71 13.39 4.01 -22.49
C PHE A 71 13.13 4.91 -21.29
N GLY A 72 14.16 5.39 -20.61
CA GLY A 72 13.99 6.32 -19.52
C GLY A 72 13.23 7.56 -19.95
N PRO A 73 13.80 8.29 -20.92
CA PRO A 73 13.11 9.51 -21.39
C PRO A 73 11.75 9.24 -21.99
N LEU A 74 11.60 8.16 -22.76
CA LEU A 74 10.31 7.86 -23.37
C LEU A 74 9.26 7.55 -22.32
N ALA A 75 9.64 6.85 -21.25
CA ALA A 75 8.69 6.55 -20.19
C ALA A 75 8.23 7.83 -19.49
N LYS A 76 9.14 8.79 -19.32
CA LYS A 76 8.77 10.05 -18.69
C LYS A 76 7.98 10.96 -19.61
N GLU A 77 8.07 10.77 -20.93
CA GLU A 77 7.26 11.57 -21.84
C GLU A 77 5.84 11.02 -21.97
N LEU A 78 5.71 9.71 -22.17
CA LEU A 78 4.45 9.13 -22.61
C LEU A 78 3.54 8.69 -21.48
N LEU A 79 4.06 8.52 -20.26
CA LEU A 79 3.26 8.09 -19.13
C LEU A 79 3.34 9.15 -18.04
N SER A 80 2.23 9.30 -17.32
CA SER A 80 2.15 10.20 -16.18
C SER A 80 2.35 9.39 -14.90
N TRP A 81 3.32 9.78 -14.10
CA TRP A 81 3.77 8.99 -12.96
C TRP A 81 3.30 9.63 -11.66
N ASP A 82 2.86 8.78 -10.74
CA ASP A 82 2.57 9.22 -9.37
C ASP A 82 3.82 9.20 -8.51
N HIS A 83 4.74 8.28 -8.79
CA HIS A 83 6.05 8.25 -8.16
C HIS A 83 7.08 7.95 -9.25
N ASP A 84 8.16 8.69 -9.27
CA ASP A 84 9.20 8.46 -10.27
C ASP A 84 9.87 7.12 -10.04
N PHE A 85 10.41 6.56 -11.12
CA PHE A 85 11.17 5.32 -11.02
C PHE A 85 12.65 5.65 -10.87
N HIS A 86 13.36 4.77 -10.17
CA HIS A 86 14.78 4.97 -9.92
C HIS A 86 15.67 4.09 -10.79
N THR A 87 15.13 3.03 -11.38
CA THR A 87 15.90 2.09 -12.18
C THR A 87 15.07 1.68 -13.38
N VAL A 88 15.60 1.89 -14.58
CA VAL A 88 14.82 1.64 -15.79
C VAL A 88 14.60 0.14 -15.98
N LYS A 89 15.61 -0.68 -15.72
CA LYS A 89 15.62 -2.06 -16.17
C LYS A 89 16.32 -2.95 -15.14
N SER A 90 15.78 -4.15 -14.94
CA SER A 90 16.32 -5.09 -13.98
C SER A 90 16.03 -6.51 -14.43
N GLY A 91 16.84 -7.44 -13.93
CA GLY A 91 16.62 -8.87 -14.16
C GLY A 91 17.15 -9.35 -15.49
N THR A 92 17.01 -10.67 -15.69
CA THR A 92 17.46 -11.32 -16.92
C THR A 92 16.44 -12.39 -17.32
N LEU A 93 16.46 -12.73 -18.61
CA LEU A 93 15.59 -13.80 -19.09
C LEU A 93 15.87 -15.12 -18.39
N LYS A 94 17.15 -15.47 -18.25
CA LYS A 94 17.53 -16.77 -17.71
C LYS A 94 16.92 -16.99 -16.32
N ASN A 95 16.83 -15.94 -15.52
CA ASN A 95 16.30 -16.04 -14.16
C ASN A 95 14.84 -15.62 -14.06
N GLY A 96 14.21 -15.25 -15.16
CA GLY A 96 12.78 -14.95 -15.13
C GLY A 96 12.40 -13.94 -14.08
N ASP A 97 13.18 -12.86 -13.95
CA ASP A 97 12.95 -11.82 -12.96
C ASP A 97 12.99 -10.45 -13.61
N ALA A 98 12.48 -10.34 -14.84
CA ALA A 98 12.48 -9.08 -15.54
C ALA A 98 11.60 -8.05 -14.84
N ALA A 99 12.09 -6.81 -14.78
CA ALA A 99 11.34 -5.71 -14.20
C ALA A 99 11.79 -4.42 -14.86
N TRP A 100 10.85 -3.47 -15.00
CA TRP A 100 11.11 -2.20 -15.64
C TRP A 100 10.56 -1.05 -14.82
N PHE A 101 11.30 0.06 -14.78
CA PHE A 101 10.86 1.29 -14.12
C PHE A 101 10.57 1.00 -12.64
N LEU A 102 11.56 0.40 -11.99
CA LEU A 102 11.39 -0.03 -10.60
C LEU A 102 11.27 1.17 -9.68
N GLY A 103 10.44 1.02 -8.65
CA GLY A 103 10.13 2.11 -7.76
C GLY A 103 9.10 3.09 -8.29
N GLY A 104 8.74 2.99 -9.56
CA GLY A 104 7.73 3.87 -10.11
C GLY A 104 6.33 3.45 -9.70
N GLU A 105 5.45 4.44 -9.59
CA GLU A 105 4.04 4.19 -9.35
C GLU A 105 3.22 5.00 -10.34
N LEU A 106 2.11 4.41 -10.77
CA LEU A 106 1.23 5.03 -11.76
C LEU A 106 -0.11 4.29 -11.70
N ASN A 107 -1.06 4.73 -12.51
CA ASN A 107 -2.34 4.05 -12.64
C ASN A 107 -2.77 4.02 -14.11
N ALA A 108 -3.23 2.86 -14.56
CA ALA A 108 -3.55 2.69 -15.97
C ALA A 108 -4.76 3.52 -16.37
N SER A 109 -5.80 3.57 -15.54
CA SER A 109 -6.99 4.32 -15.89
C SER A 109 -6.73 5.82 -15.88
N TYR A 110 -5.82 6.29 -15.03
CA TYR A 110 -5.47 7.71 -15.07
C TYR A 110 -4.79 8.07 -16.38
N ASN A 111 -3.89 7.21 -16.86
CA ASN A 111 -3.17 7.49 -18.09
C ASN A 111 -4.02 7.31 -19.33
N CYS A 112 -5.09 6.49 -19.25
CA CYS A 112 -5.97 6.26 -20.39
C CYS A 112 -7.20 7.15 -20.41
N VAL A 113 -7.55 7.77 -19.28
CA VAL A 113 -8.80 8.52 -19.19
C VAL A 113 -8.56 9.89 -18.54
N ASP A 114 -8.31 9.89 -17.23
CA ASP A 114 -8.26 11.14 -16.47
C ASP A 114 -7.50 12.24 -17.18
N ARG A 115 -6.23 11.99 -17.52
CA ARG A 115 -5.37 13.07 -18.00
C ARG A 115 -5.87 13.64 -19.32
N HIS A 116 -6.55 12.82 -20.13
CA HIS A 116 -7.13 13.33 -21.38
C HIS A 116 -8.43 14.08 -21.12
N ALA A 117 -9.23 13.60 -20.16
CA ALA A 117 -10.47 14.29 -19.82
C ALA A 117 -10.21 15.69 -19.27
N PHE A 118 -9.16 15.84 -18.46
CA PHE A 118 -8.85 17.16 -17.93
C PHE A 118 -8.45 18.11 -19.04
N ALA A 119 -7.73 17.60 -20.05
CA ALA A 119 -7.22 18.46 -21.12
C ALA A 119 -8.30 18.77 -22.16
N ASN A 120 -9.13 17.79 -22.50
CA ASN A 120 -10.21 17.99 -23.46
C ASN A 120 -11.34 17.03 -23.15
N PRO A 121 -12.25 17.40 -22.25
CA PRO A 121 -13.30 16.45 -21.84
C PRO A 121 -14.23 16.04 -22.97
N ASP A 122 -14.41 16.90 -23.97
CA ASP A 122 -15.36 16.64 -25.04
C ASP A 122 -14.75 15.87 -26.21
N LYS A 123 -13.46 15.56 -26.16
CA LYS A 123 -12.86 14.81 -27.26
C LYS A 123 -13.40 13.38 -27.29
N PRO A 124 -13.76 12.87 -28.47
CA PRO A 124 -14.23 11.48 -28.53
C PRO A 124 -13.19 10.51 -27.99
N ALA A 125 -13.66 9.53 -27.24
CA ALA A 125 -12.79 8.50 -26.67
C ALA A 125 -13.15 7.13 -27.22
N LEU A 126 -14.35 6.62 -26.94
CA LEU A 126 -14.82 5.36 -27.46
C LEU A 126 -15.87 5.64 -28.54
N ILE A 127 -15.50 5.39 -29.79
CA ILE A 127 -16.45 5.46 -30.90
C ILE A 127 -17.03 4.06 -31.03
N CYS A 128 -18.24 3.87 -30.52
CA CYS A 128 -18.83 2.55 -30.35
C CYS A 128 -19.81 2.27 -31.48
N GLU A 129 -19.46 1.30 -32.32
CA GLU A 129 -20.35 0.82 -33.39
C GLU A 129 -20.96 -0.50 -32.93
N ALA A 130 -22.26 -0.48 -32.68
CA ALA A 130 -22.97 -1.64 -32.16
C ALA A 130 -23.26 -2.63 -33.28
N ASP A 131 -23.73 -3.82 -32.89
CA ASP A 131 -24.10 -4.83 -33.87
C ASP A 131 -25.02 -4.23 -34.94
N ASP A 132 -26.09 -3.58 -34.50
CA ASP A 132 -26.90 -2.73 -35.37
C ASP A 132 -26.50 -1.27 -35.18
N GLU A 133 -26.22 -0.59 -36.29
CA GLU A 133 -25.74 0.78 -36.22
C GLU A 133 -26.72 1.69 -35.48
N LYS A 134 -28.00 1.34 -35.47
CA LYS A 134 -28.98 2.17 -34.75
C LYS A 134 -28.63 2.31 -33.28
N ASP A 135 -27.88 1.36 -32.72
CA ASP A 135 -27.52 1.38 -31.32
C ASP A 135 -26.15 1.98 -31.06
N SER A 136 -25.51 2.55 -32.08
CA SER A 136 -24.19 3.12 -31.91
C SER A 136 -24.25 4.42 -31.11
N HIS A 137 -23.11 4.77 -30.51
CA HIS A 137 -23.00 5.95 -29.68
C HIS A 137 -21.51 6.25 -29.51
N ILE A 138 -21.22 7.46 -29.02
CA ILE A 138 -19.85 7.92 -28.82
C ILE A 138 -19.71 8.41 -27.40
N LEU A 139 -18.69 7.92 -26.69
CA LEU A 139 -18.35 8.39 -25.36
C LEU A 139 -17.11 9.28 -25.45
N THR A 140 -17.22 10.50 -24.94
CA THR A 140 -16.06 11.36 -24.83
C THR A 140 -15.18 10.90 -23.68
N TYR A 141 -13.99 11.51 -23.59
CA TYR A 141 -13.11 11.19 -22.46
C TYR A 141 -13.73 11.62 -21.13
N GLY A 142 -14.49 12.73 -21.12
CA GLY A 142 -15.22 13.11 -19.93
C GLY A 142 -16.31 12.11 -19.57
N ASP A 143 -17.08 11.66 -20.57
CA ASP A 143 -18.06 10.61 -20.33
C ASP A 143 -17.39 9.37 -19.76
N LEU A 144 -16.27 8.96 -20.36
CA LEU A 144 -15.60 7.74 -19.93
C LEU A 144 -15.11 7.86 -18.48
N LEU A 145 -14.59 9.03 -18.10
CA LEU A 145 -14.15 9.21 -16.73
C LEU A 145 -15.28 9.00 -15.74
N ARG A 146 -16.46 9.56 -16.03
CA ARG A 146 -17.59 9.42 -15.12
C ARG A 146 -18.06 7.98 -15.01
N GLU A 147 -18.18 7.28 -16.13
CA GLU A 147 -18.68 5.91 -16.07
C GLU A 147 -17.66 4.96 -15.45
N VAL A 148 -16.37 5.15 -15.77
CA VAL A 148 -15.33 4.34 -15.15
C VAL A 148 -15.28 4.62 -13.65
N SER A 149 -15.43 5.88 -13.25
CA SER A 149 -15.44 6.22 -11.84
C SER A 149 -16.61 5.56 -11.12
N LYS A 150 -17.78 5.49 -11.78
CA LYS A 150 -18.95 4.92 -11.14
C LYS A 150 -18.81 3.42 -10.95
N VAL A 151 -18.36 2.71 -11.99
CA VAL A 151 -18.15 1.27 -11.86
C VAL A 151 -17.08 0.99 -10.82
N ALA A 152 -15.97 1.73 -10.87
CA ALA A 152 -14.94 1.59 -9.85
C ALA A 152 -15.51 1.86 -8.46
N GLY A 153 -16.49 2.74 -8.36
CA GLY A 153 -17.11 2.99 -7.06
C GLY A 153 -17.95 1.81 -6.59
N VAL A 154 -18.61 1.12 -7.52
CA VAL A 154 -19.36 -0.08 -7.16
C VAL A 154 -18.40 -1.18 -6.69
N LEU A 155 -17.35 -1.42 -7.47
CA LEU A 155 -16.38 -2.46 -7.10
C LEU A 155 -15.73 -2.14 -5.76
N GLN A 156 -15.41 -0.87 -5.53
CA GLN A 156 -14.84 -0.45 -4.26
C GLN A 156 -15.79 -0.77 -3.11
N SER A 157 -17.08 -0.42 -3.28
CA SER A 157 -18.08 -0.71 -2.26
C SER A 157 -18.24 -2.20 -2.01
N TRP A 158 -17.92 -3.03 -3.00
CA TRP A 158 -18.02 -4.48 -2.85
C TRP A 158 -16.79 -5.10 -2.19
N GLY A 159 -15.75 -4.31 -1.92
CA GLY A 159 -14.55 -4.82 -1.29
C GLY A 159 -13.42 -5.12 -2.24
N ILE A 160 -13.57 -4.84 -3.53
CA ILE A 160 -12.49 -5.04 -4.48
C ILE A 160 -11.38 -4.03 -4.18
N LYS A 161 -10.14 -4.50 -4.21
CA LYS A 161 -9.01 -3.68 -3.82
C LYS A 161 -7.76 -4.18 -4.52
N LYS A 162 -6.68 -3.41 -4.36
CA LYS A 162 -5.39 -3.81 -4.92
C LYS A 162 -5.06 -5.25 -4.53
N GLY A 163 -4.66 -6.05 -5.51
CA GLY A 163 -4.34 -7.44 -5.31
C GLY A 163 -5.44 -8.41 -5.67
N ASP A 164 -6.67 -7.94 -5.85
CA ASP A 164 -7.77 -8.81 -6.26
C ASP A 164 -7.80 -8.94 -7.78
N THR A 165 -8.49 -9.98 -8.25
CA THR A 165 -8.77 -10.17 -9.67
C THR A 165 -10.28 -10.12 -9.91
N VAL A 166 -10.66 -9.57 -11.06
CA VAL A 166 -12.06 -9.42 -11.44
C VAL A 166 -12.22 -9.91 -12.87
N ALA A 167 -13.17 -10.82 -13.08
CA ALA A 167 -13.42 -11.39 -14.40
C ALA A 167 -14.39 -10.51 -15.18
N VAL A 168 -14.18 -10.46 -16.48
CA VAL A 168 -15.07 -9.76 -17.41
C VAL A 168 -15.49 -10.75 -18.49
N TYR A 169 -16.80 -10.87 -18.69
CA TYR A 169 -17.38 -11.72 -19.74
C TYR A 169 -18.37 -10.85 -20.50
N LEU A 170 -17.87 -10.13 -21.50
CA LEU A 170 -18.64 -9.11 -22.19
C LEU A 170 -18.27 -9.12 -23.67
N PRO A 171 -19.23 -8.83 -24.56
CA PRO A 171 -18.88 -8.66 -25.97
C PRO A 171 -18.02 -7.42 -26.18
N MET A 172 -17.63 -7.17 -27.42
CA MET A 172 -16.73 -6.06 -27.76
C MET A 172 -17.55 -4.77 -27.87
N ASN A 173 -17.77 -4.12 -26.72
CA ASN A 173 -18.54 -2.88 -26.70
C ASN A 173 -18.03 -2.00 -25.57
N ALA A 174 -18.75 -0.90 -25.33
CA ALA A 174 -18.27 0.11 -24.38
C ALA A 174 -18.15 -0.46 -22.97
N GLN A 175 -19.07 -1.33 -22.58
CA GLN A 175 -19.05 -1.85 -21.21
C GLN A 175 -17.81 -2.70 -20.95
N ALA A 176 -17.33 -3.44 -21.96
CA ALA A 176 -16.11 -4.20 -21.78
C ALA A 176 -14.92 -3.28 -21.51
N ILE A 177 -14.84 -2.16 -22.24
CA ILE A 177 -13.74 -1.21 -22.04
C ILE A 177 -13.86 -0.57 -20.66
N ILE A 178 -15.07 -0.16 -20.28
CA ILE A 178 -15.27 0.50 -18.99
C ILE A 178 -14.95 -0.45 -17.85
N ALA A 179 -15.36 -1.71 -17.97
CA ALA A 179 -15.08 -2.67 -16.91
C ALA A 179 -13.58 -2.82 -16.69
N MET A 180 -12.83 -3.01 -17.77
CA MET A 180 -11.39 -3.18 -17.66
C MET A 180 -10.74 -1.97 -16.99
N LEU A 181 -11.14 -0.76 -17.40
CA LEU A 181 -10.54 0.44 -16.84
C LEU A 181 -10.97 0.68 -15.40
N ALA A 182 -12.21 0.32 -15.06
CA ALA A 182 -12.66 0.48 -13.68
C ALA A 182 -11.89 -0.44 -12.74
N ILE A 183 -11.63 -1.68 -13.17
CA ILE A 183 -10.87 -2.62 -12.36
C ILE A 183 -9.45 -2.11 -12.15
N ALA A 184 -8.79 -1.71 -13.25
CA ALA A 184 -7.44 -1.17 -13.16
C ALA A 184 -7.40 0.12 -12.34
N ARG A 185 -8.52 0.83 -12.21
CA ARG A 185 -8.51 2.07 -11.46
C ARG A 185 -8.31 1.81 -9.96
N LEU A 186 -8.77 0.66 -9.48
CA LEU A 186 -8.64 0.30 -8.08
C LEU A 186 -7.34 -0.43 -7.76
N GLY A 187 -6.49 -0.66 -8.77
CA GLY A 187 -5.30 -1.45 -8.59
C GLY A 187 -5.54 -2.95 -8.66
N ALA A 188 -6.76 -3.38 -8.95
CA ALA A 188 -7.03 -4.79 -9.21
C ALA A 188 -6.67 -5.13 -10.65
N ALA A 189 -6.56 -6.42 -10.91
CA ALA A 189 -6.21 -6.93 -12.24
C ALA A 189 -7.44 -7.55 -12.88
N HIS A 190 -7.74 -7.15 -14.11
CA HIS A 190 -8.88 -7.72 -14.80
C HIS A 190 -8.46 -8.96 -15.58
N SER A 191 -9.39 -9.91 -15.70
CA SER A 191 -9.21 -11.12 -16.49
C SER A 191 -10.39 -11.20 -17.46
N VAL A 192 -10.15 -10.78 -18.70
CA VAL A 192 -11.19 -10.70 -19.70
C VAL A 192 -11.35 -12.06 -20.36
N ILE A 193 -12.57 -12.58 -20.36
CA ILE A 193 -12.90 -13.88 -20.92
C ILE A 193 -13.71 -13.65 -22.19
N PHE A 194 -13.11 -14.01 -23.33
CA PHE A 194 -13.74 -13.83 -24.64
C PHE A 194 -15.17 -14.36 -24.65
N ALA A 195 -16.09 -13.56 -25.20
CA ALA A 195 -17.50 -13.90 -25.17
C ALA A 195 -17.83 -15.18 -25.93
N GLY A 196 -16.90 -15.72 -26.71
CA GLY A 196 -17.15 -16.99 -27.37
C GLY A 196 -16.87 -18.21 -26.54
N PHE A 197 -16.32 -18.04 -25.34
CA PHE A 197 -16.00 -19.19 -24.49
C PHE A 197 -17.26 -19.76 -23.86
N SER A 198 -17.25 -21.09 -23.68
CA SER A 198 -18.35 -21.80 -23.06
C SER A 198 -18.31 -21.63 -21.54
N ALA A 199 -19.34 -22.15 -20.87
CA ALA A 199 -19.37 -22.09 -19.40
C ALA A 199 -18.17 -22.79 -18.79
N GLY A 200 -17.76 -23.93 -19.36
CA GLY A 200 -16.61 -24.64 -18.82
C GLY A 200 -15.34 -23.81 -18.88
N SER A 201 -15.13 -23.12 -20.00
CA SER A 201 -13.95 -22.28 -20.12
C SER A 201 -14.02 -21.08 -19.19
N ILE A 202 -15.21 -20.55 -18.94
CA ILE A 202 -15.37 -19.48 -17.97
C ILE A 202 -15.00 -19.98 -16.57
N LYS A 203 -15.50 -21.17 -16.22
CA LYS A 203 -15.21 -21.75 -14.91
C LYS A 203 -13.70 -21.89 -14.70
N ASP A 204 -13.01 -22.50 -15.65
CA ASP A 204 -11.58 -22.76 -15.48
C ASP A 204 -10.80 -21.47 -15.24
N ARG A 205 -11.19 -20.39 -15.92
CA ARG A 205 -10.44 -19.15 -15.81
C ARG A 205 -10.76 -18.40 -14.52
N VAL A 206 -12.02 -18.42 -14.11
CA VAL A 206 -12.40 -17.74 -12.87
C VAL A 206 -11.77 -18.45 -11.66
N ASN A 207 -11.72 -19.78 -11.69
CA ASN A 207 -11.21 -20.50 -10.54
C ASN A 207 -9.70 -20.39 -10.41
N ASP A 208 -8.98 -20.40 -11.53
CA ASP A 208 -7.52 -20.30 -11.47
C ASP A 208 -7.09 -18.96 -10.92
N ALA A 209 -7.85 -17.90 -11.16
CA ALA A 209 -7.54 -16.56 -10.68
C ALA A 209 -8.24 -16.21 -9.37
N SER A 210 -9.14 -17.05 -8.89
CA SER A 210 -9.90 -16.79 -7.67
C SER A 210 -10.53 -15.40 -7.70
N CYS A 211 -11.21 -15.10 -8.81
CA CYS A 211 -11.85 -13.81 -8.98
C CYS A 211 -12.92 -13.61 -7.91
N LYS A 212 -12.92 -12.42 -7.30
CA LYS A 212 -13.92 -12.08 -6.29
C LYS A 212 -15.20 -11.52 -6.88
N ALA A 213 -15.16 -11.06 -8.13
CA ALA A 213 -16.34 -10.48 -8.77
C ALA A 213 -16.27 -10.74 -10.27
N LEU A 214 -17.42 -10.63 -10.92
CA LEU A 214 -17.55 -10.80 -12.35
C LEU A 214 -18.41 -9.68 -12.93
N ILE A 215 -18.02 -9.18 -14.10
CA ILE A 215 -18.77 -8.16 -14.81
C ILE A 215 -19.21 -8.77 -16.15
N THR A 216 -20.51 -8.79 -16.39
CA THR A 216 -21.07 -9.40 -17.59
C THR A 216 -22.32 -8.64 -17.98
N CYS A 217 -23.08 -9.18 -18.93
CA CYS A 217 -24.32 -8.57 -19.38
C CYS A 217 -25.38 -9.65 -19.54
N ASP A 218 -26.63 -9.24 -19.70
CA ASP A 218 -27.73 -10.20 -19.76
C ASP A 218 -27.68 -11.01 -21.05
N GLU A 219 -27.59 -10.34 -22.19
CA GLU A 219 -27.48 -11.02 -23.47
C GLU A 219 -26.62 -10.18 -24.41
N GLY A 220 -26.18 -10.80 -25.51
CA GLY A 220 -25.38 -10.14 -26.51
C GLY A 220 -26.13 -10.04 -27.84
N LYS A 221 -25.59 -9.23 -28.73
CA LYS A 221 -26.09 -9.08 -30.09
C LYS A 221 -24.94 -9.38 -31.05
N ARG A 222 -25.13 -10.37 -31.91
CA ARG A 222 -24.12 -10.84 -32.85
C ARG A 222 -24.77 -11.12 -34.19
N GLY A 223 -24.35 -10.39 -35.22
CA GLY A 223 -24.94 -10.56 -36.54
C GLY A 223 -26.45 -10.43 -36.51
N GLY A 224 -26.97 -9.59 -35.63
CA GLY A 224 -28.39 -9.43 -35.46
C GLY A 224 -29.09 -10.47 -34.62
N ARG A 225 -28.39 -11.55 -34.25
CA ARG A 225 -28.96 -12.62 -33.44
C ARG A 225 -28.65 -12.40 -31.96
N THR A 226 -29.58 -12.80 -31.11
CA THR A 226 -29.42 -12.68 -29.66
C THR A 226 -28.60 -13.84 -29.12
N THR A 227 -27.50 -13.51 -28.43
CA THR A 227 -26.60 -14.49 -27.86
C THR A 227 -26.76 -14.54 -26.34
N ASN A 228 -26.60 -15.74 -25.79
CA ASN A 228 -26.65 -15.93 -24.35
C ASN A 228 -25.31 -15.57 -23.71
N ILE A 229 -25.35 -14.75 -22.68
CA ILE A 229 -24.16 -14.33 -21.95
C ILE A 229 -24.33 -14.69 -20.47
N LYS A 230 -25.30 -14.05 -19.81
CA LYS A 230 -25.56 -14.32 -18.41
C LYS A 230 -25.82 -15.81 -18.17
N LYS A 231 -26.56 -16.44 -19.08
CA LYS A 231 -26.89 -17.85 -18.93
C LYS A 231 -25.63 -18.70 -18.75
N LEU A 232 -24.60 -18.45 -19.57
CA LEU A 232 -23.38 -19.23 -19.45
C LEU A 232 -22.65 -18.91 -18.15
N CYS A 233 -22.71 -17.66 -17.69
CA CYS A 233 -22.10 -17.30 -16.42
C CYS A 233 -22.77 -18.03 -15.27
N ASP A 234 -24.10 -18.00 -15.21
CA ASP A 234 -24.80 -18.73 -14.17
C ASP A 234 -24.39 -20.18 -14.15
N GLU A 235 -24.27 -20.80 -15.32
CA GLU A 235 -23.86 -22.20 -15.41
C GLU A 235 -22.45 -22.40 -14.84
N ALA A 236 -21.55 -21.46 -15.12
CA ALA A 236 -20.19 -21.58 -14.62
C ALA A 236 -20.09 -21.21 -13.14
N LEU A 237 -20.85 -20.20 -12.71
CA LEU A 237 -20.71 -19.68 -11.36
C LEU A 237 -21.11 -20.69 -10.29
N VAL A 238 -21.88 -21.72 -10.63
CA VAL A 238 -22.24 -22.74 -9.66
C VAL A 238 -21.01 -23.43 -9.09
N ASP A 239 -19.88 -23.40 -9.80
CA ASP A 239 -18.65 -24.03 -9.37
C ASP A 239 -17.52 -23.02 -9.21
N CYS A 240 -17.86 -21.76 -8.93
CA CYS A 240 -16.90 -20.68 -8.73
C CYS A 240 -17.18 -20.06 -7.37
N PRO A 241 -16.71 -20.69 -6.28
CA PRO A 241 -17.07 -20.19 -4.94
C PRO A 241 -16.42 -18.87 -4.57
N THR A 242 -15.36 -18.45 -5.28
CA THR A 242 -14.71 -17.19 -4.95
C THR A 242 -15.49 -15.97 -5.44
N VAL A 243 -16.36 -16.12 -6.44
CA VAL A 243 -17.10 -14.98 -6.96
C VAL A 243 -18.18 -14.60 -5.97
N GLU A 244 -18.06 -13.39 -5.41
CA GLU A 244 -18.98 -12.92 -4.38
C GLU A 244 -20.13 -12.12 -4.94
N LYS A 245 -19.90 -11.32 -5.99
CA LYS A 245 -20.94 -10.49 -6.56
C LYS A 245 -20.72 -10.35 -8.06
N VAL A 246 -21.82 -10.14 -8.79
CA VAL A 246 -21.80 -10.02 -10.25
C VAL A 246 -22.50 -8.73 -10.64
N LEU A 247 -21.89 -7.99 -11.57
CA LEU A 247 -22.49 -6.78 -12.13
C LEU A 247 -22.98 -7.10 -13.53
N VAL A 248 -24.26 -6.84 -13.78
CA VAL A 248 -24.94 -7.24 -15.02
C VAL A 248 -25.42 -5.99 -15.73
N TYR A 249 -24.91 -5.77 -16.95
CA TYR A 249 -25.38 -4.68 -17.79
C TYR A 249 -26.58 -5.13 -18.62
N LYS A 250 -27.56 -4.24 -18.77
CA LYS A 250 -28.78 -4.54 -19.51
C LYS A 250 -28.55 -4.23 -20.99
N ARG A 251 -27.86 -5.17 -21.66
CA ARG A 251 -27.60 -4.99 -23.08
C ARG A 251 -28.88 -5.14 -23.90
N THR A 252 -29.70 -6.14 -23.58
CA THR A 252 -31.00 -6.32 -24.20
C THR A 252 -32.16 -5.96 -23.29
N ASN A 253 -31.93 -5.86 -21.98
CA ASN A 253 -32.99 -5.55 -21.02
C ASN A 253 -34.09 -6.60 -21.06
N ASN A 254 -33.74 -7.82 -21.45
CA ASN A 254 -34.70 -8.91 -21.49
C ASN A 254 -35.22 -9.20 -20.07
N PRO A 255 -36.51 -9.00 -19.79
CA PRO A 255 -36.99 -9.21 -18.42
C PRO A 255 -36.92 -10.66 -17.95
N GLU A 256 -36.73 -11.61 -18.86
CA GLU A 256 -36.70 -13.03 -18.50
C GLU A 256 -35.34 -13.50 -18.00
N ILE A 257 -34.34 -12.62 -18.00
CA ILE A 257 -32.99 -13.00 -17.58
C ILE A 257 -32.93 -12.95 -16.05
N HIS A 258 -32.74 -14.12 -15.44
CA HIS A 258 -32.79 -14.24 -13.99
C HIS A 258 -31.50 -13.75 -13.35
N LEU A 259 -31.66 -13.07 -12.21
CA LEU A 259 -30.53 -12.64 -11.38
C LEU A 259 -30.64 -13.33 -10.03
N THR A 260 -29.52 -13.87 -9.56
CA THR A 260 -29.51 -14.58 -8.28
C THR A 260 -29.48 -13.58 -7.14
N GLU A 261 -30.51 -13.63 -6.28
CA GLU A 261 -30.58 -12.70 -5.16
C GLU A 261 -29.34 -12.82 -4.30
N GLY A 262 -28.75 -11.68 -3.95
CA GLY A 262 -27.59 -11.64 -3.09
C GLY A 262 -26.26 -11.69 -3.81
N ARG A 263 -26.25 -12.09 -5.07
CA ARG A 263 -25.02 -12.18 -5.86
C ARG A 263 -25.01 -11.27 -7.06
N ASP A 264 -26.11 -11.19 -7.81
CA ASP A 264 -26.16 -10.45 -9.06
C ASP A 264 -26.85 -9.11 -8.86
N TYR A 265 -26.26 -8.07 -9.45
CA TYR A 265 -26.79 -6.72 -9.35
C TYR A 265 -26.66 -6.05 -10.72
N TYR A 266 -27.57 -5.12 -10.99
CA TYR A 266 -27.62 -4.47 -12.29
C TYR A 266 -26.63 -3.32 -12.37
N TRP A 267 -25.93 -3.25 -13.50
CA TRP A 267 -24.99 -2.17 -13.77
C TRP A 267 -25.62 -0.81 -13.52
N ASP A 268 -26.77 -0.55 -14.16
CA ASP A 268 -27.37 0.77 -14.09
C ASP A 268 -27.84 1.11 -12.68
N VAL A 269 -28.32 0.11 -11.93
CA VAL A 269 -28.85 0.38 -10.61
C VAL A 269 -27.73 0.74 -9.64
N GLU A 270 -26.60 0.01 -9.71
CA GLU A 270 -25.52 0.23 -8.74
C GLU A 270 -24.70 1.47 -9.09
N THR A 271 -24.41 1.68 -10.38
CA THR A 271 -23.62 2.86 -10.76
C THR A 271 -24.35 4.15 -10.38
N ALA A 272 -25.68 4.13 -10.37
CA ALA A 272 -26.46 5.31 -10.01
C ALA A 272 -26.28 5.70 -8.54
N LYS A 273 -25.69 4.84 -7.72
CA LYS A 273 -25.49 5.12 -6.31
C LYS A 273 -24.18 5.85 -6.02
N PHE A 274 -23.29 5.98 -6.99
CA PHE A 274 -21.94 6.46 -6.72
C PHE A 274 -21.58 7.62 -7.64
N PRO A 275 -20.68 8.49 -7.20
CA PRO A 275 -20.40 9.72 -7.95
C PRO A 275 -19.54 9.48 -9.17
N GLY A 276 -19.57 10.47 -10.07
CA GLY A 276 -18.86 10.43 -11.32
C GLY A 276 -17.37 10.68 -11.26
N TYR A 277 -16.79 10.74 -10.07
CA TYR A 277 -15.35 10.73 -9.91
C TYR A 277 -14.95 9.88 -8.72
N LEU A 278 -13.90 9.07 -8.91
CA LEU A 278 -13.35 8.25 -7.85
C LEU A 278 -11.83 8.32 -8.05
N PRO A 279 -11.06 8.60 -6.99
CA PRO A 279 -9.60 8.70 -7.15
C PRO A 279 -9.03 7.39 -7.67
N PRO A 280 -8.09 7.45 -8.62
CA PRO A 280 -7.38 6.23 -8.99
C PRO A 280 -6.41 5.81 -7.90
N VAL A 281 -6.12 4.52 -7.86
CA VAL A 281 -5.24 3.94 -6.86
C VAL A 281 -3.87 3.77 -7.48
N SER A 282 -2.86 4.41 -6.90
CA SER A 282 -1.49 4.23 -7.37
C SER A 282 -1.05 2.80 -7.16
N VAL A 283 -0.42 2.21 -8.18
CA VAL A 283 0.13 0.88 -8.09
C VAL A 283 1.58 0.93 -8.56
N ASN A 284 2.35 -0.07 -8.15
CA ASN A 284 3.74 -0.16 -8.54
C ASN A 284 3.85 -0.53 -10.02
N SER A 285 4.95 -0.10 -10.64
CA SER A 285 5.18 -0.42 -12.05
C SER A 285 5.00 -1.91 -12.32
N GLU A 286 5.44 -2.76 -11.39
CA GLU A 286 5.43 -4.20 -11.61
C GLU A 286 4.24 -4.90 -10.97
N ASP A 287 3.33 -4.18 -10.35
CA ASP A 287 2.08 -4.81 -9.91
C ASP A 287 1.30 -5.26 -11.15
N PRO A 288 0.62 -6.40 -11.09
CA PRO A 288 -0.05 -6.92 -12.29
C PRO A 288 -1.19 -6.01 -12.75
N LEU A 289 -1.24 -5.75 -14.05
CA LEU A 289 -2.34 -5.01 -14.65
C LEU A 289 -3.48 -5.92 -15.07
N PHE A 290 -3.18 -7.10 -15.62
CA PHE A 290 -4.25 -8.01 -16.00
C PHE A 290 -3.71 -9.40 -16.23
N LEU A 291 -4.63 -10.37 -16.17
CA LEU A 291 -4.41 -11.73 -16.60
C LEU A 291 -5.18 -11.97 -17.89
N LEU A 292 -4.54 -12.62 -18.85
CA LEU A 292 -5.19 -13.00 -20.11
C LEU A 292 -4.87 -14.47 -20.34
N TYR A 293 -5.87 -15.32 -20.21
CA TYR A 293 -5.61 -16.75 -20.32
C TYR A 293 -5.39 -17.14 -21.77
N THR A 294 -4.40 -17.98 -21.98
CA THR A 294 -3.91 -18.33 -23.30
C THR A 294 -3.79 -19.85 -23.40
N SER A 295 -3.79 -20.33 -24.64
CA SER A 295 -3.68 -21.75 -24.93
C SER A 295 -2.30 -22.04 -25.48
N GLY A 296 -1.62 -23.02 -24.89
CA GLY A 296 -0.32 -23.44 -25.35
C GLY A 296 -0.31 -24.93 -25.63
N SER A 297 0.88 -25.53 -25.69
CA SER A 297 0.96 -26.97 -25.91
C SER A 297 0.56 -27.79 -24.69
N THR A 298 0.11 -27.15 -23.62
CA THR A 298 -0.39 -27.84 -22.45
C THR A 298 -1.89 -28.11 -22.61
N GLY A 299 -2.49 -28.73 -21.60
CA GLY A 299 -3.90 -29.07 -21.64
C GLY A 299 -4.80 -28.06 -20.96
N THR A 300 -4.24 -27.21 -20.09
CA THR A 300 -5.02 -26.23 -19.35
C THR A 300 -4.59 -24.81 -19.70
N PRO A 301 -5.53 -23.88 -19.82
CA PRO A 301 -5.16 -22.49 -20.14
C PRO A 301 -4.26 -21.89 -19.07
N LYS A 302 -3.24 -21.16 -19.51
CA LYS A 302 -2.31 -20.48 -18.64
C LYS A 302 -2.64 -18.99 -18.59
N GLY A 303 -2.70 -18.45 -17.38
CA GLY A 303 -3.00 -17.04 -17.21
C GLY A 303 -1.77 -16.17 -17.40
N VAL A 304 -1.61 -15.62 -18.61
CA VAL A 304 -0.48 -14.74 -18.88
C VAL A 304 -0.67 -13.43 -18.14
N VAL A 305 0.32 -13.06 -17.33
CA VAL A 305 0.26 -11.89 -16.46
C VAL A 305 1.13 -10.80 -17.05
N HIS A 306 0.56 -9.59 -17.19
CA HIS A 306 1.31 -8.43 -17.65
C HIS A 306 1.44 -7.41 -16.53
N SER A 307 2.61 -6.80 -16.44
CA SER A 307 2.87 -5.71 -15.51
C SER A 307 2.05 -4.48 -15.92
N THR A 308 2.24 -3.39 -15.19
CA THR A 308 1.53 -2.14 -15.49
C THR A 308 2.38 -1.18 -16.32
N ALA A 309 3.47 -0.68 -15.76
CA ALA A 309 4.23 0.37 -16.44
C ALA A 309 4.82 -0.13 -17.75
N GLY A 310 5.53 -1.26 -17.69
CA GLY A 310 6.16 -1.77 -18.90
C GLY A 310 5.16 -2.09 -19.99
N TYR A 311 4.04 -2.71 -19.63
CA TYR A 311 3.04 -3.03 -20.64
C TYR A 311 2.45 -1.76 -21.25
N LEU A 312 2.11 -0.77 -20.41
CA LEU A 312 1.53 0.46 -20.94
C LEU A 312 2.52 1.18 -21.86
N LEU A 313 3.79 1.23 -21.47
CA LEU A 313 4.78 1.91 -22.31
C LEU A 313 4.91 1.22 -23.66
N GLY A 314 4.97 -0.11 -23.66
CA GLY A 314 5.03 -0.82 -24.93
C GLY A 314 3.82 -0.54 -25.79
N ALA A 315 2.63 -0.53 -25.17
CA ALA A 315 1.41 -0.22 -25.93
C ALA A 315 1.50 1.16 -26.54
N ALA A 316 1.89 2.15 -25.74
CA ALA A 316 1.98 3.52 -26.26
C ALA A 316 3.09 3.65 -27.30
N LEU A 317 4.25 3.06 -27.03
CA LEU A 317 5.38 3.17 -27.97
C LEU A 317 5.01 2.61 -29.34
N SER A 318 4.54 1.37 -29.38
CA SER A 318 4.24 0.73 -30.65
C SER A 318 3.10 1.42 -31.38
N THR A 319 2.03 1.76 -30.66
CA THR A 319 0.91 2.45 -31.29
C THR A 319 1.37 3.75 -31.94
N LYS A 320 2.23 4.49 -31.25
CA LYS A 320 2.67 5.79 -31.77
C LYS A 320 3.63 5.62 -32.94
N TYR A 321 4.65 4.77 -32.79
CA TYR A 321 5.73 4.74 -33.77
C TYR A 321 5.49 3.77 -34.91
N ILE A 322 4.88 2.60 -34.64
CA ILE A 322 4.66 1.66 -35.73
C ILE A 322 3.46 2.05 -36.57
N PHE A 323 2.37 2.51 -35.94
CA PHE A 323 1.19 2.95 -36.67
C PHE A 323 1.24 4.41 -37.07
N ASP A 324 2.14 5.21 -36.48
CA ASP A 324 2.21 6.64 -36.73
C ASP A 324 0.92 7.33 -36.31
N ILE A 325 0.63 7.27 -35.02
CA ILE A 325 -0.58 7.83 -34.45
C ILE A 325 -0.28 9.22 -33.92
N HIS A 326 -1.09 10.20 -34.34
CA HIS A 326 -0.99 11.57 -33.88
C HIS A 326 -2.29 11.94 -33.15
N PRO A 327 -2.31 13.05 -32.42
CA PRO A 327 -3.54 13.41 -31.69
C PRO A 327 -4.77 13.53 -32.57
N GLU A 328 -4.59 13.86 -33.85
CA GLU A 328 -5.72 14.06 -34.75
C GLU A 328 -6.25 12.77 -35.37
N ASP A 329 -5.61 11.64 -35.09
CA ASP A 329 -5.93 10.40 -35.80
C ASP A 329 -7.04 9.63 -35.09
N ILE A 330 -7.57 8.63 -35.79
CA ILE A 330 -8.67 7.80 -35.31
C ILE A 330 -8.37 6.37 -35.69
N LEU A 331 -8.25 5.49 -34.69
CA LEU A 331 -7.81 4.11 -34.91
C LEU A 331 -9.00 3.16 -34.83
N PHE A 332 -9.10 2.27 -35.80
CA PHE A 332 -10.12 1.23 -35.84
C PHE A 332 -9.39 -0.11 -35.81
N THR A 333 -9.28 -0.69 -34.61
CA THR A 333 -8.75 -2.04 -34.46
C THR A 333 -9.92 -3.01 -34.49
N ALA A 334 -10.07 -3.72 -35.60
CA ALA A 334 -11.16 -4.68 -35.79
C ALA A 334 -10.83 -5.97 -35.04
N GLY A 335 -10.71 -5.84 -33.72
CA GLY A 335 -10.45 -6.98 -32.86
C GLY A 335 -11.42 -7.08 -31.71
N ASP A 336 -11.14 -8.00 -30.78
CA ASP A 336 -11.99 -8.25 -29.63
C ASP A 336 -11.12 -8.22 -28.38
N VAL A 337 -11.58 -7.52 -27.34
CA VAL A 337 -10.82 -7.45 -26.10
C VAL A 337 -10.63 -8.81 -25.45
N GLY A 338 -11.40 -9.83 -25.89
CA GLY A 338 -11.13 -11.18 -25.44
C GLY A 338 -9.75 -11.68 -25.81
N TRP A 339 -9.06 -10.98 -26.71
CA TRP A 339 -7.74 -11.35 -27.18
C TRP A 339 -6.79 -10.18 -26.99
N ILE A 340 -5.49 -10.48 -27.07
CA ILE A 340 -4.47 -9.48 -26.76
C ILE A 340 -4.54 -8.30 -27.73
N THR A 341 -4.92 -8.55 -28.98
CA THR A 341 -5.01 -7.46 -29.96
C THR A 341 -5.95 -6.36 -29.48
N GLY A 342 -7.12 -6.75 -28.97
CA GLY A 342 -8.04 -5.76 -28.43
C GLY A 342 -7.50 -5.09 -27.18
N HIS A 343 -6.88 -5.87 -26.29
CA HIS A 343 -6.24 -5.31 -25.10
C HIS A 343 -5.34 -4.14 -25.47
N THR A 344 -4.34 -4.41 -26.32
CA THR A 344 -3.25 -3.46 -26.53
C THR A 344 -3.60 -2.38 -27.53
N TYR A 345 -4.35 -2.70 -28.58
CA TYR A 345 -4.51 -1.78 -29.70
C TYR A 345 -5.94 -1.32 -29.96
N ALA A 346 -6.93 -1.86 -29.25
CA ALA A 346 -8.24 -1.24 -29.20
C ALA A 346 -8.45 -0.42 -27.92
N LEU A 347 -7.73 -0.73 -26.85
CA LEU A 347 -7.92 -0.05 -25.58
C LEU A 347 -6.69 0.73 -25.16
N TYR A 348 -5.67 0.05 -24.64
CA TYR A 348 -4.60 0.75 -23.94
C TYR A 348 -3.78 1.64 -24.86
N GLY A 349 -3.40 1.12 -26.03
CA GLY A 349 -2.59 1.89 -26.96
C GLY A 349 -3.24 3.20 -27.34
N PRO A 350 -4.46 3.15 -27.89
CA PRO A 350 -5.11 4.39 -28.32
C PRO A 350 -5.42 5.34 -27.17
N LEU A 351 -5.97 4.83 -26.07
CA LEU A 351 -6.37 5.72 -24.97
C LEU A 351 -5.16 6.35 -24.29
N LEU A 352 -4.05 5.62 -24.20
CA LEU A 352 -2.84 6.21 -23.65
C LEU A 352 -2.43 7.44 -24.45
N LEU A 353 -2.48 7.34 -25.78
CA LEU A 353 -2.12 8.47 -26.64
C LEU A 353 -3.24 9.50 -26.74
N GLY A 354 -4.41 9.23 -26.17
CA GLY A 354 -5.46 10.22 -26.09
C GLY A 354 -6.27 10.40 -27.36
N VAL A 355 -6.29 9.40 -28.24
CA VAL A 355 -7.01 9.52 -29.50
C VAL A 355 -8.28 8.68 -29.43
N PRO A 356 -9.26 8.90 -30.31
CA PRO A 356 -10.45 8.04 -30.32
C PRO A 356 -10.13 6.67 -30.87
N THR A 357 -10.81 5.66 -30.32
CA THR A 357 -10.67 4.29 -30.76
C THR A 357 -12.06 3.74 -31.06
N ILE A 358 -12.18 3.03 -32.18
CA ILE A 358 -13.47 2.52 -32.63
C ILE A 358 -13.67 1.12 -32.07
N ILE A 359 -14.73 0.95 -31.29
CA ILE A 359 -15.06 -0.31 -30.64
C ILE A 359 -16.24 -0.90 -31.40
N PHE A 360 -15.99 -1.94 -32.19
CA PHE A 360 -16.99 -2.52 -33.07
C PHE A 360 -17.52 -3.81 -32.45
N GLU A 361 -18.82 -3.83 -32.15
CA GLU A 361 -19.46 -4.95 -31.48
C GLU A 361 -19.86 -6.07 -32.43
N GLY A 362 -19.93 -5.79 -33.74
CA GLY A 362 -20.55 -6.69 -34.68
C GLY A 362 -19.56 -7.55 -35.43
N THR A 363 -19.99 -8.02 -36.60
CA THR A 363 -19.20 -8.84 -37.50
C THR A 363 -18.94 -8.10 -38.80
N PRO A 364 -17.91 -8.51 -39.57
CA PRO A 364 -17.67 -7.88 -40.87
C PRO A 364 -18.73 -8.18 -41.91
N ALA A 365 -19.69 -9.06 -41.63
CA ALA A 365 -20.68 -9.48 -42.60
C ALA A 365 -22.07 -8.94 -42.36
N TYR A 366 -22.30 -8.23 -41.26
CA TYR A 366 -23.62 -7.75 -40.90
C TYR A 366 -23.63 -6.23 -40.83
N PRO A 367 -24.61 -5.54 -41.46
CA PRO A 367 -25.73 -6.09 -42.25
C PRO A 367 -25.28 -6.66 -43.59
N ASP A 368 -24.07 -6.33 -44.01
CA ASP A 368 -23.49 -6.82 -45.25
C ASP A 368 -21.97 -6.71 -45.15
N TYR A 369 -21.29 -7.18 -46.18
CA TYR A 369 -19.83 -7.27 -46.15
C TYR A 369 -19.14 -5.92 -46.32
N GLY A 370 -19.87 -4.82 -46.34
CA GLY A 370 -19.29 -3.49 -46.35
C GLY A 370 -19.15 -2.82 -45.01
N ARG A 371 -19.53 -3.49 -43.91
CA ARG A 371 -19.66 -2.82 -42.63
C ARG A 371 -18.34 -2.17 -42.21
N PHE A 372 -17.23 -2.90 -42.31
CA PHE A 372 -15.93 -2.33 -41.97
C PHE A 372 -15.73 -0.98 -42.65
N TRP A 373 -16.07 -0.91 -43.93
CA TRP A 373 -15.80 0.30 -44.72
C TRP A 373 -16.83 1.39 -44.44
N GLN A 374 -18.07 1.03 -44.12
CA GLN A 374 -19.03 2.04 -43.69
C GLN A 374 -18.57 2.70 -42.40
N ILE A 375 -17.94 1.93 -41.50
CA ILE A 375 -17.45 2.48 -40.25
C ILE A 375 -16.27 3.42 -40.50
N VAL A 376 -15.31 2.96 -41.30
CA VAL A 376 -14.16 3.80 -41.63
C VAL A 376 -14.62 5.13 -42.23
N GLU A 377 -15.54 5.06 -43.20
CA GLU A 377 -16.03 6.28 -43.83
C GLU A 377 -16.85 7.12 -42.87
N LYS A 378 -17.71 6.49 -42.07
CA LYS A 378 -18.57 7.23 -41.15
C LYS A 378 -17.75 8.13 -40.25
N HIS A 379 -16.66 7.61 -39.68
CA HIS A 379 -15.87 8.31 -38.69
C HIS A 379 -14.52 8.78 -39.23
N LYS A 380 -14.27 8.61 -40.53
CA LYS A 380 -13.03 9.07 -41.15
C LYS A 380 -11.82 8.51 -40.42
N ALA A 381 -11.86 7.21 -40.16
CA ALA A 381 -10.73 6.55 -39.52
C ALA A 381 -9.46 6.73 -40.34
N THR A 382 -8.35 6.97 -39.64
CA THR A 382 -7.06 7.13 -40.29
C THR A 382 -6.20 5.87 -40.22
N HIS A 383 -6.53 4.94 -39.32
CA HIS A 383 -5.74 3.74 -39.10
C HIS A 383 -6.70 2.56 -38.99
N PHE A 384 -6.39 1.48 -39.69
CA PHE A 384 -7.24 0.29 -39.71
C PHE A 384 -6.36 -0.93 -39.43
N TYR A 385 -6.83 -1.80 -38.54
CA TYR A 385 -6.03 -2.90 -38.00
C TYR A 385 -6.91 -4.13 -37.96
N VAL A 386 -6.51 -5.19 -38.68
CA VAL A 386 -7.37 -6.36 -38.87
C VAL A 386 -6.52 -7.59 -39.12
N ALA A 387 -7.15 -8.79 -38.97
CA ALA A 387 -6.47 -10.06 -39.18
C ALA A 387 -6.66 -10.55 -40.62
N PRO A 388 -5.65 -11.20 -41.19
CA PRO A 388 -5.79 -11.71 -42.57
C PRO A 388 -7.00 -12.61 -42.78
N THR A 389 -7.49 -13.31 -41.74
CA THR A 389 -8.68 -14.13 -41.92
C THR A 389 -9.85 -13.29 -42.43
N ALA A 390 -9.99 -12.07 -41.89
CA ALA A 390 -11.05 -11.19 -42.36
C ALA A 390 -10.78 -10.73 -43.78
N LEU A 391 -9.52 -10.42 -44.10
CA LEU A 391 -9.19 -10.00 -45.46
C LEU A 391 -9.54 -11.09 -46.47
N ARG A 392 -9.22 -12.35 -46.15
CA ARG A 392 -9.57 -13.43 -47.05
C ARG A 392 -11.07 -13.52 -47.26
N LEU A 393 -11.85 -13.30 -46.20
CA LEU A 393 -13.30 -13.38 -46.30
C LEU A 393 -13.85 -12.28 -47.20
N LEU A 394 -13.39 -11.04 -46.99
CA LEU A 394 -13.88 -9.94 -47.81
C LEU A 394 -13.44 -10.07 -49.26
N ARG A 395 -12.23 -10.60 -49.50
CA ARG A 395 -11.82 -10.86 -50.87
C ARG A 395 -12.75 -11.88 -51.53
N LYS A 396 -13.27 -12.83 -50.75
CA LYS A 396 -14.11 -13.88 -51.30
C LYS A 396 -15.55 -13.42 -51.47
N ALA A 397 -16.08 -12.66 -50.51
CA ALA A 397 -17.50 -12.38 -50.45
C ALA A 397 -17.89 -10.91 -50.52
N GLY A 398 -16.94 -9.98 -50.43
CA GLY A 398 -17.33 -8.59 -50.32
C GLY A 398 -16.50 -7.60 -51.09
N GLU A 399 -15.74 -8.08 -52.08
CA GLU A 399 -14.93 -7.17 -52.89
C GLU A 399 -15.80 -6.12 -53.55
N GLN A 400 -17.01 -6.49 -53.95
CA GLN A 400 -17.89 -5.57 -54.65
C GLN A 400 -18.34 -4.41 -53.76
N GLU A 401 -18.34 -4.60 -52.44
CA GLU A 401 -18.83 -3.56 -51.54
C GLU A 401 -17.85 -2.41 -51.36
N ILE A 402 -16.56 -2.63 -51.62
CA ILE A 402 -15.56 -1.62 -51.31
C ILE A 402 -15.80 -0.34 -52.08
N ALA A 403 -16.16 -0.46 -53.37
CA ALA A 403 -16.32 0.71 -54.21
C ALA A 403 -17.46 1.63 -53.76
N LYS A 404 -18.28 1.20 -52.80
CA LYS A 404 -19.38 2.03 -52.32
C LYS A 404 -18.93 3.08 -51.31
N TYR A 405 -17.69 3.03 -50.84
CA TYR A 405 -17.27 3.83 -49.71
C TYR A 405 -16.02 4.65 -50.01
N ASP A 406 -15.96 5.83 -49.39
CA ASP A 406 -14.80 6.70 -49.46
C ASP A 406 -13.84 6.30 -48.33
N LEU A 407 -12.72 5.69 -48.69
CA LEU A 407 -11.72 5.24 -47.74
C LEU A 407 -10.45 6.10 -47.78
N SER A 408 -10.56 7.33 -48.30
CA SER A 408 -9.41 8.19 -48.48
C SER A 408 -8.87 8.77 -47.18
N SER A 409 -9.61 8.65 -46.08
CA SER A 409 -9.09 9.11 -44.80
C SER A 409 -8.03 8.18 -44.24
N LEU A 410 -7.94 6.95 -44.73
CA LEU A 410 -6.99 5.97 -44.24
C LEU A 410 -5.59 6.27 -44.76
N ARG A 411 -4.59 5.94 -43.94
CA ARG A 411 -3.19 6.01 -44.35
C ARG A 411 -2.34 4.86 -43.82
N THR A 412 -2.69 4.24 -42.69
CA THR A 412 -1.99 3.08 -42.16
C THR A 412 -2.93 1.89 -42.12
N LEU A 413 -2.51 0.77 -42.70
CA LEU A 413 -3.27 -0.46 -42.73
C LEU A 413 -2.46 -1.55 -42.05
N GLY A 414 -2.93 -2.05 -40.91
CA GLY A 414 -2.21 -3.05 -40.15
C GLY A 414 -2.76 -4.45 -40.35
N SER A 415 -1.88 -5.44 -40.18
CA SER A 415 -2.24 -6.85 -40.24
C SER A 415 -1.64 -7.57 -39.04
N VAL A 416 -2.42 -8.44 -38.41
CA VAL A 416 -2.03 -9.02 -37.13
C VAL A 416 -2.57 -10.44 -37.01
N GLY A 417 -1.83 -11.27 -36.27
CA GLY A 417 -2.34 -12.51 -35.75
C GLY A 417 -1.93 -13.76 -36.50
N GLU A 418 -1.37 -13.61 -37.70
CA GLU A 418 -1.14 -14.75 -38.57
C GLU A 418 -0.38 -14.31 -39.82
N PRO A 419 0.17 -15.22 -40.60
CA PRO A 419 0.88 -14.81 -41.81
C PRO A 419 -0.05 -14.07 -42.76
N ILE A 420 0.50 -13.09 -43.46
CA ILE A 420 -0.20 -12.39 -44.53
C ILE A 420 0.45 -12.80 -45.85
N SER A 421 -0.33 -13.48 -46.68
CA SER A 421 0.15 -13.88 -47.99
C SER A 421 0.64 -12.65 -48.76
N PRO A 422 1.64 -12.81 -49.64
CA PRO A 422 1.92 -11.73 -50.58
C PRO A 422 0.70 -11.34 -51.41
N ASP A 423 -0.14 -12.31 -51.77
CA ASP A 423 -1.35 -12.01 -52.53
C ASP A 423 -2.33 -11.19 -51.70
N ILE A 424 -2.62 -11.64 -50.47
CA ILE A 424 -3.50 -10.88 -49.60
C ILE A 424 -2.91 -9.52 -49.30
N TRP A 425 -1.59 -9.45 -49.17
CA TRP A 425 -0.93 -8.16 -48.98
C TRP A 425 -1.27 -7.23 -50.14
N GLU A 426 -1.16 -7.72 -51.37
CA GLU A 426 -1.47 -6.91 -52.54
C GLU A 426 -2.95 -6.53 -52.57
N TRP A 427 -3.84 -7.49 -52.27
CA TRP A 427 -5.27 -7.19 -52.25
C TRP A 427 -5.58 -6.11 -51.22
N TYR A 428 -5.08 -6.31 -49.99
CA TYR A 428 -5.19 -5.28 -48.96
C TYR A 428 -4.68 -3.95 -49.47
N ASN A 429 -3.50 -3.95 -50.09
CA ASN A 429 -2.86 -2.73 -50.54
C ASN A 429 -3.67 -2.03 -51.63
N GLU A 430 -4.22 -2.80 -52.56
CA GLU A 430 -4.88 -2.20 -53.72
C GLU A 430 -6.33 -1.83 -53.43
N PHE A 431 -7.12 -2.79 -52.93
CA PHE A 431 -8.56 -2.58 -52.84
C PHE A 431 -8.95 -1.75 -51.63
N VAL A 432 -8.25 -1.89 -50.51
CA VAL A 432 -8.55 -1.11 -49.31
C VAL A 432 -7.75 0.19 -49.29
N GLY A 433 -6.44 0.11 -49.52
CA GLY A 433 -5.57 1.26 -49.45
C GLY A 433 -5.43 2.07 -50.72
N LYS A 434 -6.00 1.59 -51.84
CA LYS A 434 -5.92 2.29 -53.12
C LYS A 434 -4.47 2.54 -53.53
N ASN A 435 -3.57 1.68 -53.06
CA ASN A 435 -2.15 1.78 -53.37
C ASN A 435 -1.58 3.12 -52.88
N GLN A 436 -2.22 3.69 -51.86
CA GLN A 436 -1.83 4.97 -51.30
C GLN A 436 -1.52 4.91 -49.80
N CYS A 437 -1.69 3.75 -49.17
CA CYS A 437 -1.50 3.59 -47.74
C CYS A 437 -0.26 2.77 -47.45
N HIS A 438 0.25 2.92 -46.23
CA HIS A 438 1.32 2.09 -45.71
C HIS A 438 0.73 0.88 -45.00
N ILE A 439 1.28 -0.30 -45.28
CA ILE A 439 0.84 -1.53 -44.64
C ILE A 439 1.84 -1.90 -43.56
N SER A 440 1.33 -2.23 -42.37
CA SER A 440 2.17 -2.66 -41.24
C SER A 440 1.77 -4.10 -40.90
N ASP A 441 2.54 -5.06 -41.40
CA ASP A 441 2.41 -6.46 -40.99
C ASP A 441 3.09 -6.60 -39.65
N THR A 442 2.30 -6.64 -38.58
CA THR A 442 2.82 -6.62 -37.22
C THR A 442 2.89 -8.04 -36.69
N TYR A 443 4.10 -8.50 -36.38
CA TYR A 443 4.32 -9.80 -35.74
C TYR A 443 4.45 -9.60 -34.25
N TRP A 444 3.72 -10.39 -33.47
CA TRP A 444 3.84 -10.41 -32.02
C TRP A 444 2.94 -11.50 -31.46
N GLN A 445 2.79 -11.55 -30.14
CA GLN A 445 2.04 -12.61 -29.50
C GLN A 445 1.56 -12.13 -28.14
N THR A 446 0.63 -12.90 -27.57
CA THR A 446 0.05 -12.53 -26.28
C THR A 446 1.13 -12.20 -25.26
N GLU A 447 2.17 -13.03 -25.20
CA GLU A 447 3.17 -12.89 -24.16
C GLU A 447 4.12 -11.72 -24.39
N SER A 448 4.17 -11.17 -25.60
CA SER A 448 5.05 -10.03 -25.87
C SER A 448 4.41 -8.70 -25.49
N GLY A 449 3.10 -8.67 -25.24
CA GLY A 449 2.43 -7.46 -24.83
C GLY A 449 2.17 -6.49 -25.96
N SER A 450 3.16 -6.28 -26.83
CA SER A 450 3.05 -5.36 -27.94
C SER A 450 3.92 -5.84 -29.09
N HIS A 451 3.93 -5.05 -30.17
CA HIS A 451 4.60 -5.44 -31.41
C HIS A 451 6.06 -5.80 -31.17
N LEU A 452 6.51 -6.88 -31.82
CA LEU A 452 7.90 -7.31 -31.80
C LEU A 452 8.63 -6.98 -33.10
N ILE A 453 8.01 -7.25 -34.24
CA ILE A 453 8.60 -7.01 -35.56
C ILE A 453 7.51 -6.41 -36.45
N ALA A 454 7.76 -5.23 -36.99
CA ALA A 454 6.74 -4.54 -37.77
C ALA A 454 7.34 -3.39 -38.57
N PRO A 455 6.80 -3.08 -39.75
CA PRO A 455 7.30 -1.92 -40.52
C PRO A 455 6.66 -0.63 -40.02
N LEU A 456 7.49 0.26 -39.47
CA LEU A 456 6.98 1.54 -39.00
C LEU A 456 6.36 2.32 -40.15
N ALA A 457 5.15 2.83 -39.92
CA ALA A 457 4.42 3.53 -40.96
C ALA A 457 5.17 4.78 -41.42
N GLY A 458 5.41 4.86 -42.73
CA GLY A 458 6.10 6.00 -43.30
C GLY A 458 7.59 6.00 -43.14
N VAL A 459 8.18 4.90 -42.66
CA VAL A 459 9.60 4.87 -42.33
C VAL A 459 10.27 3.65 -42.96
N VAL A 460 9.70 2.48 -42.74
CA VAL A 460 10.28 1.22 -43.20
C VAL A 460 9.60 0.82 -44.51
N PRO A 461 10.33 0.69 -45.62
CA PRO A 461 9.71 0.15 -46.83
C PRO A 461 9.42 -1.33 -46.68
N ASN A 462 8.40 -1.79 -47.40
CA ASN A 462 7.81 -3.11 -47.20
C ASN A 462 8.31 -4.13 -48.22
N LYS A 463 8.41 -5.37 -47.75
CA LYS A 463 8.46 -6.55 -48.61
C LYS A 463 7.20 -7.35 -48.32
N PRO A 464 6.26 -7.49 -49.26
CA PRO A 464 5.01 -8.18 -48.94
C PRO A 464 5.23 -9.56 -48.35
N GLY A 465 4.67 -9.80 -47.16
CA GLY A 465 4.83 -11.06 -46.47
C GLY A 465 5.88 -11.06 -45.38
N SER A 466 6.70 -10.01 -45.31
CA SER A 466 7.74 -9.89 -44.30
C SER A 466 7.34 -8.85 -43.25
N ALA A 467 7.58 -9.18 -41.99
CA ALA A 467 7.33 -8.23 -40.91
C ALA A 467 8.41 -7.16 -40.80
N SER A 468 9.51 -7.30 -41.55
CA SER A 468 10.58 -6.31 -41.61
C SER A 468 11.44 -6.32 -40.35
N TYR A 469 11.65 -5.12 -39.71
CA TYR A 469 12.68 -5.01 -38.68
C TYR A 469 12.08 -5.18 -37.28
N PRO A 470 12.87 -5.67 -36.33
CA PRO A 470 12.40 -5.70 -34.94
C PRO A 470 12.28 -4.31 -34.34
N PHE A 471 11.35 -4.16 -33.41
CA PHE A 471 11.01 -2.87 -32.84
C PHE A 471 11.96 -2.51 -31.68
N PHE A 472 11.82 -1.28 -31.19
CA PHE A 472 12.63 -0.80 -30.07
C PHE A 472 12.64 -1.81 -28.94
N GLY A 473 13.83 -2.10 -28.41
CA GLY A 473 13.99 -2.99 -27.29
C GLY A 473 13.92 -4.46 -27.61
N ILE A 474 13.72 -4.82 -28.88
CA ILE A 474 13.56 -6.20 -29.30
C ILE A 474 14.85 -6.60 -30.02
N ASP A 475 15.71 -7.35 -29.33
CA ASP A 475 16.95 -7.86 -29.92
C ASP A 475 16.68 -9.27 -30.43
N ALA A 476 16.16 -9.34 -31.66
CA ALA A 476 15.75 -10.62 -32.23
C ALA A 476 16.96 -11.41 -32.71
N ALA A 477 16.81 -12.73 -32.72
CA ALA A 477 17.87 -13.61 -33.19
C ALA A 477 17.25 -14.90 -33.72
N LEU A 478 18.04 -15.61 -34.52
CA LEU A 478 17.70 -16.94 -34.99
C LEU A 478 18.65 -17.95 -34.36
N ILE A 479 18.11 -19.08 -33.90
CA ILE A 479 18.89 -20.11 -33.24
C ILE A 479 18.81 -21.38 -34.07
N ASP A 480 19.96 -22.02 -34.28
CA ASP A 480 19.99 -23.28 -34.99
C ASP A 480 19.23 -24.33 -34.17
N PRO A 481 18.24 -25.01 -34.76
CA PRO A 481 17.46 -25.97 -33.96
C PRO A 481 18.21 -27.27 -33.69
N VAL A 482 19.33 -27.52 -34.35
CA VAL A 482 20.14 -28.70 -34.11
C VAL A 482 21.15 -28.47 -33.01
N THR A 483 21.82 -27.31 -33.01
CA THR A 483 22.91 -27.03 -32.07
C THR A 483 22.51 -26.10 -30.94
N GLY A 484 21.38 -25.39 -31.07
CA GLY A 484 20.96 -24.45 -30.06
C GLY A 484 21.81 -23.20 -29.95
N VAL A 485 22.69 -22.95 -30.91
CA VAL A 485 23.56 -21.78 -30.91
C VAL A 485 23.00 -20.73 -31.86
N GLU A 486 23.19 -19.46 -31.49
CA GLU A 486 22.68 -18.34 -32.28
C GLU A 486 23.36 -18.30 -33.64
N ILE A 487 22.57 -17.99 -34.67
CA ILE A 487 23.05 -17.95 -36.05
C ILE A 487 23.50 -16.54 -36.39
N GLU A 488 24.78 -16.41 -36.75
CA GLU A 488 25.32 -15.13 -37.18
C GLU A 488 25.15 -14.97 -38.68
N GLY A 489 25.03 -13.72 -39.11
CA GLY A 489 24.92 -13.42 -40.53
C GLY A 489 23.50 -13.59 -41.05
N ASN A 490 23.29 -13.07 -42.25
CA ASN A 490 21.97 -13.03 -42.86
C ASN A 490 21.81 -14.16 -43.87
N ASP A 491 20.63 -14.22 -44.48
CA ASP A 491 20.24 -15.36 -45.32
C ASP A 491 20.22 -16.64 -44.50
N ALA A 492 19.53 -16.59 -43.36
CA ALA A 492 19.53 -17.67 -42.39
C ALA A 492 18.10 -17.98 -41.95
N GLU A 493 17.93 -19.13 -41.31
CA GLU A 493 16.64 -19.58 -40.81
C GLU A 493 16.86 -20.37 -39.52
N GLY A 494 15.87 -20.34 -38.65
CA GLY A 494 15.96 -21.11 -37.41
C GLY A 494 14.86 -20.69 -36.45
N VAL A 495 15.08 -21.01 -35.18
CA VAL A 495 14.12 -20.68 -34.13
C VAL A 495 14.24 -19.19 -33.82
N LEU A 496 13.12 -18.49 -33.84
CA LEU A 496 13.09 -17.06 -33.53
C LEU A 496 13.12 -16.86 -32.02
N ALA A 497 14.14 -16.16 -31.53
CA ALA A 497 14.29 -15.89 -30.12
C ALA A 497 14.71 -14.44 -29.91
N ILE A 498 14.55 -13.97 -28.68
CA ILE A 498 14.84 -12.59 -28.30
C ILE A 498 15.88 -12.62 -27.19
N LYS A 499 16.90 -11.77 -27.31
CA LYS A 499 18.12 -11.91 -26.53
C LYS A 499 18.08 -11.19 -25.19
N ASP A 500 17.09 -10.35 -24.94
CA ASP A 500 16.92 -9.69 -23.65
C ASP A 500 15.45 -9.36 -23.49
N HIS A 501 15.01 -9.18 -22.25
CA HIS A 501 13.61 -8.88 -22.02
C HIS A 501 13.32 -7.43 -22.42
N TRP A 502 12.04 -7.11 -22.53
CA TRP A 502 11.58 -5.80 -22.99
C TRP A 502 10.41 -5.35 -22.14
N PRO A 503 10.08 -4.05 -22.17
CA PRO A 503 9.14 -3.51 -21.18
C PRO A 503 7.81 -4.24 -21.08
N SER A 504 7.19 -4.59 -22.20
CA SER A 504 5.85 -5.19 -22.18
C SER A 504 5.88 -6.71 -22.18
N MET A 505 7.03 -7.33 -21.93
CA MET A 505 7.08 -8.78 -21.84
C MET A 505 6.25 -9.26 -20.64
N ALA A 506 5.50 -10.34 -20.84
CA ALA A 506 4.75 -10.93 -19.74
C ALA A 506 5.72 -11.36 -18.65
N ARG A 507 5.29 -11.20 -17.39
CA ARG A 507 6.17 -11.42 -16.25
C ARG A 507 6.04 -12.81 -15.64
N THR A 508 4.89 -13.48 -15.78
CA THR A 508 4.72 -14.80 -15.21
C THR A 508 3.44 -15.41 -15.77
N VAL A 509 3.22 -16.68 -15.42
CA VAL A 509 1.92 -17.33 -15.54
C VAL A 509 1.33 -17.41 -14.15
N TYR A 510 0.08 -16.98 -14.00
CA TYR A 510 -0.48 -16.73 -12.68
C TYR A 510 -0.33 -17.95 -11.78
N LYS A 511 0.35 -17.77 -10.66
CA LYS A 511 0.57 -18.82 -9.66
C LYS A 511 1.21 -20.06 -10.26
N ASN A 512 1.96 -19.91 -11.35
CA ASN A 512 2.63 -21.04 -11.97
C ASN A 512 3.88 -20.55 -12.71
N HIS A 513 4.79 -19.90 -11.97
CA HIS A 513 5.99 -19.37 -12.60
C HIS A 513 6.87 -20.47 -13.18
N THR A 514 6.75 -21.71 -12.70
CA THR A 514 7.56 -22.80 -13.24
C THR A 514 7.14 -23.14 -14.67
N LYS A 515 5.83 -23.15 -14.95
CA LYS A 515 5.39 -23.31 -16.33
C LYS A 515 5.88 -22.16 -17.20
N TYR A 516 5.81 -20.94 -16.68
CA TYR A 516 6.36 -19.79 -17.40
C TYR A 516 7.81 -20.03 -17.79
N MET A 517 8.65 -20.42 -16.82
CA MET A 517 10.06 -20.65 -17.11
C MET A 517 10.25 -21.79 -18.10
N ASP A 518 9.56 -22.91 -17.88
CA ASP A 518 9.72 -24.06 -18.76
C ASP A 518 9.26 -23.76 -20.18
N THR A 519 8.38 -22.79 -20.37
CA THR A 519 7.84 -22.51 -21.70
C THR A 519 8.66 -21.49 -22.48
N TYR A 520 9.11 -20.41 -21.83
CA TYR A 520 9.73 -19.29 -22.53
C TYR A 520 11.22 -19.12 -22.30
N MET A 521 11.74 -19.46 -21.12
CA MET A 521 13.10 -19.13 -20.75
C MET A 521 14.05 -20.32 -20.72
N ASN A 522 13.56 -21.52 -20.42
CA ASN A 522 14.45 -22.66 -20.23
C ASN A 522 14.79 -23.38 -21.54
N PRO A 523 13.90 -23.41 -22.54
CA PRO A 523 14.25 -24.14 -23.78
C PRO A 523 15.55 -23.68 -24.42
N TYR A 524 15.80 -22.37 -24.47
CA TYR A 524 17.01 -21.82 -25.07
C TYR A 524 17.61 -20.86 -24.06
N PRO A 525 18.42 -21.36 -23.13
CA PRO A 525 18.87 -20.53 -22.00
C PRO A 525 19.53 -19.25 -22.45
N GLY A 526 19.17 -18.16 -21.79
CA GLY A 526 19.63 -16.84 -22.17
C GLY A 526 18.77 -16.15 -23.19
N TYR A 527 17.75 -16.83 -23.72
CA TYR A 527 16.88 -16.27 -24.73
C TYR A 527 15.43 -16.40 -24.30
N TYR A 528 14.58 -15.62 -24.97
CA TYR A 528 13.14 -15.81 -24.90
C TYR A 528 12.68 -16.60 -26.12
N PHE A 529 11.94 -17.67 -25.88
CA PHE A 529 11.50 -18.58 -26.94
C PHE A 529 10.09 -18.17 -27.38
N THR A 530 9.99 -17.66 -28.61
CA THR A 530 8.71 -17.20 -29.14
C THR A 530 7.78 -18.33 -29.55
N GLY A 531 8.31 -19.54 -29.72
CA GLY A 531 7.55 -20.62 -30.30
C GLY A 531 7.46 -20.60 -31.80
N ASP A 532 8.04 -19.60 -32.46
CA ASP A 532 7.98 -19.42 -33.90
C ASP A 532 9.33 -19.69 -34.54
N GLY A 533 9.29 -20.16 -35.78
CA GLY A 533 10.44 -20.18 -36.65
C GLY A 533 10.40 -18.97 -37.57
N ALA A 534 11.57 -18.61 -38.10
CA ALA A 534 11.66 -17.41 -38.92
C ALA A 534 12.94 -17.47 -39.76
N ALA A 535 13.05 -16.53 -40.68
CA ALA A 535 14.22 -16.42 -41.55
C ALA A 535 14.58 -14.94 -41.70
N ARG A 536 15.87 -14.68 -41.85
CA ARG A 536 16.39 -13.31 -41.96
C ARG A 536 17.15 -13.19 -43.27
N ASP A 537 16.72 -12.26 -44.12
CA ASP A 537 17.31 -12.13 -45.45
C ASP A 537 18.49 -11.16 -45.42
N HIS A 538 19.09 -10.93 -46.59
CA HIS A 538 20.32 -10.15 -46.66
C HIS A 538 20.13 -8.70 -46.25
N ASP A 539 18.90 -8.20 -46.25
CA ASP A 539 18.61 -6.83 -45.82
C ASP A 539 18.24 -6.74 -44.35
N GLY A 540 18.27 -7.86 -43.62
CA GLY A 540 17.88 -7.88 -42.22
C GLY A 540 16.39 -8.04 -41.98
N TYR A 541 15.58 -8.16 -43.03
CA TYR A 541 14.14 -8.34 -42.87
C TYR A 541 13.84 -9.74 -42.38
N TYR A 542 12.91 -9.85 -41.44
CA TYR A 542 12.50 -11.14 -40.89
C TYR A 542 11.25 -11.65 -41.60
N TRP A 543 11.25 -12.95 -41.88
CA TRP A 543 10.12 -13.64 -42.50
C TRP A 543 9.63 -14.72 -41.54
N ILE A 544 8.42 -14.55 -41.03
CA ILE A 544 7.87 -15.50 -40.07
C ILE A 544 7.49 -16.78 -40.80
N ARG A 545 8.01 -17.92 -40.32
CA ARG A 545 7.74 -19.22 -40.91
C ARG A 545 6.66 -20.02 -40.19
N GLY A 546 6.25 -19.60 -39.00
CA GLY A 546 5.19 -20.27 -38.27
C GLY A 546 5.68 -20.86 -36.95
N ARG A 547 4.74 -21.48 -36.25
CA ARG A 547 5.05 -22.05 -34.94
C ARG A 547 5.89 -23.32 -35.12
N VAL A 548 6.96 -23.44 -34.35
CA VAL A 548 7.72 -24.69 -34.30
C VAL A 548 7.15 -25.64 -33.25
N ASP A 549 6.38 -25.15 -32.28
CA ASP A 549 5.90 -25.95 -31.17
C ASP A 549 4.51 -26.56 -31.41
N ASP A 550 4.08 -26.65 -32.68
CA ASP A 550 2.82 -27.28 -33.06
C ASP A 550 1.58 -26.58 -32.47
N VAL A 551 1.73 -25.37 -31.94
CA VAL A 551 0.57 -24.57 -31.55
C VAL A 551 -0.23 -24.21 -32.80
N VAL A 552 -1.55 -24.41 -32.74
CA VAL A 552 -2.43 -24.19 -33.88
C VAL A 552 -3.21 -22.89 -33.70
N ASN A 553 -3.25 -22.09 -34.76
CA ASN A 553 -3.87 -20.76 -34.78
C ASN A 553 -5.00 -20.76 -35.81
N VAL A 554 -6.25 -20.80 -35.34
CA VAL A 554 -7.42 -20.88 -36.21
C VAL A 554 -8.13 -19.53 -36.22
N SER A 555 -8.13 -18.88 -37.39
CA SER A 555 -8.83 -17.60 -37.59
C SER A 555 -8.35 -16.56 -36.58
N GLY A 556 -7.05 -16.55 -36.33
CA GLY A 556 -6.48 -15.62 -35.38
C GLY A 556 -6.61 -16.07 -33.94
N HIS A 557 -7.44 -17.07 -33.67
CA HIS A 557 -7.64 -17.59 -32.31
C HIS A 557 -6.58 -18.66 -32.04
N ARG A 558 -5.65 -18.35 -31.14
CA ARG A 558 -4.65 -19.32 -30.71
C ARG A 558 -5.34 -20.43 -29.92
N LEU A 559 -5.16 -21.67 -30.37
CA LEU A 559 -5.83 -22.83 -29.79
C LEU A 559 -4.82 -23.85 -29.28
N SER A 560 -5.31 -24.70 -28.39
CA SER A 560 -4.54 -25.82 -27.83
C SER A 560 -5.13 -27.12 -28.36
N THR A 561 -4.37 -27.83 -29.19
CA THR A 561 -4.83 -29.12 -29.68
C THR A 561 -5.04 -30.11 -28.53
N ALA A 562 -4.22 -30.00 -27.48
CA ALA A 562 -4.40 -30.87 -26.32
C ALA A 562 -5.73 -30.61 -25.62
N GLU A 563 -6.14 -29.34 -25.56
CA GLU A 563 -7.42 -29.02 -24.93
C GLU A 563 -8.59 -29.57 -25.73
N ILE A 564 -8.44 -29.67 -27.06
CA ILE A 564 -9.50 -30.24 -27.88
C ILE A 564 -9.54 -31.75 -27.74
N GLU A 565 -8.36 -32.38 -27.65
CA GLU A 565 -8.31 -33.82 -27.40
C GLU A 565 -9.00 -34.16 -26.10
N ALA A 566 -8.77 -33.34 -25.05
CA ALA A 566 -9.41 -33.58 -23.77
C ALA A 566 -10.93 -33.48 -23.88
N ALA A 567 -11.42 -32.51 -24.66
CA ALA A 567 -12.86 -32.35 -24.82
C ALA A 567 -13.48 -33.54 -25.54
N LEU A 568 -12.82 -34.03 -26.59
CA LEU A 568 -13.35 -35.17 -27.32
C LEU A 568 -13.41 -36.42 -26.45
N ILE A 569 -12.51 -36.52 -25.47
CA ILE A 569 -12.47 -37.71 -24.61
C ILE A 569 -13.54 -37.69 -23.53
N GLU A 570 -14.02 -36.51 -23.14
CA GLU A 570 -15.11 -36.43 -22.16
C GLU A 570 -16.32 -37.21 -22.65
N ASP A 571 -16.49 -37.33 -23.96
CA ASP A 571 -17.54 -38.19 -24.52
C ASP A 571 -17.20 -39.64 -24.21
N LYS A 572 -18.06 -40.29 -23.42
CA LYS A 572 -17.78 -41.65 -22.98
C LYS A 572 -17.63 -42.61 -24.15
N LYS A 573 -18.07 -42.24 -25.35
CA LYS A 573 -17.95 -43.11 -26.52
C LYS A 573 -16.52 -43.17 -27.05
N VAL A 574 -15.67 -42.20 -26.72
CA VAL A 574 -14.33 -42.08 -27.29
C VAL A 574 -13.34 -42.75 -26.36
N SER A 575 -12.47 -43.58 -26.92
CA SER A 575 -11.38 -44.20 -26.18
C SER A 575 -10.10 -43.38 -26.22
N GLU A 576 -9.74 -42.89 -27.40
CA GLU A 576 -8.56 -42.04 -27.53
C GLU A 576 -8.76 -41.08 -28.70
N ALA A 577 -8.10 -39.92 -28.63
CA ALA A 577 -8.24 -38.89 -29.65
C ALA A 577 -6.91 -38.18 -29.84
N ALA A 578 -6.63 -37.78 -31.08
CA ALA A 578 -5.44 -37.01 -31.42
C ALA A 578 -5.84 -35.90 -32.37
N VAL A 579 -5.43 -34.67 -32.07
CA VAL A 579 -5.79 -33.49 -32.85
C VAL A 579 -4.52 -32.84 -33.36
N VAL A 580 -4.53 -32.46 -34.64
CA VAL A 580 -3.40 -31.80 -35.29
C VAL A 580 -3.93 -30.66 -36.13
N GLY A 581 -3.01 -29.81 -36.59
CA GLY A 581 -3.35 -28.66 -37.41
C GLY A 581 -2.86 -28.82 -38.84
N ILE A 582 -3.62 -28.23 -39.77
CA ILE A 582 -3.27 -28.20 -41.18
C ILE A 582 -3.67 -26.85 -41.76
N HIS A 583 -3.09 -26.54 -42.92
CA HIS A 583 -3.41 -25.30 -43.62
C HIS A 583 -4.88 -25.28 -44.02
N ASP A 584 -5.44 -24.06 -44.08
CA ASP A 584 -6.83 -23.85 -44.47
C ASP A 584 -6.93 -22.54 -45.25
N ASP A 585 -7.55 -22.60 -46.44
CA ASP A 585 -7.64 -21.41 -47.27
C ASP A 585 -8.48 -20.31 -46.64
N ILE A 586 -9.29 -20.64 -45.63
CA ILE A 586 -10.19 -19.67 -45.01
C ILE A 586 -9.67 -19.21 -43.65
N THR A 587 -9.39 -20.16 -42.75
CA THR A 587 -9.00 -19.84 -41.39
C THR A 587 -7.48 -19.88 -41.17
N GLY A 588 -6.70 -20.01 -42.23
CA GLY A 588 -5.26 -20.07 -42.09
C GLY A 588 -4.81 -21.46 -41.69
N GLN A 589 -5.30 -21.91 -40.55
CA GLN A 589 -5.12 -23.29 -40.10
C GLN A 589 -6.46 -23.82 -39.61
N ALA A 590 -6.61 -25.13 -39.67
CA ALA A 590 -7.78 -25.83 -39.16
C ALA A 590 -7.30 -27.04 -38.38
N VAL A 591 -8.04 -27.38 -37.35
CA VAL A 591 -7.72 -28.53 -36.53
C VAL A 591 -8.49 -29.73 -37.07
N ILE A 592 -7.79 -30.86 -37.15
CA ILE A 592 -8.37 -32.13 -37.61
C ILE A 592 -8.29 -33.10 -36.44
N ALA A 593 -9.42 -33.67 -36.07
CA ALA A 593 -9.51 -34.57 -34.93
C ALA A 593 -9.60 -35.99 -35.43
N TYR A 594 -8.68 -36.85 -34.97
CA TYR A 594 -8.73 -38.28 -35.24
C TYR A 594 -9.23 -38.96 -33.98
N VAL A 595 -10.32 -39.70 -34.09
CA VAL A 595 -11.00 -40.30 -32.96
C VAL A 595 -11.11 -41.79 -33.18
N ALA A 596 -10.77 -42.57 -32.16
CA ALA A 596 -10.97 -44.01 -32.14
C ALA A 596 -12.06 -44.32 -31.12
N LEU A 597 -13.03 -45.12 -31.52
CA LEU A 597 -14.19 -45.42 -30.69
C LEU A 597 -14.08 -46.80 -30.07
N LYS A 598 -14.86 -47.01 -29.02
CA LYS A 598 -14.86 -48.30 -28.34
C LYS A 598 -15.72 -49.32 -29.10
N GLU A 599 -16.89 -48.89 -29.59
CA GLU A 599 -17.81 -49.78 -30.28
C GLU A 599 -18.11 -51.03 -29.45
N ASP A 605 -25.10 -44.44 -37.38
CA ASP A 605 -24.76 -43.41 -38.35
C ASP A 605 -23.39 -42.81 -38.03
N SER A 606 -22.49 -42.82 -39.03
CA SER A 606 -21.18 -42.24 -38.83
C SER A 606 -21.21 -40.71 -38.92
N GLU A 607 -21.97 -40.17 -39.88
CA GLU A 607 -22.08 -38.73 -40.01
C GLU A 607 -22.76 -38.12 -38.78
N GLY A 608 -23.64 -38.89 -38.13
CA GLY A 608 -24.31 -38.36 -36.94
C GLY A 608 -23.39 -38.29 -35.74
N LEU A 609 -22.62 -39.35 -35.50
CA LEU A 609 -21.67 -39.33 -34.40
C LEU A 609 -20.59 -38.28 -34.62
N ARG A 610 -20.24 -38.02 -35.89
CA ARG A 610 -19.26 -36.98 -36.17
C ARG A 610 -19.77 -35.61 -35.72
N LYS A 611 -21.07 -35.36 -35.91
CA LYS A 611 -21.65 -34.11 -35.44
C LYS A 611 -21.74 -34.08 -33.92
N GLU A 612 -21.89 -35.24 -33.28
CA GLU A 612 -21.98 -35.28 -31.82
C GLU A 612 -20.65 -34.89 -31.18
N LEU A 613 -19.53 -35.33 -31.77
CA LEU A 613 -18.23 -34.99 -31.22
C LEU A 613 -17.91 -33.51 -31.45
N VAL A 614 -18.30 -32.97 -32.60
CA VAL A 614 -18.05 -31.55 -32.88
C VAL A 614 -18.80 -30.69 -31.87
N LEU A 615 -20.05 -31.06 -31.58
CA LEU A 615 -20.81 -30.33 -30.57
C LEU A 615 -20.19 -30.47 -29.19
N GLN A 616 -19.60 -31.63 -28.90
CA GLN A 616 -18.93 -31.83 -27.62
C GLN A 616 -17.81 -30.80 -27.43
N VAL A 617 -17.07 -30.49 -28.48
CA VAL A 617 -16.00 -29.51 -28.40
C VAL A 617 -16.58 -28.11 -28.21
N ARG A 618 -17.71 -27.82 -28.87
CA ARG A 618 -18.35 -26.51 -28.71
C ARG A 618 -18.82 -26.31 -27.28
N LYS A 619 -19.30 -27.38 -26.63
CA LYS A 619 -19.85 -27.25 -25.29
C LYS A 619 -18.75 -26.98 -24.26
N THR A 620 -17.61 -27.67 -24.37
CA THR A 620 -16.60 -27.59 -23.33
C THR A 620 -15.63 -26.44 -23.52
N ILE A 621 -15.26 -26.12 -24.76
CA ILE A 621 -14.33 -25.03 -25.02
C ILE A 621 -15.11 -23.84 -25.55
N GLY A 622 -15.64 -23.96 -26.77
CA GLY A 622 -16.38 -22.91 -27.39
C GLY A 622 -16.57 -23.17 -28.87
N PRO A 623 -17.48 -22.43 -29.51
CA PRO A 623 -17.75 -22.69 -30.93
C PRO A 623 -16.51 -22.54 -31.81
N PHE A 624 -15.60 -21.63 -31.46
CA PHE A 624 -14.47 -21.34 -32.33
C PHE A 624 -13.35 -22.36 -32.21
N ALA A 625 -13.48 -23.34 -31.33
CA ALA A 625 -12.51 -24.41 -31.19
C ALA A 625 -12.98 -25.71 -31.84
N ALA A 626 -14.18 -25.73 -32.41
CA ALA A 626 -14.70 -26.95 -32.98
C ALA A 626 -13.82 -27.40 -34.15
N PRO A 627 -13.52 -28.69 -34.26
CA PRO A 627 -12.69 -29.14 -35.39
C PRO A 627 -13.39 -28.94 -36.72
N LYS A 628 -12.61 -28.58 -37.74
CA LYS A 628 -13.15 -28.52 -39.09
C LYS A 628 -13.59 -29.90 -39.57
N SER A 629 -12.96 -30.95 -39.07
CA SER A 629 -13.27 -32.31 -39.49
C SER A 629 -12.92 -33.27 -38.37
N VAL A 630 -13.75 -34.30 -38.23
CA VAL A 630 -13.53 -35.38 -37.27
C VAL A 630 -13.40 -36.68 -38.06
N ILE A 631 -12.23 -37.28 -38.01
CA ILE A 631 -11.96 -38.52 -38.74
C ILE A 631 -11.99 -39.68 -37.75
N ILE A 632 -12.90 -40.61 -37.97
CA ILE A 632 -13.08 -41.77 -37.10
C ILE A 632 -12.20 -42.89 -37.61
N VAL A 633 -11.31 -43.39 -36.75
CA VAL A 633 -10.37 -44.43 -37.10
C VAL A 633 -10.58 -45.62 -36.16
N GLN A 634 -10.00 -46.74 -36.53
CA GLN A 634 -10.03 -47.93 -35.69
C GLN A 634 -8.92 -47.95 -34.65
N ASP A 635 -7.83 -47.25 -34.91
CA ASP A 635 -6.67 -47.29 -34.01
C ASP A 635 -5.74 -46.14 -34.37
N LEU A 636 -5.13 -45.53 -33.34
CA LEU A 636 -4.17 -44.47 -33.61
C LEU A 636 -2.76 -45.02 -33.63
N PRO A 637 -1.85 -44.43 -34.41
CA PRO A 637 -0.47 -44.93 -34.42
C PRO A 637 0.23 -44.56 -33.13
N LYS A 638 1.06 -45.47 -32.63
CA LYS A 638 1.68 -45.30 -31.33
C LYS A 638 3.12 -45.79 -31.38
N THR A 639 3.85 -45.43 -30.33
CA THR A 639 5.23 -45.86 -30.16
C THR A 639 5.23 -47.17 -29.38
N ARG A 640 6.41 -47.77 -29.26
CA ARG A 640 6.50 -49.01 -28.48
C ARG A 640 6.20 -48.75 -27.01
N SER A 641 6.39 -47.52 -26.54
CA SER A 641 5.94 -47.16 -25.21
C SER A 641 4.42 -47.14 -25.11
N GLY A 642 3.74 -46.75 -26.20
CA GLY A 642 2.31 -46.57 -26.20
C GLY A 642 1.87 -45.14 -26.41
N LYS A 643 2.80 -44.21 -26.60
CA LYS A 643 2.45 -42.82 -26.83
C LYS A 643 2.00 -42.61 -28.26
N ILE A 644 1.01 -41.74 -28.45
CA ILE A 644 0.47 -41.48 -29.78
C ILE A 644 1.48 -40.67 -30.58
N MET A 645 1.71 -41.08 -31.83
CA MET A 645 2.66 -40.44 -32.72
C MET A 645 1.91 -39.47 -33.64
N ARG A 646 1.67 -38.27 -33.13
CA ARG A 646 0.94 -37.27 -33.89
C ARG A 646 1.69 -36.82 -35.14
N ARG A 647 3.01 -37.02 -35.18
CA ARG A 647 3.77 -36.67 -36.38
C ARG A 647 3.23 -37.39 -37.62
N ILE A 648 2.69 -38.60 -37.44
CA ILE A 648 2.14 -39.32 -38.58
C ILE A 648 0.80 -38.72 -38.99
N LEU A 649 0.01 -38.27 -38.02
CA LEU A 649 -1.26 -37.65 -38.34
C LEU A 649 -1.07 -36.33 -39.07
N ARG A 650 0.02 -35.61 -38.78
CA ARG A 650 0.28 -34.35 -39.47
C ARG A 650 0.65 -34.58 -40.92
N LYS A 651 1.54 -35.54 -41.19
CA LYS A 651 1.94 -35.83 -42.56
C LYS A 651 0.81 -36.44 -43.38
N VAL A 652 -0.19 -37.02 -42.73
CA VAL A 652 -1.33 -37.57 -43.44
C VAL A 652 -2.41 -36.52 -43.66
N SER A 653 -2.70 -35.71 -42.64
CA SER A 653 -3.68 -34.64 -42.79
C SER A 653 -3.30 -33.72 -43.95
N SER A 654 -2.01 -33.53 -44.17
CA SER A 654 -1.51 -33.01 -45.43
C SER A 654 -1.22 -34.19 -46.36
N ASN A 655 -1.23 -33.93 -47.67
CA ASN A 655 -1.00 -34.99 -48.65
C ASN A 655 0.50 -35.29 -48.76
N GLU A 656 1.06 -35.76 -47.65
CA GLU A 656 2.47 -36.09 -47.54
C GLU A 656 2.66 -37.47 -46.90
N ALA A 657 1.73 -38.38 -47.13
CA ALA A 657 1.88 -39.73 -46.61
C ALA A 657 3.12 -40.42 -47.16
N ASP A 658 3.54 -40.03 -48.38
CA ASP A 658 4.76 -40.57 -48.96
C ASP A 658 6.01 -40.15 -48.21
N GLN A 659 5.89 -39.28 -47.20
CA GLN A 659 7.03 -38.82 -46.41
C GLN A 659 7.02 -39.40 -45.00
N LEU A 660 6.17 -40.38 -44.71
CA LEU A 660 6.14 -40.96 -43.38
C LEU A 660 7.40 -41.76 -43.08
N GLY A 661 7.98 -42.39 -44.11
CA GLY A 661 9.23 -43.10 -43.92
C GLY A 661 9.05 -44.42 -43.17
N ASP A 662 10.14 -44.85 -42.55
CA ASP A 662 10.15 -46.11 -41.82
C ASP A 662 9.19 -46.05 -40.64
N ILE A 663 8.20 -46.94 -40.65
CA ILE A 663 7.21 -47.04 -39.58
C ILE A 663 7.34 -48.32 -38.79
N SER A 664 8.42 -49.08 -39.00
CA SER A 664 8.64 -50.30 -38.23
C SER A 664 8.96 -50.02 -36.76
N THR A 665 9.20 -48.76 -36.40
CA THR A 665 9.40 -48.39 -35.01
C THR A 665 8.09 -48.25 -34.24
N LEU A 666 6.96 -48.25 -34.93
CA LEU A 666 5.66 -48.23 -34.28
C LEU A 666 5.33 -49.58 -33.69
N SER A 667 4.51 -49.57 -32.64
CA SER A 667 3.97 -50.83 -32.13
C SER A 667 2.85 -51.34 -33.02
N ASN A 668 2.09 -50.44 -33.64
CA ASN A 668 0.98 -50.81 -34.53
C ASN A 668 1.20 -50.15 -35.89
N PRO A 669 2.21 -50.58 -36.64
CA PRO A 669 2.41 -50.00 -37.98
C PRO A 669 1.27 -50.28 -38.93
N GLN A 670 0.46 -51.30 -38.64
CA GLN A 670 -0.68 -51.62 -39.50
C GLN A 670 -1.75 -50.54 -39.46
N SER A 671 -1.76 -49.72 -38.40
CA SER A 671 -2.78 -48.69 -38.27
C SER A 671 -2.58 -47.55 -39.27
N VAL A 672 -1.38 -47.40 -39.83
CA VAL A 672 -1.11 -46.26 -40.71
C VAL A 672 -1.97 -46.34 -41.96
N GLU A 673 -2.13 -47.53 -42.53
CA GLU A 673 -2.94 -47.67 -43.74
C GLU A 673 -4.36 -47.20 -43.48
N GLY A 674 -4.94 -47.58 -42.33
CA GLY A 674 -6.30 -47.18 -42.02
C GLY A 674 -6.44 -45.69 -41.81
N ILE A 675 -5.38 -45.03 -41.34
CA ILE A 675 -5.44 -43.59 -41.13
C ILE A 675 -5.42 -42.86 -42.47
N ILE A 676 -4.63 -43.37 -43.43
CA ILE A 676 -4.61 -42.76 -44.75
C ILE A 676 -5.95 -42.97 -45.46
N SER A 677 -6.54 -44.15 -45.31
CA SER A 677 -7.83 -44.43 -45.96
C SER A 677 -8.96 -43.65 -45.29
N ALA A 678 -8.94 -43.57 -43.96
CA ALA A 678 -10.02 -42.87 -43.27
C ALA A 678 -9.99 -41.38 -43.56
N PHE A 679 -8.79 -40.78 -43.59
CA PHE A 679 -8.69 -39.36 -43.90
C PHE A 679 -9.15 -39.06 -45.32
N GLY A 680 -8.79 -39.92 -46.28
CA GLY A 680 -9.20 -39.71 -47.65
C GLY A 680 -10.68 -39.88 -47.88
N ALA A 681 -11.35 -40.67 -47.03
CA ALA A 681 -12.77 -40.93 -47.21
C ALA A 681 -13.66 -39.97 -46.42
N GLN A 682 -13.18 -39.46 -45.27
CA GLN A 682 -14.02 -38.71 -44.36
C GLN A 682 -13.72 -37.22 -44.31
N PHE A 683 -12.68 -36.75 -45.00
CA PHE A 683 -12.35 -35.33 -45.00
C PHE A 683 -13.16 -34.63 -46.09
N GLY A 684 -14.46 -34.50 -45.81
CA GLY A 684 -15.39 -33.88 -46.74
C GLY A 684 -16.80 -34.42 -46.58
N THR B 21 45.93 7.83 38.81
CA THR B 21 45.39 6.88 39.79
C THR B 21 43.90 7.13 40.04
N HIS B 22 43.16 6.04 40.22
CA HIS B 22 41.72 6.08 40.41
C HIS B 22 41.37 5.57 41.81
N ASN B 23 40.48 6.30 42.48
CA ASN B 23 39.99 5.90 43.79
C ASN B 23 38.68 5.14 43.73
N VAL B 24 37.98 5.20 42.60
CA VAL B 24 36.68 4.55 42.41
C VAL B 24 36.75 3.48 41.32
N VAL B 25 37.37 3.82 40.19
CA VAL B 25 37.39 2.92 39.03
C VAL B 25 38.70 2.12 39.13
N HIS B 26 38.70 1.12 40.01
CA HIS B 26 39.90 0.33 40.24
C HIS B 26 40.30 -0.47 39.00
N GLU B 27 39.36 -0.77 38.11
CA GLU B 27 39.72 -1.51 36.90
C GLU B 27 40.74 -0.76 36.06
N ALA B 28 40.78 0.57 36.16
CA ALA B 28 41.60 1.38 35.28
C ALA B 28 43.00 1.64 35.81
N ASN B 29 43.31 1.23 37.04
CA ASN B 29 44.62 1.51 37.61
C ASN B 29 45.68 0.67 36.91
N GLY B 30 46.75 1.34 36.45
CA GLY B 30 47.86 0.66 35.83
C GLY B 30 47.50 -0.09 34.56
N VAL B 31 46.62 0.47 33.73
CA VAL B 31 46.18 -0.17 32.49
C VAL B 31 46.86 0.57 31.35
N LYS B 32 47.74 -0.14 30.65
CA LYS B 32 48.44 0.44 29.50
C LYS B 32 47.47 0.59 28.34
N LEU B 33 47.35 1.81 27.82
CA LEU B 33 46.53 2.05 26.65
C LEU B 33 47.11 1.29 25.45
N ARG B 34 46.24 0.66 24.67
CA ARG B 34 46.65 -0.27 23.62
C ARG B 34 46.27 0.33 22.27
N GLU B 35 47.28 0.87 21.58
CA GLU B 35 47.07 1.47 20.27
C GLU B 35 46.71 0.40 19.24
N THR B 36 46.02 0.82 18.19
CA THR B 36 45.65 -0.10 17.12
C THR B 36 46.90 -0.57 16.41
N PRO B 37 47.09 -1.88 16.22
CA PRO B 37 48.33 -2.36 15.60
C PRO B 37 48.51 -1.83 14.18
N LYS B 38 49.77 -1.71 13.77
CA LYS B 38 50.07 -1.19 12.44
C LYS B 38 49.49 -2.08 11.34
N GLU B 39 49.41 -3.40 11.58
CA GLU B 39 48.86 -4.30 10.57
C GLU B 39 47.41 -3.96 10.24
N PHE B 40 46.68 -3.36 11.20
CA PHE B 40 45.29 -3.03 10.94
C PHE B 40 45.15 -2.15 9.71
N PHE B 41 45.95 -1.09 9.63
CA PHE B 41 45.83 -0.13 8.53
C PHE B 41 46.41 -0.70 7.25
N GLU B 42 47.37 -1.63 7.36
CA GLU B 42 47.89 -2.30 6.17
C GLU B 42 46.80 -3.11 5.47
N ARG B 43 45.93 -3.75 6.24
CA ARG B 43 44.85 -4.57 5.70
C ARG B 43 43.60 -3.77 5.38
N GLN B 44 43.54 -2.51 5.83
CA GLN B 44 42.40 -1.66 5.56
C GLN B 44 42.28 -1.39 4.07
N PRO B 45 41.13 -1.64 3.44
CA PRO B 45 41.05 -1.49 1.98
C PRO B 45 41.18 -0.05 1.51
N ASN B 46 40.70 0.91 2.29
CA ASN B 46 40.73 2.31 1.93
C ASN B 46 41.09 3.12 3.16
N LYS B 47 41.24 4.44 2.98
CA LYS B 47 41.39 5.33 4.12
C LYS B 47 40.24 5.11 5.10
N GLY B 48 40.56 5.16 6.39
CA GLY B 48 39.56 4.96 7.41
C GLY B 48 38.45 5.98 7.32
N HIS B 49 37.28 5.60 7.84
CA HIS B 49 36.13 6.50 7.82
C HIS B 49 36.33 7.69 8.76
N ILE B 50 37.21 7.56 9.75
CA ILE B 50 37.53 8.66 10.65
C ILE B 50 39.05 8.72 10.80
N HIS B 51 39.59 9.94 10.77
CA HIS B 51 41.04 10.10 10.75
C HIS B 51 41.67 9.74 12.09
N ASP B 52 41.17 10.33 13.18
CA ASP B 52 41.76 10.11 14.49
C ASP B 52 40.69 10.32 15.56
N VAL B 53 41.10 10.10 16.81
CA VAL B 53 40.16 10.24 17.93
C VAL B 53 39.68 11.69 18.02
N ASN B 54 40.50 12.64 17.57
CA ASN B 54 40.10 14.04 17.63
C ASN B 54 38.96 14.33 16.65
N GLN B 55 39.03 13.77 15.44
CA GLN B 55 37.91 13.91 14.52
C GLN B 55 36.67 13.20 15.05
N TYR B 56 36.85 12.07 15.74
CA TYR B 56 35.70 11.35 16.28
C TYR B 56 34.95 12.20 17.31
N LYS B 57 35.68 12.89 18.18
CA LYS B 57 35.02 13.70 19.20
C LYS B 57 34.26 14.86 18.57
N GLN B 58 34.81 15.46 17.51
CA GLN B 58 34.10 16.53 16.83
C GLN B 58 32.77 16.02 16.29
N MET B 59 32.78 14.86 15.64
CA MET B 59 31.55 14.27 15.12
C MET B 59 30.62 13.86 16.25
N TYR B 60 31.15 13.23 17.30
CA TYR B 60 30.30 12.80 18.40
C TYR B 60 29.60 13.99 19.04
N GLU B 61 30.32 15.09 19.24
CA GLU B 61 29.72 16.24 19.91
C GLU B 61 28.58 16.83 19.08
N GLN B 62 28.68 16.77 17.74
CA GLN B 62 27.56 17.23 16.93
C GLN B 62 26.39 16.26 17.02
N SER B 63 26.67 14.97 17.11
CA SER B 63 25.59 13.99 17.23
C SER B 63 24.78 14.17 18.51
N ILE B 64 25.36 14.82 19.52
CA ILE B 64 24.65 15.07 20.77
C ILE B 64 23.98 16.43 20.77
N LYS B 65 24.73 17.48 20.40
CA LYS B 65 24.22 18.84 20.50
C LYS B 65 23.32 19.21 19.33
N ASP B 66 23.54 18.60 18.17
CA ASP B 66 22.81 18.96 16.94
C ASP B 66 22.49 17.69 16.16
N PRO B 67 21.71 16.78 16.75
CA PRO B 67 21.38 15.54 16.03
C PRO B 67 20.67 15.79 14.71
N GLN B 68 19.98 16.91 14.56
CA GLN B 68 19.31 17.21 13.30
C GLN B 68 20.31 17.36 12.17
N GLY B 69 21.32 18.22 12.37
CA GLY B 69 22.33 18.43 11.35
C GLY B 69 23.32 17.30 11.19
N PHE B 70 23.39 16.39 12.16
CA PHE B 70 24.30 15.25 12.10
C PHE B 70 23.65 14.04 11.43
N PHE B 71 22.52 13.59 11.97
CA PHE B 71 21.87 12.39 11.47
C PHE B 71 21.07 12.60 10.20
N GLY B 72 20.65 13.83 9.92
CA GLY B 72 19.94 14.13 8.70
C GLY B 72 20.72 13.71 7.47
N PRO B 73 21.91 14.29 7.28
CA PRO B 73 22.73 13.91 6.12
C PRO B 73 23.11 12.45 6.08
N LEU B 74 23.42 11.85 7.25
CA LEU B 74 23.78 10.44 7.26
C LEU B 74 22.62 9.56 6.85
N ALA B 75 21.40 9.92 7.28
CA ALA B 75 20.22 9.14 6.88
C ALA B 75 20.02 9.20 5.37
N LYS B 76 20.30 10.35 4.75
CA LYS B 76 20.17 10.46 3.30
C LYS B 76 21.34 9.78 2.59
N GLU B 77 22.49 9.68 3.26
CA GLU B 77 23.65 9.04 2.65
C GLU B 77 23.54 7.53 2.69
N LEU B 78 23.17 6.97 3.85
CA LEU B 78 23.24 5.54 4.07
C LEU B 78 21.97 4.79 3.72
N LEU B 79 20.83 5.48 3.62
CA LEU B 79 19.56 4.83 3.35
C LEU B 79 18.92 5.40 2.07
N SER B 80 18.21 4.52 1.36
CA SER B 80 17.47 4.90 0.16
C SER B 80 16.00 5.09 0.52
N TRP B 81 15.46 6.27 0.19
CA TRP B 81 14.14 6.68 0.63
C TRP B 81 13.12 6.64 -0.50
N ASP B 82 11.92 6.17 -0.19
CA ASP B 82 10.78 6.25 -1.10
C ASP B 82 10.02 7.56 -0.95
N HIS B 83 9.97 8.11 0.26
CA HIS B 83 9.41 9.44 0.52
C HIS B 83 10.34 10.14 1.50
N ASP B 84 10.65 11.41 1.23
CA ASP B 84 11.54 12.16 2.09
C ASP B 84 10.92 12.39 3.46
N PHE B 85 11.77 12.55 4.47
CA PHE B 85 11.32 12.90 5.81
C PHE B 85 11.41 14.41 6.00
N HIS B 86 10.51 14.93 6.84
CA HIS B 86 10.44 16.36 7.12
C HIS B 86 11.01 16.73 8.49
N THR B 87 11.16 15.78 9.40
CA THR B 87 11.66 16.06 10.75
C THR B 87 12.60 14.94 11.17
N VAL B 88 13.83 15.30 11.52
CA VAL B 88 14.83 14.29 11.85
C VAL B 88 14.50 13.61 13.18
N LYS B 89 14.06 14.38 14.17
CA LYS B 89 13.97 13.90 15.54
C LYS B 89 12.76 14.51 16.23
N SER B 90 12.06 13.68 17.01
CA SER B 90 10.85 14.12 17.71
C SER B 90 10.70 13.32 19.00
N GLY B 91 9.94 13.89 19.92
CA GLY B 91 9.58 13.19 21.15
C GLY B 91 10.68 13.26 22.20
N THR B 92 10.35 12.71 23.37
CA THR B 92 11.24 12.70 24.52
C THR B 92 11.13 11.36 25.23
N LEU B 93 12.19 11.03 25.97
CA LEU B 93 12.18 9.83 26.80
C LEU B 93 11.04 9.89 27.81
N LYS B 94 10.88 11.04 28.47
CA LYS B 94 9.90 11.17 29.54
C LYS B 94 8.50 10.81 29.04
N ASN B 95 8.19 11.16 27.79
CA ASN B 95 6.88 10.89 27.21
C ASN B 95 6.85 9.63 26.34
N GLY B 96 7.97 8.94 26.20
CA GLY B 96 7.98 7.69 25.46
C GLY B 96 7.36 7.78 24.08
N ASP B 97 7.67 8.83 23.34
CA ASP B 97 7.14 9.06 22.00
C ASP B 97 8.25 9.40 21.03
N ALA B 98 9.40 8.75 21.21
CA ALA B 98 10.54 9.01 20.34
C ALA B 98 10.22 8.61 18.90
N ALA B 99 10.66 9.45 17.96
CA ALA B 99 10.47 9.19 16.54
C ALA B 99 11.58 9.87 15.77
N TRP B 100 11.98 9.25 14.67
CA TRP B 100 13.05 9.77 13.82
C TRP B 100 12.62 9.72 12.37
N PHE B 101 12.98 10.77 11.62
CA PHE B 101 12.72 10.83 10.18
C PHE B 101 11.24 10.72 9.89
N LEU B 102 10.47 11.58 10.56
CA LEU B 102 9.02 11.55 10.45
C LEU B 102 8.58 11.95 9.04
N GLY B 103 7.53 11.31 8.56
CA GLY B 103 7.07 11.49 7.20
C GLY B 103 7.86 10.73 6.15
N GLY B 104 9.00 10.14 6.53
CA GLY B 104 9.77 9.36 5.59
C GLY B 104 9.18 7.99 5.33
N GLU B 105 9.44 7.47 4.13
CA GLU B 105 9.06 6.12 3.76
C GLU B 105 10.23 5.41 3.11
N LEU B 106 10.34 4.12 3.38
CA LEU B 106 11.41 3.29 2.84
C LEU B 106 10.98 1.83 2.99
N ASN B 107 11.85 0.93 2.54
CA ASN B 107 11.63 -0.50 2.73
C ASN B 107 12.95 -1.15 3.11
N ALA B 108 12.92 -2.00 4.14
CA ALA B 108 14.15 -2.59 4.66
C ALA B 108 14.77 -3.55 3.65
N SER B 109 13.95 -4.36 2.97
CA SER B 109 14.50 -5.32 2.03
C SER B 109 15.08 -4.62 0.80
N TYR B 110 14.52 -3.47 0.42
CA TYR B 110 15.10 -2.73 -0.70
C TYR B 110 16.50 -2.23 -0.35
N ASN B 111 16.68 -1.74 0.88
CA ASN B 111 17.97 -1.20 1.30
C ASN B 111 18.99 -2.29 1.57
N CYS B 112 18.56 -3.51 1.90
CA CYS B 112 19.47 -4.61 2.18
C CYS B 112 19.73 -5.49 0.98
N VAL B 113 18.89 -5.44 -0.05
CA VAL B 113 18.99 -6.37 -1.17
C VAL B 113 18.91 -5.63 -2.49
N ASP B 114 17.71 -5.16 -2.84
CA ASP B 114 17.45 -4.62 -4.18
C ASP B 114 18.56 -3.72 -4.69
N ARG B 115 18.87 -2.65 -3.95
CA ARG B 115 19.76 -1.63 -4.48
C ARG B 115 21.16 -2.18 -4.71
N HIS B 116 21.57 -3.17 -3.94
CA HIS B 116 22.86 -3.81 -4.18
C HIS B 116 22.79 -4.79 -5.35
N ALA B 117 21.66 -5.49 -5.48
CA ALA B 117 21.50 -6.39 -6.62
C ALA B 117 21.54 -5.65 -7.94
N PHE B 118 20.93 -4.46 -7.99
CA PHE B 118 20.97 -3.66 -9.22
C PHE B 118 22.39 -3.23 -9.53
N ALA B 119 23.18 -2.91 -8.50
CA ALA B 119 24.51 -2.35 -8.71
C ALA B 119 25.55 -3.44 -9.02
N ASN B 120 25.47 -4.57 -8.31
CA ASN B 120 26.38 -5.70 -8.56
C ASN B 120 25.67 -6.98 -8.18
N PRO B 121 24.88 -7.55 -9.09
CA PRO B 121 24.10 -8.74 -8.72
C PRO B 121 24.95 -9.95 -8.38
N ASP B 122 26.16 -10.05 -8.91
CA ASP B 122 27.01 -11.20 -8.66
C ASP B 122 27.85 -11.06 -7.40
N LYS B 123 27.75 -9.95 -6.69
CA LYS B 123 28.50 -9.79 -5.46
C LYS B 123 27.95 -10.75 -4.41
N PRO B 124 28.80 -11.48 -3.69
CA PRO B 124 28.30 -12.37 -2.63
C PRO B 124 27.51 -11.59 -1.57
N ALA B 125 26.42 -12.20 -1.11
CA ALA B 125 25.59 -11.61 -0.07
C ALA B 125 25.54 -12.47 1.18
N LEU B 126 24.99 -13.68 1.09
CA LEU B 126 24.94 -14.61 2.21
C LEU B 126 25.94 -15.74 1.95
N ILE B 127 27.03 -15.74 2.71
CA ILE B 127 27.99 -16.83 2.69
C ILE B 127 27.53 -17.81 3.78
N CYS B 128 26.87 -18.89 3.35
CA CYS B 128 26.16 -19.79 4.25
C CYS B 128 27.02 -21.02 4.50
N GLU B 129 27.47 -21.18 5.74
CA GLU B 129 28.18 -22.38 6.16
C GLU B 129 27.21 -23.25 6.95
N ALA B 130 26.86 -24.40 6.39
CA ALA B 130 25.88 -25.28 6.99
C ALA B 130 26.51 -26.09 8.13
N ASP B 131 25.66 -26.77 8.90
CA ASP B 131 26.14 -27.63 9.97
C ASP B 131 27.25 -28.55 9.47
N ASP B 132 26.98 -29.27 8.39
CA ASP B 132 28.00 -30.03 7.67
C ASP B 132 28.45 -29.19 6.47
N GLU B 133 29.76 -29.00 6.32
CA GLU B 133 30.25 -28.11 5.28
C GLU B 133 29.80 -28.56 3.89
N LYS B 134 29.53 -29.86 3.71
CA LYS B 134 29.10 -30.34 2.41
C LYS B 134 27.84 -29.62 1.92
N ASP B 135 27.04 -29.07 2.82
CA ASP B 135 25.79 -28.40 2.48
C ASP B 135 25.94 -26.89 2.36
N SER B 136 27.16 -26.37 2.44
CA SER B 136 27.38 -24.93 2.37
C SER B 136 27.17 -24.42 0.95
N HIS B 137 26.86 -23.13 0.85
CA HIS B 137 26.56 -22.49 -0.43
C HIS B 137 26.66 -20.98 -0.25
N ILE B 138 26.69 -20.27 -1.37
CA ILE B 138 26.79 -18.82 -1.37
C ILE B 138 25.67 -18.25 -2.24
N LEU B 139 24.93 -17.30 -1.69
CA LEU B 139 23.92 -16.56 -2.43
C LEU B 139 24.45 -15.17 -2.76
N THR B 140 24.44 -14.82 -4.04
CA THR B 140 24.76 -13.46 -4.42
C THR B 140 23.60 -12.53 -4.07
N TYR B 141 23.84 -11.22 -4.20
CA TYR B 141 22.76 -10.27 -3.97
C TYR B 141 21.64 -10.45 -4.99
N GLY B 142 21.99 -10.82 -6.23
CA GLY B 142 20.96 -11.16 -7.19
C GLY B 142 20.20 -12.42 -6.80
N ASP B 143 20.91 -13.45 -6.34
CA ASP B 143 20.23 -14.63 -5.82
C ASP B 143 19.29 -14.27 -4.68
N LEU B 144 19.78 -13.45 -3.74
CA LEU B 144 18.98 -13.12 -2.57
C LEU B 144 17.70 -12.37 -2.96
N LEU B 145 17.79 -11.45 -3.92
CA LEU B 145 16.61 -10.72 -4.36
C LEU B 145 15.56 -11.68 -4.91
N ARG B 146 15.98 -12.65 -5.72
CA ARG B 146 15.04 -13.59 -6.30
C ARG B 146 14.38 -14.44 -5.22
N GLU B 147 15.16 -14.94 -4.26
CA GLU B 147 14.61 -15.81 -3.23
C GLU B 147 13.73 -15.03 -2.27
N VAL B 148 14.12 -13.80 -1.92
CA VAL B 148 13.27 -12.98 -1.07
C VAL B 148 11.98 -12.61 -1.80
N SER B 149 12.07 -12.32 -3.11
CA SER B 149 10.87 -11.98 -3.86
C SER B 149 9.90 -13.14 -3.92
N LYS B 150 10.41 -14.37 -4.05
CA LYS B 150 9.54 -15.53 -4.19
C LYS B 150 8.81 -15.84 -2.90
N VAL B 151 9.53 -15.85 -1.77
CA VAL B 151 8.87 -16.06 -0.48
C VAL B 151 7.87 -14.96 -0.20
N ALA B 152 8.27 -13.70 -0.44
CA ALA B 152 7.33 -12.60 -0.29
C ALA B 152 6.12 -12.78 -1.18
N GLY B 153 6.30 -13.38 -2.36
CA GLY B 153 5.17 -13.63 -3.23
C GLY B 153 4.24 -14.69 -2.67
N VAL B 154 4.80 -15.71 -2.01
CA VAL B 154 3.97 -16.73 -1.37
C VAL B 154 3.17 -16.11 -0.24
N LEU B 155 3.84 -15.34 0.62
CA LEU B 155 3.14 -14.68 1.72
C LEU B 155 2.07 -13.71 1.23
N GLN B 156 2.39 -12.96 0.17
CA GLN B 156 1.40 -12.03 -0.37
C GLN B 156 0.18 -12.77 -0.88
N SER B 157 0.37 -13.85 -1.63
CA SER B 157 -0.76 -14.64 -2.09
C SER B 157 -1.55 -15.23 -0.93
N TRP B 158 -0.93 -15.38 0.24
CA TRP B 158 -1.62 -15.87 1.42
C TRP B 158 -2.36 -14.77 2.17
N GLY B 159 -2.21 -13.51 1.76
CA GLY B 159 -2.90 -12.41 2.40
C GLY B 159 -2.08 -11.65 3.42
N ILE B 160 -0.80 -11.98 3.60
CA ILE B 160 0.04 -11.22 4.51
C ILE B 160 0.27 -9.82 3.95
N LYS B 161 0.16 -8.81 4.80
CA LYS B 161 0.26 -7.44 4.35
C LYS B 161 0.75 -6.56 5.49
N LYS B 162 0.97 -5.29 5.16
CA LYS B 162 1.40 -4.29 6.12
C LYS B 162 0.52 -4.33 7.37
N GLY B 163 1.16 -4.34 8.53
CA GLY B 163 0.47 -4.40 9.80
C GLY B 163 0.37 -5.79 10.39
N ASP B 164 0.63 -6.83 9.61
CA ASP B 164 0.62 -8.18 10.13
C ASP B 164 1.97 -8.51 10.76
N THR B 165 1.97 -9.54 11.59
CA THR B 165 3.18 -10.13 12.14
C THR B 165 3.30 -11.56 11.63
N VAL B 166 4.54 -11.98 11.40
CA VAL B 166 4.85 -13.30 10.88
C VAL B 166 5.96 -13.89 11.73
N ALA B 167 5.74 -15.11 12.24
CA ALA B 167 6.71 -15.78 13.09
C ALA B 167 7.73 -16.53 12.24
N VAL B 168 8.95 -16.57 12.73
CA VAL B 168 10.03 -17.35 12.14
C VAL B 168 10.61 -18.25 13.21
N TYR B 169 10.65 -19.55 12.93
CA TYR B 169 11.24 -20.55 13.83
C TYR B 169 12.19 -21.36 12.94
N LEU B 170 13.41 -20.88 12.80
CA LEU B 170 14.38 -21.43 11.85
C LEU B 170 15.77 -21.38 12.45
N PRO B 171 16.63 -22.35 12.12
CA PRO B 171 18.05 -22.24 12.50
C PRO B 171 18.73 -21.10 11.79
N MET B 172 20.02 -20.91 12.08
CA MET B 172 20.81 -19.80 11.54
C MET B 172 21.31 -20.21 10.15
N ASN B 173 20.49 -19.99 9.14
CA ASN B 173 20.86 -20.34 7.77
C ASN B 173 20.16 -19.39 6.81
N ALA B 174 20.30 -19.68 5.51
CA ALA B 174 19.80 -18.77 4.49
C ALA B 174 18.29 -18.56 4.61
N GLN B 175 17.55 -19.63 4.95
CA GLN B 175 16.10 -19.54 4.98
C GLN B 175 15.64 -18.57 6.06
N ALA B 176 16.35 -18.53 7.19
CA ALA B 176 16.02 -17.57 8.23
C ALA B 176 16.22 -16.14 7.74
N ILE B 177 17.34 -15.88 7.07
CA ILE B 177 17.60 -14.54 6.55
C ILE B 177 16.58 -14.19 5.47
N ILE B 178 16.30 -15.13 4.58
CA ILE B 178 15.35 -14.88 3.50
C ILE B 178 13.95 -14.63 4.06
N ALA B 179 13.56 -15.41 5.08
CA ALA B 179 12.24 -15.24 5.68
C ALA B 179 12.09 -13.83 6.27
N MET B 180 13.08 -13.40 7.05
CA MET B 180 13.00 -12.09 7.68
C MET B 180 12.86 -10.99 6.64
N LEU B 181 13.65 -11.07 5.56
CA LEU B 181 13.61 -10.03 4.54
C LEU B 181 12.33 -10.09 3.70
N ALA B 182 11.81 -11.29 3.47
CA ALA B 182 10.55 -11.41 2.73
C ALA B 182 9.40 -10.80 3.51
N ILE B 183 9.38 -11.01 4.82
CA ILE B 183 8.34 -10.42 5.67
C ILE B 183 8.44 -8.90 5.63
N ALA B 184 9.64 -8.37 5.85
CA ALA B 184 9.85 -6.93 5.79
C ALA B 184 9.55 -6.35 4.41
N ARG B 185 9.64 -7.18 3.36
CA ARG B 185 9.40 -6.66 2.01
C ARG B 185 7.93 -6.27 1.82
N LEU B 186 7.02 -6.95 2.52
CA LEU B 186 5.59 -6.67 2.44
C LEU B 186 5.14 -5.62 3.43
N GLY B 187 6.04 -5.10 4.26
CA GLY B 187 5.68 -4.17 5.31
C GLY B 187 5.14 -4.82 6.56
N ALA B 188 5.12 -6.14 6.63
CA ALA B 188 4.79 -6.82 7.87
C ALA B 188 6.04 -6.89 8.75
N ALA B 189 5.83 -7.21 10.02
CA ALA B 189 6.90 -7.29 10.99
C ALA B 189 7.18 -8.75 11.31
N HIS B 190 8.44 -9.15 11.21
CA HIS B 190 8.82 -10.52 11.51
C HIS B 190 9.11 -10.64 13.01
N SER B 191 8.83 -11.82 13.55
CA SER B 191 9.11 -12.15 14.94
C SER B 191 9.93 -13.44 14.95
N VAL B 192 11.23 -13.31 15.09
CA VAL B 192 12.14 -14.45 15.02
C VAL B 192 12.17 -15.15 16.38
N ILE B 193 11.90 -16.44 16.37
CA ILE B 193 11.87 -17.28 17.57
C ILE B 193 13.07 -18.20 17.51
N PHE B 194 14.00 -18.03 18.44
CA PHE B 194 15.21 -18.85 18.47
C PHE B 194 14.85 -20.33 18.33
N ALA B 195 15.55 -21.02 17.44
CA ALA B 195 15.20 -22.40 17.10
C ALA B 195 15.35 -23.37 18.26
N GLY B 196 16.02 -22.96 19.35
CA GLY B 196 16.13 -23.81 20.52
C GLY B 196 14.98 -23.72 21.50
N PHE B 197 14.02 -22.83 21.27
CA PHE B 197 12.93 -22.66 22.21
C PHE B 197 11.96 -23.85 22.16
N SER B 198 11.36 -24.13 23.31
CA SER B 198 10.41 -25.22 23.44
C SER B 198 9.07 -24.83 22.83
N ALA B 199 8.16 -25.82 22.78
CA ALA B 199 6.82 -25.55 22.28
C ALA B 199 6.13 -24.49 23.12
N GLY B 200 6.31 -24.54 24.44
CA GLY B 200 5.69 -23.54 25.30
C GLY B 200 6.20 -22.14 25.02
N SER B 201 7.51 -22.00 24.83
CA SER B 201 8.08 -20.69 24.54
C SER B 201 7.64 -20.17 23.17
N ILE B 202 7.46 -21.07 22.20
CA ILE B 202 6.91 -20.68 20.91
C ILE B 202 5.48 -20.19 21.07
N LYS B 203 4.68 -20.91 21.86
CA LYS B 203 3.27 -20.56 22.04
C LYS B 203 3.12 -19.13 22.54
N ASP B 204 3.83 -18.78 23.63
CA ASP B 204 3.66 -17.46 24.22
C ASP B 204 3.99 -16.35 23.24
N ARG B 205 5.00 -16.55 22.39
CA ARG B 205 5.44 -15.49 21.49
C ARG B 205 4.51 -15.32 20.30
N VAL B 206 4.00 -16.42 19.75
CA VAL B 206 3.08 -16.33 18.63
C VAL B 206 1.77 -15.67 19.06
N ASN B 207 1.29 -16.01 20.26
CA ASN B 207 -0.01 -15.50 20.70
C ASN B 207 0.06 -14.02 21.08
N ASP B 208 1.15 -13.60 21.73
CA ASP B 208 1.27 -12.20 22.11
C ASP B 208 1.33 -11.30 20.88
N ALA B 209 1.89 -11.80 19.78
CA ALA B 209 1.99 -11.05 18.55
C ALA B 209 0.86 -11.35 17.57
N SER B 210 0.03 -12.36 17.84
CA SER B 210 -1.07 -12.75 16.96
C SER B 210 -0.58 -12.93 15.53
N CYS B 211 0.50 -13.69 15.38
CA CYS B 211 1.08 -13.93 14.07
C CYS B 211 0.08 -14.64 13.16
N LYS B 212 -0.04 -14.15 11.93
CA LYS B 212 -0.93 -14.75 10.96
C LYS B 212 -0.29 -15.88 10.17
N ALA B 213 1.04 -16.00 10.20
CA ALA B 213 1.73 -17.04 9.47
C ALA B 213 3.00 -17.41 10.21
N LEU B 214 3.52 -18.59 9.88
CA LEU B 214 4.76 -19.10 10.47
C LEU B 214 5.63 -19.70 9.37
N ILE B 215 6.93 -19.43 9.43
CA ILE B 215 7.91 -19.98 8.50
C ILE B 215 8.89 -20.82 9.31
N THR B 216 9.00 -22.10 8.97
CA THR B 216 9.85 -23.01 9.71
C THR B 216 10.40 -24.07 8.77
N CYS B 217 11.00 -25.12 9.33
CA CYS B 217 11.54 -26.23 8.56
C CYS B 217 11.17 -27.53 9.25
N ASP B 218 11.37 -28.65 8.54
CA ASP B 218 10.94 -29.93 9.05
C ASP B 218 11.81 -30.38 10.24
N GLU B 219 13.12 -30.37 10.08
CA GLU B 219 14.04 -30.68 11.16
C GLU B 219 15.29 -29.82 11.00
N GLY B 220 16.09 -29.77 12.07
CA GLY B 220 17.34 -29.04 12.02
C GLY B 220 18.54 -29.94 12.16
N LYS B 221 19.72 -29.43 11.82
CA LYS B 221 20.97 -30.12 12.01
C LYS B 221 21.92 -29.22 12.77
N ARG B 222 22.35 -29.67 13.96
CA ARG B 222 23.25 -28.88 14.79
C ARG B 222 24.23 -29.85 15.44
N GLY B 223 25.52 -29.64 15.21
CA GLY B 223 26.53 -30.56 15.71
C GLY B 223 26.32 -31.99 15.24
N GLY B 224 25.79 -32.18 14.04
CA GLY B 224 25.51 -33.49 13.52
C GLY B 224 24.24 -34.14 14.04
N ARG B 225 23.59 -33.55 15.04
CA ARG B 225 22.38 -34.12 15.59
C ARG B 225 21.17 -33.53 14.90
N THR B 226 20.17 -34.37 14.68
CA THR B 226 18.91 -33.93 14.08
C THR B 226 18.03 -33.38 15.19
N THR B 227 17.61 -32.12 15.05
CA THR B 227 16.77 -31.47 16.04
C THR B 227 15.33 -31.44 15.53
N ASN B 228 14.38 -31.60 16.44
CA ASN B 228 12.98 -31.52 16.07
C ASN B 228 12.59 -30.05 15.98
N ILE B 229 11.99 -29.66 14.86
CA ILE B 229 11.57 -28.29 14.65
C ILE B 229 10.07 -28.28 14.40
N LYS B 230 9.66 -28.89 13.29
CA LYS B 230 8.24 -28.94 12.96
C LYS B 230 7.44 -29.60 14.08
N LYS B 231 7.99 -30.65 14.68
CA LYS B 231 7.27 -31.33 15.76
C LYS B 231 6.92 -30.37 16.88
N LEU B 232 7.87 -29.52 17.28
CA LEU B 232 7.60 -28.54 18.33
C LEU B 232 6.59 -27.49 17.86
N CYS B 233 6.65 -27.10 16.58
CA CYS B 233 5.68 -26.14 16.06
C CYS B 233 4.27 -26.71 16.11
N ASP B 234 4.09 -27.93 15.61
CA ASP B 234 2.78 -28.57 15.67
C ASP B 234 2.26 -28.60 17.10
N GLU B 235 3.14 -28.92 18.04
CA GLU B 235 2.75 -28.95 19.44
C GLU B 235 2.28 -27.58 19.91
N ALA B 236 2.96 -26.52 19.46
CA ALA B 236 2.58 -25.17 19.87
C ALA B 236 1.37 -24.67 19.10
N LEU B 237 1.27 -25.00 17.81
CA LEU B 237 0.22 -24.42 16.98
C LEU B 237 -1.17 -24.87 17.38
N VAL B 238 -1.30 -25.99 18.10
CA VAL B 238 -2.61 -26.44 18.55
C VAL B 238 -3.28 -25.37 19.42
N ASP B 239 -2.50 -24.46 20.00
CA ASP B 239 -3.02 -23.39 20.83
C ASP B 239 -2.70 -22.01 20.27
N CYS B 240 -2.48 -21.91 18.96
CA CYS B 240 -2.19 -20.64 18.29
C CYS B 240 -3.18 -20.46 17.15
N PRO B 241 -4.40 -20.01 17.45
CA PRO B 241 -5.43 -19.93 16.40
C PRO B 241 -5.20 -18.83 15.39
N THR B 242 -4.32 -17.86 15.66
CA THR B 242 -4.10 -16.78 14.69
C THR B 242 -3.27 -17.23 13.51
N VAL B 243 -2.50 -18.30 13.65
CA VAL B 243 -1.65 -18.79 12.57
C VAL B 243 -2.52 -19.49 11.54
N GLU B 244 -2.58 -18.92 10.33
CA GLU B 244 -3.44 -19.47 9.28
C GLU B 244 -2.69 -20.43 8.37
N LYS B 245 -1.42 -20.18 8.10
CA LYS B 245 -0.65 -21.02 7.20
C LYS B 245 0.79 -21.08 7.67
N VAL B 246 1.45 -22.19 7.35
CA VAL B 246 2.84 -22.43 7.72
C VAL B 246 3.61 -22.79 6.46
N LEU B 247 4.78 -22.18 6.29
CA LEU B 247 5.68 -22.52 5.19
C LEU B 247 6.82 -23.35 5.75
N VAL B 248 7.02 -24.53 5.18
CA VAL B 248 7.94 -25.53 5.73
C VAL B 248 9.05 -25.78 4.72
N TYR B 249 10.28 -25.47 5.12
CA TYR B 249 11.45 -25.76 4.28
C TYR B 249 11.94 -27.17 4.54
N LYS B 250 12.36 -27.85 3.47
CA LYS B 250 12.84 -29.23 3.56
C LYS B 250 14.32 -29.22 3.88
N ARG B 251 14.63 -29.00 5.16
CA ARG B 251 16.03 -28.99 5.60
C ARG B 251 16.62 -30.39 5.58
N THR B 252 15.88 -31.39 6.10
CA THR B 252 16.30 -32.78 6.05
C THR B 252 15.50 -33.61 5.07
N ASN B 253 14.33 -33.14 4.63
CA ASN B 253 13.46 -33.89 3.72
C ASN B 253 13.04 -35.23 4.33
N ASN B 254 12.97 -35.29 5.65
CA ASN B 254 12.53 -36.50 6.33
C ASN B 254 11.09 -36.81 5.91
N PRO B 255 10.83 -37.94 5.24
CA PRO B 255 9.46 -38.21 4.76
C PRO B 255 8.45 -38.40 5.87
N GLU B 256 8.89 -38.65 7.10
CA GLU B 256 7.97 -38.92 8.20
C GLU B 256 7.45 -37.65 8.87
N ILE B 257 7.91 -36.47 8.45
CA ILE B 257 7.48 -35.22 9.06
C ILE B 257 6.12 -34.86 8.46
N HIS B 258 5.08 -34.89 9.28
CA HIS B 258 3.71 -34.72 8.81
C HIS B 258 3.40 -33.25 8.58
N LEU B 259 2.64 -32.97 7.51
CA LEU B 259 2.13 -31.64 7.21
C LEU B 259 0.61 -31.68 7.27
N THR B 260 0.01 -30.71 7.95
CA THR B 260 -1.43 -30.64 8.11
C THR B 260 -2.06 -30.06 6.84
N GLU B 261 -2.92 -30.84 6.19
CA GLU B 261 -3.57 -30.38 4.97
C GLU B 261 -4.35 -29.10 5.24
N GLY B 262 -4.17 -28.11 4.37
CA GLY B 262 -4.88 -26.85 4.47
C GLY B 262 -4.17 -25.79 5.26
N ARG B 263 -3.15 -26.15 6.05
CA ARG B 263 -2.39 -25.19 6.83
C ARG B 263 -0.92 -25.14 6.45
N ASP B 264 -0.29 -26.30 6.27
CA ASP B 264 1.15 -26.37 6.05
C ASP B 264 1.46 -26.58 4.57
N TYR B 265 2.45 -25.85 4.08
CA TYR B 265 2.87 -25.92 2.68
C TYR B 265 4.39 -25.90 2.60
N TYR B 266 4.92 -26.51 1.56
CA TYR B 266 6.36 -26.65 1.42
C TYR B 266 6.98 -25.40 0.79
N TRP B 267 8.10 -24.97 1.37
CA TRP B 267 8.86 -23.83 0.84
C TRP B 267 9.13 -23.99 -0.64
N ASP B 268 9.75 -25.11 -1.03
CA ASP B 268 10.17 -25.29 -2.42
C ASP B 268 8.98 -25.35 -3.37
N VAL B 269 7.86 -25.93 -2.92
CA VAL B 269 6.71 -26.10 -3.80
C VAL B 269 6.06 -24.75 -4.10
N GLU B 270 5.90 -23.91 -3.08
CA GLU B 270 5.19 -22.65 -3.27
C GLU B 270 6.08 -21.59 -3.93
N THR B 271 7.35 -21.49 -3.52
CA THR B 271 8.24 -20.49 -4.12
C THR B 271 8.37 -20.72 -5.62
N ALA B 272 8.28 -21.97 -6.07
CA ALA B 272 8.38 -22.27 -7.49
C ALA B 272 7.23 -21.69 -8.30
N LYS B 273 6.14 -21.26 -7.66
CA LYS B 273 4.99 -20.72 -8.35
C LYS B 273 5.09 -19.24 -8.64
N PHE B 274 6.07 -18.54 -8.09
CA PHE B 274 6.09 -17.09 -8.12
C PHE B 274 7.38 -16.56 -8.71
N PRO B 275 7.34 -15.35 -9.27
CA PRO B 275 8.51 -14.83 -9.99
C PRO B 275 9.59 -14.31 -9.06
N GLY B 276 10.80 -14.19 -9.62
CA GLY B 276 11.96 -13.74 -8.90
C GLY B 276 12.04 -12.25 -8.65
N TYR B 277 10.97 -11.50 -8.94
CA TYR B 277 10.88 -10.12 -8.53
C TYR B 277 9.47 -9.82 -8.04
N LEU B 278 9.38 -9.11 -6.92
CA LEU B 278 8.12 -8.68 -6.36
C LEU B 278 8.37 -7.27 -5.83
N PRO B 279 7.52 -6.30 -6.14
CA PRO B 279 7.75 -4.93 -5.67
C PRO B 279 7.80 -4.87 -4.15
N PRO B 280 8.74 -4.15 -3.58
CA PRO B 280 8.69 -3.90 -2.13
C PRO B 280 7.60 -2.91 -1.77
N VAL B 281 7.11 -3.03 -0.54
CA VAL B 281 6.04 -2.18 -0.03
C VAL B 281 6.67 -1.09 0.84
N SER B 282 6.42 0.16 0.48
CA SER B 282 6.88 1.30 1.28
C SER B 282 6.17 1.33 2.63
N VAL B 283 6.94 1.56 3.69
CA VAL B 283 6.39 1.73 5.03
C VAL B 283 6.93 3.03 5.61
N ASN B 284 6.23 3.52 6.63
CA ASN B 284 6.65 4.73 7.31
C ASN B 284 7.90 4.46 8.15
N SER B 285 8.71 5.51 8.34
CA SER B 285 9.92 5.38 9.15
C SER B 285 9.62 4.73 10.49
N GLU B 286 8.46 5.05 11.08
CA GLU B 286 8.12 4.56 12.42
C GLU B 286 7.22 3.34 12.41
N ASP B 287 6.88 2.81 11.23
CA ASP B 287 6.17 1.54 11.20
C ASP B 287 7.06 0.45 11.78
N PRO B 288 6.51 -0.53 12.49
CA PRO B 288 7.36 -1.55 13.13
C PRO B 288 8.06 -2.41 12.08
N LEU B 289 9.37 -2.60 12.26
CA LEU B 289 10.14 -3.51 11.41
C LEU B 289 10.13 -4.93 11.94
N PHE B 290 10.22 -5.11 13.25
CA PHE B 290 10.18 -6.45 13.81
C PHE B 290 9.88 -6.41 15.30
N LEU B 291 9.40 -7.53 15.81
CA LEU B 291 9.26 -7.79 17.24
C LEU B 291 10.31 -8.82 17.63
N LEU B 292 10.99 -8.59 18.74
CA LEU B 292 11.99 -9.55 19.25
C LEU B 292 11.71 -9.78 20.73
N TYR B 293 11.22 -10.96 21.06
CA TYR B 293 10.84 -11.33 22.41
C TYR B 293 12.05 -11.73 23.23
N THR B 294 11.95 -11.52 24.55
CA THR B 294 13.06 -11.71 25.46
C THR B 294 12.69 -12.68 26.59
N THR B 300 7.87 -12.94 32.07
CA THR B 300 7.08 -13.12 30.86
C THR B 300 7.79 -12.47 29.68
N PRO B 301 7.81 -13.14 28.52
CA PRO B 301 8.48 -12.55 27.35
C PRO B 301 7.83 -11.24 26.94
N LYS B 302 8.66 -10.22 26.74
CA LYS B 302 8.23 -8.91 26.28
C LYS B 302 8.64 -8.73 24.83
N GLY B 303 7.70 -8.29 24.00
CA GLY B 303 7.98 -8.06 22.60
C GLY B 303 8.63 -6.71 22.34
N VAL B 304 9.95 -6.68 22.27
CA VAL B 304 10.66 -5.43 21.99
C VAL B 304 10.42 -5.06 20.53
N VAL B 305 9.87 -3.87 20.31
CA VAL B 305 9.50 -3.41 18.98
C VAL B 305 10.51 -2.38 18.51
N HIS B 306 11.06 -2.59 17.33
CA HIS B 306 11.99 -1.64 16.72
C HIS B 306 11.35 -1.00 15.49
N SER B 307 11.58 0.29 15.34
CA SER B 307 11.14 1.03 14.16
C SER B 307 11.90 0.53 12.93
N THR B 308 11.62 1.16 11.79
CA THR B 308 12.27 0.82 10.53
C THR B 308 13.45 1.74 10.24
N ALA B 309 13.19 3.04 10.04
CA ALA B 309 14.24 3.94 9.61
C ALA B 309 15.33 4.08 10.65
N GLY B 310 14.96 4.40 11.90
CA GLY B 310 15.96 4.62 12.92
C GLY B 310 16.80 3.38 13.19
N TYR B 311 16.15 2.22 13.27
CA TYR B 311 16.90 0.99 13.53
C TYR B 311 17.89 0.70 12.41
N LEU B 312 17.44 0.83 11.16
CA LEU B 312 18.32 0.56 10.04
C LEU B 312 19.51 1.52 10.03
N LEU B 313 19.26 2.80 10.32
CA LEU B 313 20.35 3.77 10.33
C LEU B 313 21.37 3.41 11.41
N GLY B 314 20.91 3.08 12.61
CA GLY B 314 21.82 2.66 13.66
C GLY B 314 22.63 1.44 13.26
N ALA B 315 21.98 0.47 12.62
CA ALA B 315 22.68 -0.72 12.17
C ALA B 315 23.79 -0.37 11.19
N ALA B 316 23.47 0.45 10.18
CA ALA B 316 24.47 0.81 9.19
C ALA B 316 25.57 1.67 9.80
N LEU B 317 25.18 2.66 10.62
CA LEU B 317 26.18 3.56 11.21
C LEU B 317 27.17 2.79 12.07
N SER B 318 26.68 2.00 13.02
CA SER B 318 27.57 1.29 13.94
C SER B 318 28.42 0.28 13.19
N THR B 319 27.81 -0.48 12.27
CA THR B 319 28.56 -1.44 11.48
C THR B 319 29.69 -0.75 10.72
N LYS B 320 29.40 0.43 10.16
CA LYS B 320 30.41 1.11 9.35
C LYS B 320 31.54 1.69 10.22
N TYR B 321 31.18 2.42 11.27
CA TYR B 321 32.18 3.20 12.00
C TYR B 321 32.84 2.43 13.14
N ILE B 322 32.09 1.59 13.86
CA ILE B 322 32.69 0.86 14.97
C ILE B 322 33.52 -0.31 14.46
N PHE B 323 33.02 -1.05 13.48
CA PHE B 323 33.76 -2.16 12.91
C PHE B 323 34.70 -1.75 11.78
N ASP B 324 34.54 -0.55 11.23
CA ASP B 324 35.33 -0.10 10.08
C ASP B 324 35.09 -1.02 8.88
N ILE B 325 33.85 -1.02 8.41
CA ILE B 325 33.40 -1.88 7.31
C ILE B 325 33.45 -1.09 6.01
N HIS B 326 34.12 -1.65 5.02
CA HIS B 326 34.20 -1.07 3.68
C HIS B 326 33.55 -2.02 2.68
N PRO B 327 33.26 -1.57 1.47
CA PRO B 327 32.61 -2.47 0.49
C PRO B 327 33.40 -3.73 0.21
N GLU B 328 34.72 -3.71 0.39
CA GLU B 328 35.55 -4.86 0.08
C GLU B 328 35.59 -5.90 1.20
N ASP B 329 34.97 -5.62 2.35
CA ASP B 329 35.13 -6.44 3.53
C ASP B 329 34.12 -7.58 3.57
N ILE B 330 34.35 -8.50 4.51
CA ILE B 330 33.53 -9.69 4.70
C ILE B 330 33.36 -9.90 6.21
N LEU B 331 32.12 -9.86 6.68
CA LEU B 331 31.81 -9.89 8.10
C LEU B 331 31.31 -11.27 8.50
N PHE B 332 31.87 -11.82 9.58
CA PHE B 332 31.44 -13.10 10.16
C PHE B 332 30.96 -12.82 11.57
N THR B 333 29.65 -12.65 11.74
CA THR B 333 29.04 -12.52 13.07
C THR B 333 28.59 -13.92 13.49
N ALA B 334 29.34 -14.53 14.41
CA ALA B 334 29.03 -15.86 14.92
C ALA B 334 27.92 -15.78 15.97
N GLY B 335 26.77 -15.32 15.53
CA GLY B 335 25.60 -15.22 16.38
C GLY B 335 24.40 -15.91 15.74
N ASP B 336 23.24 -15.74 16.35
CA ASP B 336 22.01 -16.37 15.87
C ASP B 336 20.94 -15.31 15.73
N VAL B 337 20.23 -15.33 14.60
CA VAL B 337 19.16 -14.36 14.37
C VAL B 337 18.06 -14.46 15.41
N GLY B 338 18.04 -15.53 16.21
CA GLY B 338 17.13 -15.58 17.34
C GLY B 338 17.39 -14.49 18.35
N TRP B 339 18.53 -13.81 18.27
CA TRP B 339 18.90 -12.78 19.23
C TRP B 339 19.22 -11.50 18.46
N ILE B 340 19.28 -10.39 19.19
CA ILE B 340 19.47 -9.10 18.54
C ILE B 340 20.81 -9.04 17.83
N THR B 341 21.82 -9.74 18.36
CA THR B 341 23.14 -9.72 17.75
C THR B 341 23.08 -10.19 16.31
N GLY B 342 22.36 -11.29 16.04
CA GLY B 342 22.20 -11.74 14.67
C GLY B 342 21.34 -10.78 13.84
N HIS B 343 20.27 -10.27 14.44
CA HIS B 343 19.42 -9.28 13.77
C HIS B 343 20.26 -8.15 13.18
N THR B 344 21.01 -7.47 14.05
CA THR B 344 21.63 -6.20 13.68
C THR B 344 22.94 -6.39 12.93
N TYR B 345 23.74 -7.40 13.29
CA TYR B 345 25.10 -7.50 12.79
C TYR B 345 25.39 -8.76 11.98
N ALA B 346 24.45 -9.70 11.89
CA ALA B 346 24.54 -10.75 10.88
C ALA B 346 23.69 -10.47 9.66
N LEU B 347 22.63 -9.66 9.80
CA LEU B 347 21.74 -9.36 8.69
C LEU B 347 21.77 -7.88 8.30
N TYR B 348 21.10 -7.03 9.09
CA TYR B 348 20.78 -5.69 8.64
C TYR B 348 22.03 -4.83 8.44
N GLY B 349 22.94 -4.84 9.41
CA GLY B 349 24.13 -4.03 9.34
C GLY B 349 24.95 -4.28 8.09
N PRO B 350 25.38 -5.53 7.90
CA PRO B 350 26.21 -5.83 6.71
C PRO B 350 25.48 -5.66 5.39
N LEU B 351 24.24 -6.15 5.29
CA LEU B 351 23.54 -6.08 4.01
C LEU B 351 23.19 -4.64 3.63
N LEU B 352 22.88 -3.79 4.61
CA LEU B 352 22.65 -2.39 4.32
C LEU B 352 23.85 -1.76 3.63
N LEU B 353 25.06 -2.07 4.11
CA LEU B 353 26.29 -1.56 3.53
C LEU B 353 26.70 -2.33 2.27
N GLY B 354 25.99 -3.40 1.92
CA GLY B 354 26.24 -4.10 0.68
C GLY B 354 27.40 -5.07 0.70
N VAL B 355 27.80 -5.56 1.87
CA VAL B 355 28.94 -6.46 1.96
C VAL B 355 28.45 -7.89 2.20
N PRO B 356 29.29 -8.90 1.96
CA PRO B 356 28.88 -10.27 2.29
C PRO B 356 28.90 -10.51 3.79
N THR B 357 27.97 -11.35 4.24
CA THR B 357 27.85 -11.72 5.64
C THR B 357 27.84 -13.23 5.74
N ILE B 358 28.60 -13.78 6.70
CA ILE B 358 28.75 -15.21 6.86
C ILE B 358 27.69 -15.71 7.83
N ILE B 359 26.82 -16.61 7.35
CA ILE B 359 25.71 -17.15 8.12
C ILE B 359 26.06 -18.58 8.48
N PHE B 360 26.42 -18.82 9.75
CA PHE B 360 26.91 -20.12 10.21
C PHE B 360 25.80 -20.84 10.95
N GLU B 361 25.41 -22.02 10.43
CA GLU B 361 24.31 -22.80 10.99
C GLU B 361 24.73 -23.69 12.15
N GLY B 362 26.02 -24.01 12.29
CA GLY B 362 26.47 -25.07 13.16
C GLY B 362 27.00 -24.55 14.49
N THR B 363 27.86 -25.38 15.10
CA THR B 363 28.51 -25.05 16.36
C THR B 363 30.01 -24.87 16.13
N PRO B 364 30.70 -24.18 17.03
CA PRO B 364 32.16 -24.04 16.88
C PRO B 364 32.92 -25.34 17.09
N ALA B 365 32.26 -26.42 17.48
CA ALA B 365 32.93 -27.68 17.78
C ALA B 365 32.69 -28.75 16.73
N TYR B 366 31.83 -28.49 15.73
CA TYR B 366 31.47 -29.52 14.77
C TYR B 366 31.86 -29.08 13.36
N PRO B 367 32.54 -29.93 12.58
CA PRO B 367 32.99 -31.30 12.91
C PRO B 367 34.14 -31.30 13.92
N ASP B 368 34.79 -30.16 14.16
CA ASP B 368 35.86 -30.09 15.15
C ASP B 368 35.98 -28.65 15.62
N TYR B 369 36.85 -28.45 16.60
CA TYR B 369 36.98 -27.16 17.28
C TYR B 369 37.74 -26.11 16.49
N GLY B 370 38.10 -26.41 15.24
CA GLY B 370 38.68 -25.43 14.34
C GLY B 370 37.71 -24.78 13.39
N ARG B 371 36.41 -25.09 13.49
CA ARG B 371 35.46 -24.72 12.44
C ARG B 371 35.42 -23.20 12.24
N PHE B 372 35.31 -22.44 13.32
CA PHE B 372 35.31 -20.98 13.20
C PHE B 372 36.47 -20.50 12.34
N TRP B 373 37.66 -21.03 12.59
CA TRP B 373 38.87 -20.56 11.94
C TRP B 373 39.01 -21.09 10.53
N GLN B 374 38.51 -22.30 10.28
CA GLN B 374 38.45 -22.81 8.92
C GLN B 374 37.52 -21.97 8.06
N ILE B 375 36.43 -21.44 8.65
CA ILE B 375 35.51 -20.59 7.91
C ILE B 375 36.17 -19.26 7.56
N VAL B 376 36.77 -18.61 8.55
CA VAL B 376 37.47 -17.34 8.31
C VAL B 376 38.51 -17.50 7.21
N GLU B 377 39.29 -18.58 7.28
CA GLU B 377 40.30 -18.82 6.26
C GLU B 377 39.67 -19.10 4.91
N LYS B 378 38.61 -19.91 4.89
CA LYS B 378 37.96 -20.28 3.64
C LYS B 378 37.50 -19.06 2.87
N HIS B 379 36.88 -18.10 3.55
CA HIS B 379 36.28 -16.95 2.89
C HIS B 379 37.06 -15.66 3.11
N LYS B 380 38.22 -15.72 3.76
CA LYS B 380 39.07 -14.55 3.98
C LYS B 380 38.28 -13.43 4.62
N ALA B 381 37.52 -13.78 5.66
CA ALA B 381 36.79 -12.78 6.41
C ALA B 381 37.73 -11.74 7.00
N THR B 382 37.28 -10.48 6.97
CA THR B 382 38.04 -9.37 7.53
C THR B 382 37.55 -8.94 8.90
N HIS B 383 36.34 -9.36 9.29
CA HIS B 383 35.73 -8.95 10.55
C HIS B 383 35.10 -10.16 11.20
N PHE B 384 35.36 -10.34 12.50
CA PHE B 384 34.85 -11.48 13.26
C PHE B 384 34.22 -10.97 14.54
N TYR B 385 33.02 -11.48 14.85
CA TYR B 385 32.19 -10.95 15.93
C TYR B 385 31.60 -12.13 16.68
N VAL B 386 31.89 -12.22 17.98
CA VAL B 386 31.52 -13.39 18.78
C VAL B 386 31.41 -12.97 20.24
N ALA B 387 30.72 -13.82 21.05
CA ALA B 387 30.55 -13.53 22.47
C ALA B 387 31.63 -14.21 23.30
N PRO B 388 32.05 -13.59 24.41
CA PRO B 388 33.08 -14.23 25.24
C PRO B 388 32.75 -15.65 25.65
N THR B 389 31.47 -16.02 25.75
CA THR B 389 31.12 -17.39 26.10
C THR B 389 31.75 -18.38 25.13
N ALA B 390 31.72 -18.07 23.83
CA ALA B 390 32.34 -18.94 22.85
C ALA B 390 33.85 -18.93 22.96
N LEU B 391 34.44 -17.75 23.22
CA LEU B 391 35.89 -17.66 23.35
C LEU B 391 36.39 -18.55 24.49
N ARG B 392 35.70 -18.55 25.63
CA ARG B 392 36.11 -19.40 26.74
C ARG B 392 36.09 -20.87 26.35
N LEU B 393 35.09 -21.29 25.58
CA LEU B 393 35.00 -22.68 25.15
C LEU B 393 36.17 -23.05 24.26
N LEU B 394 36.46 -22.20 23.27
CA LEU B 394 37.57 -22.49 22.36
C LEU B 394 38.92 -22.42 23.08
N ARG B 395 39.06 -21.51 24.05
CA ARG B 395 40.29 -21.50 24.83
C ARG B 395 40.44 -22.77 25.66
N LYS B 396 39.32 -23.33 26.13
CA LYS B 396 39.40 -24.49 27.01
C LYS B 396 39.59 -25.78 26.21
N ALA B 397 38.96 -25.90 25.04
CA ALA B 397 38.88 -27.17 24.33
C ALA B 397 39.55 -27.18 22.96
N GLY B 398 39.90 -26.01 22.41
CA GLY B 398 40.40 -25.97 21.04
C GLY B 398 41.49 -24.95 20.75
N GLU B 399 42.20 -24.50 21.78
CA GLU B 399 43.23 -23.49 21.55
C GLU B 399 44.23 -23.92 20.48
N GLN B 400 44.54 -25.21 20.43
CA GLN B 400 45.56 -25.70 19.50
C GLN B 400 45.14 -25.53 18.04
N GLU B 401 43.84 -25.55 17.76
CA GLU B 401 43.40 -25.55 16.37
C GLU B 401 43.55 -24.20 15.69
N ILE B 402 43.62 -23.11 16.47
CA ILE B 402 43.60 -21.78 15.87
C ILE B 402 44.80 -21.58 14.95
N ALA B 403 45.98 -21.97 15.42
CA ALA B 403 47.21 -21.77 14.67
C ALA B 403 47.28 -22.61 13.40
N LYS B 404 46.36 -23.55 13.21
CA LYS B 404 46.37 -24.39 12.01
C LYS B 404 45.83 -23.68 10.78
N TYR B 405 45.27 -22.49 10.94
CA TYR B 405 44.54 -21.81 9.88
C TYR B 405 45.13 -20.42 9.67
N ASP B 406 45.06 -19.96 8.42
CA ASP B 406 45.52 -18.62 8.07
C ASP B 406 44.43 -17.62 8.39
N LEU B 407 44.64 -16.83 9.44
CA LEU B 407 43.68 -15.82 9.88
C LEU B 407 44.17 -14.42 9.58
N SER B 408 45.11 -14.28 8.64
CA SER B 408 45.70 -12.98 8.35
C SER B 408 44.75 -12.06 7.58
N SER B 409 43.62 -12.57 7.10
CA SER B 409 42.62 -11.71 6.49
C SER B 409 41.86 -10.90 7.54
N LEU B 410 41.91 -11.32 8.81
CA LEU B 410 41.18 -10.63 9.84
C LEU B 410 41.85 -9.30 10.19
N ARG B 411 41.03 -8.34 10.57
CA ARG B 411 41.49 -7.02 10.98
C ARG B 411 40.73 -6.45 12.16
N THR B 412 39.45 -6.77 12.33
CA THR B 412 38.64 -6.32 13.44
C THR B 412 38.07 -7.53 14.16
N LEU B 413 38.22 -7.57 15.48
CA LEU B 413 37.71 -8.66 16.30
C LEU B 413 36.70 -8.07 17.28
N GLY B 414 35.45 -8.47 17.17
CA GLY B 414 34.39 -7.94 18.02
C GLY B 414 34.04 -8.89 19.14
N SER B 415 33.57 -8.30 20.25
CA SER B 415 33.10 -9.04 21.41
C SER B 415 31.79 -8.43 21.86
N VAL B 416 30.81 -9.28 22.20
CA VAL B 416 29.45 -8.82 22.45
C VAL B 416 28.77 -9.70 23.49
N GLY B 417 27.85 -9.09 24.23
CA GLY B 417 26.86 -9.79 25.01
C GLY B 417 27.15 -9.89 26.49
N GLU B 418 28.37 -9.60 26.90
CA GLU B 418 28.78 -9.89 28.26
C GLU B 418 30.18 -9.35 28.51
N PRO B 419 30.61 -9.25 29.76
CA PRO B 419 31.98 -8.76 30.02
C PRO B 419 33.02 -9.66 29.37
N ILE B 420 34.09 -9.05 28.89
CA ILE B 420 35.27 -9.76 28.41
C ILE B 420 36.40 -9.47 29.40
N SER B 421 36.86 -10.52 30.08
CA SER B 421 37.95 -10.40 31.04
C SER B 421 39.15 -9.75 30.37
N PRO B 422 39.97 -8.99 31.11
CA PRO B 422 41.27 -8.61 30.54
C PRO B 422 42.09 -9.81 30.09
N ASP B 423 41.99 -10.94 30.80
CA ASP B 423 42.70 -12.15 30.40
C ASP B 423 42.15 -12.70 29.09
N ILE B 424 40.83 -12.85 28.99
CA ILE B 424 40.22 -13.33 27.76
C ILE B 424 40.50 -12.34 26.62
N TRP B 425 40.50 -11.05 26.92
CA TRP B 425 40.87 -10.04 25.92
C TRP B 425 42.28 -10.28 25.40
N GLU B 426 43.23 -10.53 26.31
CA GLU B 426 44.61 -10.78 25.88
C GLU B 426 44.68 -12.07 25.06
N TRP B 427 43.99 -13.12 25.50
CA TRP B 427 43.96 -14.36 24.75
C TRP B 427 43.34 -14.15 23.37
N TYR B 428 42.16 -13.52 23.32
CA TYR B 428 41.54 -13.15 22.07
C TYR B 428 42.52 -12.37 21.18
N ASN B 429 43.17 -11.37 21.76
CA ASN B 429 44.09 -10.53 21.00
C ASN B 429 45.28 -11.32 20.49
N GLU B 430 45.80 -12.25 21.30
CA GLU B 430 47.04 -12.94 20.94
C GLU B 430 46.79 -14.14 20.04
N PHE B 431 45.91 -15.06 20.46
CA PHE B 431 45.80 -16.33 19.74
C PHE B 431 44.94 -16.21 18.49
N VAL B 432 43.91 -15.37 18.50
CA VAL B 432 43.08 -15.18 17.32
C VAL B 432 43.61 -14.05 16.45
N GLY B 433 43.89 -12.89 17.05
CA GLY B 433 44.35 -11.75 16.31
C GLY B 433 45.83 -11.67 16.08
N LYS B 434 46.61 -12.57 16.70
CA LYS B 434 48.06 -12.59 16.54
C LYS B 434 48.67 -11.23 16.92
N ASN B 435 47.99 -10.51 17.81
CA ASN B 435 48.44 -9.20 18.27
C ASN B 435 48.54 -8.20 17.12
N GLN B 436 47.74 -8.42 16.07
CA GLN B 436 47.75 -7.58 14.88
C GLN B 436 46.41 -6.96 14.56
N CYS B 437 45.36 -7.28 15.32
CA CYS B 437 44.01 -6.82 15.04
C CYS B 437 43.54 -5.83 16.08
N HIS B 438 42.53 -5.04 15.71
CA HIS B 438 41.82 -4.18 16.64
C HIS B 438 40.66 -4.95 17.24
N ILE B 439 40.49 -4.84 18.55
CA ILE B 439 39.40 -5.48 19.27
C ILE B 439 38.36 -4.43 19.62
N SER B 440 37.09 -4.73 19.33
CA SER B 440 35.96 -3.85 19.62
C SER B 440 35.04 -4.56 20.61
N ASP B 441 35.19 -4.24 21.89
CA ASP B 441 34.28 -4.70 22.93
C ASP B 441 33.03 -3.84 22.87
N THR B 442 31.95 -4.38 22.29
CA THR B 442 30.75 -3.62 22.01
C THR B 442 29.72 -3.84 23.12
N TYR B 443 29.38 -2.77 23.83
CA TYR B 443 28.31 -2.80 24.83
C TYR B 443 27.01 -2.30 24.21
N TRP B 444 25.94 -3.07 24.41
CA TRP B 444 24.60 -2.67 23.97
C TRP B 444 23.60 -3.71 24.46
N GLN B 445 22.35 -3.60 24.01
CA GLN B 445 21.30 -4.50 24.47
C GLN B 445 20.20 -4.52 23.42
N THR B 446 19.31 -5.52 23.55
CA THR B 446 18.24 -5.68 22.58
C THR B 446 17.50 -4.37 22.35
N GLU B 447 17.21 -3.64 23.43
CA GLU B 447 16.37 -2.45 23.32
C GLU B 447 17.11 -1.27 22.72
N SER B 448 18.44 -1.32 22.64
CA SER B 448 19.21 -0.22 22.04
C SER B 448 19.32 -0.36 20.52
N GLY B 449 19.01 -1.53 19.97
CA GLY B 449 19.04 -1.71 18.53
C GLY B 449 20.44 -1.89 17.97
N SER B 450 21.38 -1.08 18.41
CA SER B 450 22.76 -1.13 17.92
C SER B 450 23.70 -0.70 19.03
N HIS B 451 25.00 -0.65 18.69
CA HIS B 451 26.04 -0.39 19.68
C HIS B 451 25.79 0.91 20.42
N LEU B 452 25.99 0.89 21.74
CA LEU B 452 25.92 2.06 22.61
C LEU B 452 27.29 2.59 23.00
N ILE B 453 28.20 1.69 23.39
CA ILE B 453 29.56 2.05 23.80
C ILE B 453 30.51 1.02 23.20
N ALA B 454 31.48 1.49 22.42
CA ALA B 454 32.40 0.57 21.75
C ALA B 454 33.60 1.35 21.22
N PRO B 455 34.79 0.74 21.17
CA PRO B 455 35.96 1.42 20.58
C PRO B 455 35.95 1.28 19.07
N LEU B 456 35.83 2.41 18.38
CA LEU B 456 35.82 2.40 16.91
C LEU B 456 37.11 1.81 16.38
N ALA B 457 36.97 0.85 15.46
CA ALA B 457 38.15 0.16 14.92
C ALA B 457 39.08 1.15 14.22
N GLY B 458 40.35 1.15 14.64
CA GLY B 458 41.34 2.02 14.05
C GLY B 458 41.31 3.45 14.52
N VAL B 459 40.51 3.77 15.54
CA VAL B 459 40.32 5.15 15.96
C VAL B 459 40.54 5.28 17.47
N VAL B 460 39.87 4.45 18.25
CA VAL B 460 39.92 4.52 19.71
C VAL B 460 40.92 3.48 20.21
N PRO B 461 41.97 3.87 20.92
CA PRO B 461 42.84 2.86 21.54
C PRO B 461 42.13 2.16 22.68
N ASN B 462 42.54 0.92 22.94
CA ASN B 462 41.80 0.02 23.81
C ASN B 462 42.37 0.00 25.22
N LYS B 463 41.47 -0.16 26.18
CA LYS B 463 41.81 -0.61 27.53
C LYS B 463 41.14 -1.96 27.73
N PRO B 464 41.89 -3.06 27.87
CA PRO B 464 41.25 -4.37 27.97
C PRO B 464 40.15 -4.42 29.04
N GLY B 465 38.95 -4.79 28.63
CA GLY B 465 37.82 -4.87 29.53
C GLY B 465 36.90 -3.67 29.51
N SER B 466 37.31 -2.59 28.85
CA SER B 466 36.52 -1.37 28.77
C SER B 466 35.92 -1.21 27.38
N ALA B 467 34.65 -0.82 27.34
CA ALA B 467 33.98 -0.52 26.07
C ALA B 467 34.36 0.85 25.54
N SER B 468 35.07 1.67 26.33
CA SER B 468 35.58 2.97 25.90
C SER B 468 34.46 4.01 25.80
N TYR B 469 34.33 4.69 24.60
CA TYR B 469 33.52 5.88 24.48
C TYR B 469 32.11 5.56 23.97
N PRO B 470 31.11 6.35 24.36
CA PRO B 470 29.78 6.18 23.79
C PRO B 470 29.74 6.59 22.32
N PHE B 471 28.85 5.93 21.58
CA PHE B 471 28.78 6.07 20.13
C PHE B 471 27.93 7.29 19.75
N PHE B 472 27.91 7.59 18.45
CA PHE B 472 27.12 8.70 17.93
C PHE B 472 25.69 8.64 18.45
N GLY B 473 25.18 9.79 18.90
CA GLY B 473 23.81 9.91 19.34
C GLY B 473 23.54 9.36 20.72
N ILE B 474 24.56 8.83 21.40
CA ILE B 474 24.41 8.21 22.70
C ILE B 474 25.03 9.16 23.73
N ASP B 475 24.17 9.88 24.46
CA ASP B 475 24.63 10.79 25.50
C ASP B 475 24.63 10.03 26.83
N ALA B 476 25.72 9.29 27.04
CA ALA B 476 25.82 8.43 28.21
C ALA B 476 26.14 9.25 29.45
N ALA B 477 25.68 8.75 30.60
CA ALA B 477 25.94 9.40 31.88
C ALA B 477 25.87 8.36 32.97
N LEU B 478 26.40 8.71 34.14
CA LEU B 478 26.26 7.91 35.35
C LEU B 478 25.37 8.68 36.32
N ILE B 479 24.38 7.99 36.88
CA ILE B 479 23.42 8.59 37.81
C ILE B 479 23.43 7.80 39.11
N ASP B 480 23.37 8.51 40.22
CA ASP B 480 23.29 7.87 41.53
C ASP B 480 22.03 7.02 41.60
N PRO B 481 22.12 5.74 42.00
CA PRO B 481 20.93 4.87 41.95
C PRO B 481 19.92 5.17 43.04
N VAL B 482 20.27 5.93 44.06
CA VAL B 482 19.31 6.29 45.11
C VAL B 482 18.55 7.56 44.75
N THR B 483 19.23 8.55 44.17
CA THR B 483 18.64 9.85 43.90
C THR B 483 18.33 10.08 42.42
N GLY B 484 18.90 9.30 41.52
CA GLY B 484 18.68 9.55 40.11
C GLY B 484 19.32 10.80 39.59
N VAL B 485 20.26 11.39 40.32
CA VAL B 485 20.92 12.62 39.92
C VAL B 485 22.22 12.27 39.20
N GLU B 486 22.52 13.03 38.16
CA GLU B 486 23.69 12.72 37.33
C GLU B 486 24.98 12.98 38.11
N ILE B 487 25.94 12.09 37.92
CA ILE B 487 27.23 12.18 38.60
C ILE B 487 28.20 12.93 37.67
N GLU B 488 28.71 14.05 38.14
CA GLU B 488 29.65 14.84 37.37
C GLU B 488 31.08 14.38 37.63
N GLY B 489 31.93 14.56 36.63
CA GLY B 489 33.34 14.25 36.76
C GLY B 489 33.64 12.78 36.55
N ASN B 490 34.93 12.50 36.41
CA ASN B 490 35.42 11.16 36.11
C ASN B 490 35.92 10.49 37.39
N ASP B 491 36.38 9.25 37.26
CA ASP B 491 36.70 8.40 38.40
C ASP B 491 35.44 8.19 39.25
N ALA B 492 34.36 7.81 38.57
CA ALA B 492 33.05 7.70 39.19
C ALA B 492 32.39 6.38 38.79
N GLU B 493 31.34 6.02 39.53
CA GLU B 493 30.60 4.80 39.28
C GLU B 493 29.14 5.05 39.60
N GLY B 494 28.27 4.30 38.91
CA GLY B 494 26.85 4.42 39.17
C GLY B 494 26.03 3.71 38.09
N VAL B 495 24.77 4.10 38.02
CA VAL B 495 23.86 3.53 37.03
C VAL B 495 24.16 4.14 35.67
N LEU B 496 24.34 3.28 34.67
CA LEU B 496 24.54 3.74 33.30
C LEU B 496 23.19 4.13 32.71
N ALA B 497 23.04 5.39 32.33
CA ALA B 497 21.81 5.90 31.77
C ALA B 497 22.12 6.81 30.60
N ILE B 498 21.14 7.04 29.75
CA ILE B 498 21.29 7.84 28.54
C ILE B 498 20.31 8.99 28.57
N LYS B 499 20.79 10.18 28.22
CA LYS B 499 20.06 11.42 28.46
C LYS B 499 19.07 11.78 27.37
N ASP B 500 19.11 11.11 26.22
CA ASP B 500 18.17 11.37 25.15
C ASP B 500 18.06 10.12 24.31
N HIS B 501 16.94 9.98 23.60
CA HIS B 501 16.78 8.81 22.76
C HIS B 501 17.64 8.95 21.50
N TRP B 502 17.78 7.83 20.79
CA TRP B 502 18.65 7.72 19.64
C TRP B 502 17.93 6.95 18.55
N PRO B 503 18.41 7.04 17.30
CA PRO B 503 17.61 6.53 16.18
C PRO B 503 17.13 5.09 16.34
N SER B 504 18.00 4.18 16.77
CA SER B 504 17.68 2.77 16.82
C SER B 504 17.12 2.33 18.17
N MET B 505 16.75 3.27 19.04
CA MET B 505 16.14 2.90 20.30
C MET B 505 14.80 2.22 20.05
N ALA B 506 14.53 1.14 20.80
CA ALA B 506 13.24 0.48 20.69
C ALA B 506 12.12 1.45 21.03
N ARG B 507 10.99 1.30 20.34
CA ARG B 507 9.89 2.26 20.46
C ARG B 507 8.82 1.84 21.45
N THR B 508 8.64 0.55 21.69
CA THR B 508 7.61 0.10 22.63
C THR B 508 7.80 -1.38 22.92
N VAL B 509 6.99 -1.88 23.84
CA VAL B 509 6.76 -3.31 24.02
C VAL B 509 5.38 -3.61 23.44
N TYR B 510 5.31 -4.64 22.60
CA TYR B 510 4.12 -4.84 21.77
C TYR B 510 2.85 -4.91 22.61
N LYS B 511 1.92 -4.01 22.32
CA LYS B 511 0.63 -3.94 23.00
C LYS B 511 0.77 -3.82 24.51
N ASN B 512 1.89 -3.26 24.97
CA ASN B 512 2.13 -3.09 26.41
C ASN B 512 3.08 -1.93 26.64
N HIS B 513 2.72 -0.73 26.15
CA HIS B 513 3.60 0.42 26.28
C HIS B 513 3.81 0.83 27.74
N THR B 514 2.89 0.49 28.65
CA THR B 514 3.08 0.88 30.04
C THR B 514 4.24 0.12 30.68
N LYS B 515 4.38 -1.18 30.35
CA LYS B 515 5.55 -1.91 30.82
C LYS B 515 6.83 -1.31 30.25
N TYR B 516 6.81 -0.94 28.96
CA TYR B 516 7.93 -0.24 28.34
C TYR B 516 8.32 0.99 29.16
N MET B 517 7.34 1.86 29.44
CA MET B 517 7.64 3.08 30.19
C MET B 517 8.14 2.76 31.59
N ASP B 518 7.50 1.81 32.28
CA ASP B 518 7.90 1.46 33.63
C ASP B 518 9.29 0.86 33.70
N THR B 519 9.78 0.28 32.60
CA THR B 519 11.06 -0.41 32.60
C THR B 519 12.22 0.51 32.24
N TYR B 520 12.04 1.39 31.24
CA TYR B 520 13.14 2.15 30.68
C TYR B 520 13.08 3.63 30.99
N MET B 521 11.88 4.22 31.11
CA MET B 521 11.74 5.67 31.18
C MET B 521 11.36 6.20 32.55
N ASN B 522 10.61 5.42 33.34
CA ASN B 522 10.09 5.89 34.61
C ASN B 522 11.03 5.66 35.81
N PRO B 523 11.87 4.62 35.79
CA PRO B 523 12.75 4.42 36.97
C PRO B 523 13.61 5.64 37.28
N TYR B 524 14.15 6.30 36.25
CA TYR B 524 14.96 7.50 36.41
C TYR B 524 14.46 8.53 35.41
N PRO B 525 13.43 9.29 35.77
CA PRO B 525 12.77 10.17 34.80
C PRO B 525 13.75 11.12 34.12
N GLY B 526 13.59 11.28 32.80
CA GLY B 526 14.49 12.06 32.00
C GLY B 526 15.66 11.28 31.44
N TYR B 527 15.81 10.01 31.82
CA TYR B 527 16.89 9.17 31.35
C TYR B 527 16.32 7.87 30.78
N TYR B 528 17.14 7.17 30.02
CA TYR B 528 16.89 5.79 29.63
C TYR B 528 17.69 4.89 30.56
N PHE B 529 17.01 3.91 31.16
CA PHE B 529 17.60 3.04 32.17
C PHE B 529 18.10 1.76 31.48
N THR B 530 19.42 1.60 31.42
CA THR B 530 19.99 0.42 30.77
C THR B 530 19.87 -0.83 31.63
N GLY B 531 19.63 -0.67 32.93
CA GLY B 531 19.67 -1.78 33.85
C GLY B 531 21.07 -2.19 34.28
N ASP B 532 22.09 -1.52 33.76
CA ASP B 532 23.49 -1.87 34.01
C ASP B 532 24.14 -0.81 34.90
N GLY B 533 25.11 -1.26 35.69
CA GLY B 533 26.02 -0.37 36.37
C GLY B 533 27.31 -0.21 35.57
N ALA B 534 28.01 0.89 35.82
CA ALA B 534 29.22 1.18 35.07
C ALA B 534 30.05 2.20 35.83
N ALA B 535 31.27 2.40 35.35
CA ALA B 535 32.20 3.35 35.92
C ALA B 535 32.93 4.08 34.80
N ARG B 536 33.28 5.33 35.05
CA ARG B 536 33.94 6.18 34.06
C ARG B 536 35.27 6.66 34.64
N ASP B 537 36.37 6.34 33.96
CA ASP B 537 37.69 6.66 34.46
C ASP B 537 38.11 8.04 33.98
N HIS B 538 39.33 8.43 34.35
CA HIS B 538 39.80 9.79 34.10
C HIS B 538 39.94 10.11 32.62
N ASP B 539 40.00 9.09 31.76
CA ASP B 539 40.06 9.30 30.32
C ASP B 539 38.68 9.30 29.66
N GLY B 540 37.61 9.16 30.45
CA GLY B 540 36.28 9.08 29.90
C GLY B 540 35.84 7.71 29.45
N TYR B 541 36.71 6.70 29.59
CA TYR B 541 36.34 5.34 29.20
C TYR B 541 35.35 4.76 30.20
N TYR B 542 34.34 4.06 29.68
CA TYR B 542 33.33 3.43 30.51
C TYR B 542 33.68 1.97 30.76
N TRP B 543 33.50 1.53 31.99
CA TRP B 543 33.72 0.14 32.40
C TRP B 543 32.38 -0.40 32.85
N ILE B 544 31.85 -1.38 32.12
CA ILE B 544 30.54 -1.94 32.45
C ILE B 544 30.68 -2.83 33.68
N ARG B 545 29.87 -2.56 34.70
CA ARG B 545 29.84 -3.35 35.91
C ARG B 545 28.68 -4.33 35.82
N GLY B 546 28.33 -4.94 36.94
CA GLY B 546 27.23 -5.87 36.98
C GLY B 546 25.88 -5.20 36.78
N ARG B 547 24.84 -6.02 36.81
CA ARG B 547 23.47 -5.56 36.66
C ARG B 547 22.98 -4.87 37.93
N VAL B 548 22.15 -3.85 37.73
CA VAL B 548 21.51 -3.18 38.85
C VAL B 548 20.44 -4.11 39.41
N ASP B 549 20.12 -3.92 40.69
CA ASP B 549 19.24 -4.83 41.40
C ASP B 549 17.79 -4.38 41.21
N ASP B 550 16.88 -4.89 42.03
CA ASP B 550 15.48 -4.48 41.96
C ASP B 550 15.38 -2.98 42.21
N VAL B 551 14.85 -2.25 41.24
CA VAL B 551 14.55 -0.84 41.41
C VAL B 551 13.06 -0.64 41.21
N VAL B 552 12.35 -0.36 42.30
CA VAL B 552 10.95 0.03 42.27
C VAL B 552 10.91 1.48 42.73
N ASN B 553 10.22 2.32 41.97
CA ASN B 553 10.24 3.76 42.22
C ASN B 553 8.85 4.18 42.68
N VAL B 554 8.71 4.35 43.99
CA VAL B 554 7.46 4.74 44.61
C VAL B 554 7.64 6.18 45.08
N SER B 555 7.02 7.12 44.37
CA SER B 555 7.05 8.53 44.76
C SER B 555 8.49 9.02 44.95
N GLY B 556 9.37 8.60 44.05
CA GLY B 556 10.77 9.01 44.08
C GLY B 556 11.69 8.16 44.94
N HIS B 557 11.16 7.31 45.82
CA HIS B 557 12.00 6.45 46.65
C HIS B 557 12.28 5.14 45.91
N ARG B 558 13.53 4.94 45.51
CA ARG B 558 13.93 3.67 44.91
C ARG B 558 13.91 2.57 45.96
N LEU B 559 13.19 1.49 45.69
CA LEU B 559 13.06 0.40 46.63
C LEU B 559 13.57 -0.89 46.00
N SER B 560 13.99 -1.83 46.85
CA SER B 560 14.46 -3.15 46.43
C SER B 560 13.48 -4.20 46.94
N THR B 561 12.81 -4.89 46.03
CA THR B 561 11.88 -5.95 46.44
C THR B 561 12.61 -7.06 47.17
N ALA B 562 13.83 -7.38 46.74
CA ALA B 562 14.61 -8.41 47.44
C ALA B 562 14.97 -7.95 48.84
N GLU B 563 15.26 -6.66 49.00
CA GLU B 563 15.60 -6.12 50.31
C GLU B 563 14.40 -6.16 51.26
N ILE B 564 13.18 -6.02 50.73
CA ILE B 564 11.99 -6.06 51.57
C ILE B 564 11.64 -7.50 51.95
N GLU B 565 11.79 -8.45 51.01
CA GLU B 565 11.54 -9.85 51.34
C GLU B 565 12.41 -10.31 52.50
N ALA B 566 13.68 -9.91 52.51
CA ALA B 566 14.56 -10.31 53.61
C ALA B 566 14.06 -9.78 54.95
N ALA B 567 13.56 -8.53 54.96
CA ALA B 567 13.05 -7.97 56.20
C ALA B 567 11.80 -8.68 56.67
N LEU B 568 10.88 -8.98 55.75
CA LEU B 568 9.67 -9.72 56.12
C LEU B 568 10.01 -11.12 56.60
N ILE B 569 11.10 -11.70 56.11
CA ILE B 569 11.46 -13.06 56.51
C ILE B 569 12.13 -13.06 57.88
N GLU B 570 12.77 -11.95 58.27
CA GLU B 570 13.34 -11.85 59.60
C GLU B 570 12.27 -12.06 60.67
N ASP B 571 11.02 -11.74 60.35
CA ASP B 571 9.91 -12.02 61.26
C ASP B 571 9.73 -13.53 61.39
N LYS B 572 9.92 -14.05 62.60
CA LYS B 572 9.87 -15.50 62.81
C LYS B 572 8.52 -16.10 62.46
N LYS B 573 7.47 -15.27 62.35
CA LYS B 573 6.14 -15.77 61.98
C LYS B 573 6.04 -16.11 60.50
N VAL B 574 6.92 -15.57 59.67
CA VAL B 574 6.86 -15.73 58.23
C VAL B 574 7.78 -16.88 57.83
N SER B 575 7.26 -17.79 57.01
CA SER B 575 8.08 -18.88 56.46
C SER B 575 8.70 -18.48 55.13
N GLU B 576 7.92 -17.84 54.25
CA GLU B 576 8.43 -17.36 52.98
C GLU B 576 7.64 -16.10 52.62
N ALA B 577 8.27 -15.23 51.84
CA ALA B 577 7.67 -13.96 51.46
C ALA B 577 8.09 -13.61 50.04
N ALA B 578 7.18 -12.99 49.30
CA ALA B 578 7.45 -12.55 47.94
C ALA B 578 6.92 -11.14 47.74
N VAL B 579 7.80 -10.25 47.26
CA VAL B 579 7.46 -8.85 47.03
C VAL B 579 7.70 -8.56 45.56
N VAL B 580 6.74 -7.88 44.93
CA VAL B 580 6.84 -7.51 43.52
C VAL B 580 6.34 -6.08 43.37
N GLY B 581 6.63 -5.50 42.20
CA GLY B 581 6.22 -4.14 41.88
C GLY B 581 5.19 -4.16 40.77
N ILE B 582 4.29 -3.17 40.82
CA ILE B 582 3.25 -3.03 39.81
C ILE B 582 3.03 -1.55 39.53
N HIS B 583 2.47 -1.27 38.35
CA HIS B 583 2.19 0.11 37.97
C HIS B 583 1.19 0.73 38.93
N ASP B 584 1.31 2.04 39.14
CA ASP B 584 0.40 2.79 39.99
C ASP B 584 0.21 4.17 39.37
N ASP B 585 -1.06 4.55 39.16
CA ASP B 585 -1.37 5.81 38.50
C ASP B 585 -0.97 7.02 39.33
N ILE B 586 -0.76 6.86 40.63
CA ILE B 586 -0.50 7.99 41.51
C ILE B 586 0.97 8.07 41.89
N THR B 587 1.52 6.98 42.42
CA THR B 587 2.89 6.96 42.91
C THR B 587 3.87 6.38 41.91
N GLY B 588 3.44 6.17 40.66
CA GLY B 588 4.31 5.62 39.64
C GLY B 588 4.41 4.12 39.71
N GLN B 589 4.91 3.61 40.83
CA GLN B 589 4.93 2.18 41.09
C GLN B 589 4.54 1.91 42.54
N ALA B 590 4.03 0.71 42.78
CA ALA B 590 3.69 0.28 44.13
C ALA B 590 4.18 -1.14 44.34
N VAL B 591 4.66 -1.42 45.56
CA VAL B 591 5.14 -2.75 45.95
C VAL B 591 4.03 -3.47 46.71
N ILE B 592 3.81 -4.73 46.37
CA ILE B 592 2.83 -5.58 47.04
C ILE B 592 3.55 -6.80 47.59
N ALA B 593 3.38 -7.06 48.89
CA ALA B 593 4.05 -8.16 49.56
C ALA B 593 3.06 -9.30 49.82
N TYR B 594 3.41 -10.49 49.35
CA TYR B 594 2.66 -11.71 49.64
C TYR B 594 3.42 -12.53 50.66
N VAL B 595 2.75 -12.88 51.77
CA VAL B 595 3.40 -13.52 52.90
C VAL B 595 2.72 -14.86 53.17
N ALA B 596 3.54 -15.90 53.34
CA ALA B 596 3.09 -17.21 53.76
C ALA B 596 3.61 -17.47 55.17
N LEU B 597 2.72 -17.90 56.06
CA LEU B 597 3.07 -18.07 57.47
C LEU B 597 3.29 -19.54 57.83
N GLU B 607 -5.74 -9.05 60.65
CA GLU B 607 -5.60 -7.63 60.38
C GLU B 607 -4.57 -6.98 61.31
N GLY B 608 -4.46 -7.54 62.52
CA GLY B 608 -3.49 -7.01 63.46
C GLY B 608 -2.06 -7.37 63.11
N LEU B 609 -1.84 -8.63 62.71
CA LEU B 609 -0.50 -9.05 62.29
C LEU B 609 -0.03 -8.27 61.08
N ARG B 610 -0.95 -7.83 60.22
CA ARG B 610 -0.56 -7.07 59.04
C ARG B 610 0.15 -5.78 59.43
N LYS B 611 -0.28 -5.12 60.51
CA LYS B 611 0.41 -3.93 60.96
C LYS B 611 1.78 -4.25 61.55
N GLU B 612 1.95 -5.45 62.11
CA GLU B 612 3.23 -5.82 62.70
C GLU B 612 4.31 -5.99 61.64
N LEU B 613 3.94 -6.54 60.47
CA LEU B 613 4.92 -6.77 59.42
C LEU B 613 5.37 -5.45 58.77
N VAL B 614 4.44 -4.50 58.61
CA VAL B 614 4.77 -3.24 57.96
C VAL B 614 5.78 -2.45 58.79
N LEU B 615 5.62 -2.45 60.11
CA LEU B 615 6.58 -1.74 60.96
C LEU B 615 7.97 -2.37 60.86
N GLN B 616 8.04 -3.70 60.73
CA GLN B 616 9.32 -4.36 60.58
C GLN B 616 10.08 -3.83 59.36
N VAL B 617 9.36 -3.59 58.25
CA VAL B 617 10.02 -3.08 57.05
C VAL B 617 10.47 -1.64 57.25
N ARG B 618 9.64 -0.83 57.92
CA ARG B 618 10.03 0.55 58.17
C ARG B 618 11.26 0.64 59.08
N LYS B 619 11.36 -0.27 60.05
CA LYS B 619 12.47 -0.20 61.01
C LYS B 619 13.79 -0.61 60.37
N THR B 620 13.79 -1.67 59.55
CA THR B 620 15.02 -2.23 59.03
C THR B 620 15.47 -1.59 57.72
N ILE B 621 14.53 -1.16 56.88
CA ILE B 621 14.87 -0.58 55.59
C ILE B 621 14.75 0.94 55.67
N GLY B 622 13.54 1.44 55.90
CA GLY B 622 13.29 2.87 55.96
C GLY B 622 11.83 3.20 55.98
N PRO B 623 11.50 4.45 56.34
CA PRO B 623 10.08 4.80 56.52
C PRO B 623 9.25 4.60 55.27
N PHE B 624 9.80 4.99 54.12
CA PHE B 624 9.11 4.99 52.84
C PHE B 624 9.21 3.67 52.10
N ALA B 625 9.77 2.63 52.72
CA ALA B 625 9.91 1.33 52.09
C ALA B 625 8.79 0.37 52.43
N ALA B 626 7.82 0.79 53.24
CA ALA B 626 6.74 -0.09 53.61
C ALA B 626 5.91 -0.48 52.39
N PRO B 627 5.49 -1.74 52.27
CA PRO B 627 4.63 -2.12 51.15
C PRO B 627 3.28 -1.42 51.22
N LYS B 628 2.74 -1.09 50.05
CA LYS B 628 1.40 -0.51 50.02
C LYS B 628 0.37 -1.47 50.59
N SER B 629 0.61 -2.78 50.46
CA SER B 629 -0.32 -3.77 51.00
C SER B 629 0.43 -5.07 51.26
N VAL B 630 0.03 -5.77 52.31
CA VAL B 630 0.58 -7.07 52.67
C VAL B 630 -0.57 -8.07 52.61
N ILE B 631 -0.49 -9.00 51.66
CA ILE B 631 -1.53 -10.01 51.46
C ILE B 631 -1.02 -11.33 51.99
N ILE B 632 -1.72 -11.91 52.96
CA ILE B 632 -1.33 -13.16 53.58
C ILE B 632 -2.00 -14.29 52.82
N VAL B 633 -1.18 -15.22 52.30
CA VAL B 633 -1.63 -16.33 51.49
C VAL B 633 -1.21 -17.64 52.16
N GLN B 634 -1.76 -18.74 51.65
CA GLN B 634 -1.39 -20.06 52.16
C GLN B 634 -0.11 -20.58 51.52
N ASP B 635 0.19 -20.16 50.28
CA ASP B 635 1.37 -20.65 49.58
C ASP B 635 1.60 -19.80 48.34
N LEU B 636 2.90 -19.58 48.00
CA LEU B 636 3.39 -18.82 46.86
C LEU B 636 3.71 -19.72 45.67
N PRO B 637 3.64 -19.20 44.45
CA PRO B 637 3.98 -20.01 43.27
C PRO B 637 5.48 -20.23 43.17
N LYS B 638 5.86 -21.43 42.72
CA LYS B 638 7.26 -21.81 42.61
C LYS B 638 7.47 -22.63 41.35
N THR B 639 8.73 -22.72 40.91
CA THR B 639 9.09 -23.53 39.76
C THR B 639 9.98 -24.72 40.15
N ARG B 640 11.16 -24.46 40.70
CA ARG B 640 12.07 -25.52 41.11
C ARG B 640 13.29 -24.95 41.82
N ILE B 644 10.67 -18.95 43.52
CA ILE B 644 9.35 -18.32 43.48
C ILE B 644 9.11 -17.77 42.08
N MET B 645 7.92 -18.03 41.53
CA MET B 645 7.56 -17.54 40.20
C MET B 645 6.82 -16.22 40.38
N ARG B 646 7.59 -15.16 40.60
CA ARG B 646 7.01 -13.84 40.82
C ARG B 646 6.34 -13.29 39.58
N ARG B 647 6.64 -13.84 38.40
CA ARG B 647 5.93 -13.43 37.20
C ARG B 647 4.42 -13.60 37.38
N ILE B 648 4.01 -14.57 38.19
CA ILE B 648 2.60 -14.80 38.46
C ILE B 648 2.05 -13.78 39.44
N LEU B 649 2.85 -13.39 40.45
CA LEU B 649 2.37 -12.45 41.46
C LEU B 649 2.14 -11.05 40.89
N ARG B 650 2.92 -10.65 39.89
CA ARG B 650 2.73 -9.32 39.30
C ARG B 650 1.42 -9.24 38.53
N LYS B 651 1.13 -10.27 37.72
CA LYS B 651 -0.09 -10.28 36.92
C LYS B 651 -1.34 -10.43 37.78
N VAL B 652 -1.20 -10.90 39.02
CA VAL B 652 -2.34 -11.03 39.91
C VAL B 652 -2.59 -9.74 40.68
N SER B 653 -1.53 -9.12 41.21
CA SER B 653 -1.69 -7.85 41.91
C SER B 653 -2.37 -6.81 41.03
N SER B 654 -2.11 -6.84 39.72
CA SER B 654 -2.91 -6.14 38.74
C SER B 654 -4.02 -7.05 38.25
N ASN B 655 -5.10 -6.43 37.74
CA ASN B 655 -6.25 -7.19 37.28
C ASN B 655 -6.01 -7.72 35.85
N LEU B 666 3.80 -24.49 37.03
CA LEU B 666 4.86 -25.35 37.54
C LEU B 666 4.65 -25.65 39.02
N SER B 667 5.18 -26.78 39.46
CA SER B 667 5.23 -27.14 40.88
C SER B 667 3.83 -27.29 41.49
N ASN B 668 3.27 -26.18 41.98
CA ASN B 668 1.98 -26.17 42.68
C ASN B 668 1.02 -25.23 41.96
N PRO B 669 0.52 -25.62 40.79
CA PRO B 669 -0.42 -24.75 40.06
C PRO B 669 -1.73 -24.49 40.80
N GLN B 670 -2.09 -25.33 41.78
CA GLN B 670 -3.34 -25.13 42.50
C GLN B 670 -3.30 -23.89 43.40
N SER B 671 -2.11 -23.42 43.76
CA SER B 671 -2.01 -22.27 44.66
C SER B 671 -2.48 -20.97 44.02
N VAL B 672 -2.57 -20.93 42.69
CA VAL B 672 -2.93 -19.69 42.01
C VAL B 672 -4.33 -19.24 42.42
N GLU B 673 -5.26 -20.19 42.57
CA GLU B 673 -6.63 -19.86 42.94
C GLU B 673 -6.68 -19.11 44.26
N GLY B 674 -5.94 -19.61 45.26
CA GLY B 674 -6.00 -18.99 46.58
C GLY B 674 -5.39 -17.61 46.63
N ILE B 675 -4.38 -17.34 45.80
CA ILE B 675 -3.74 -16.03 45.81
C ILE B 675 -4.63 -14.99 45.16
N ILE B 676 -5.40 -15.38 44.14
CA ILE B 676 -6.33 -14.43 43.52
C ILE B 676 -7.41 -14.04 44.52
N SER B 677 -7.91 -15.01 45.29
CA SER B 677 -8.92 -14.71 46.30
C SER B 677 -8.31 -13.93 47.46
N ALA B 678 -7.08 -14.27 47.85
CA ALA B 678 -6.44 -13.60 48.97
C ALA B 678 -6.15 -12.14 48.65
N PHE B 679 -5.73 -11.84 47.43
CA PHE B 679 -5.47 -10.45 47.07
C PHE B 679 -6.74 -9.62 47.15
N GLY B 680 -7.87 -10.19 46.72
CA GLY B 680 -9.14 -9.50 46.87
C GLY B 680 -9.59 -9.39 48.31
N ALA B 681 -9.09 -10.26 49.18
CA ALA B 681 -9.46 -10.26 50.59
C ALA B 681 -8.48 -9.42 51.40
N THR C 21 -33.85 53.26 -2.87
CA THR C 21 -35.02 52.56 -2.35
C THR C 21 -35.21 51.24 -3.09
N HIS C 22 -35.82 50.27 -2.40
CA HIS C 22 -36.04 48.94 -2.94
C HIS C 22 -37.53 48.65 -3.03
N ASN C 23 -37.94 48.06 -4.16
CA ASN C 23 -39.32 47.65 -4.35
C ASN C 23 -39.56 46.18 -4.02
N VAL C 24 -38.51 45.35 -4.07
CA VAL C 24 -38.64 43.92 -3.83
C VAL C 24 -38.19 43.59 -2.42
N VAL C 25 -36.92 43.87 -2.12
CA VAL C 25 -36.35 43.55 -0.82
C VAL C 25 -36.87 44.54 0.21
N HIS C 26 -38.01 44.23 0.82
CA HIS C 26 -38.60 45.12 1.81
C HIS C 26 -37.71 45.25 3.04
N GLU C 27 -36.93 44.21 3.35
CA GLU C 27 -36.03 44.27 4.50
C GLU C 27 -34.92 45.29 4.30
N ALA C 28 -34.69 45.76 3.07
CA ALA C 28 -33.57 46.63 2.76
C ALA C 28 -33.90 48.11 2.89
N ASN C 29 -35.19 48.47 2.85
CA ASN C 29 -35.57 49.88 2.85
C ASN C 29 -35.16 50.58 4.14
N GLY C 30 -34.13 51.42 4.05
CA GLY C 30 -33.73 52.25 5.18
C GLY C 30 -32.97 51.50 6.26
N VAL C 31 -31.86 50.86 5.89
CA VAL C 31 -30.99 50.16 6.83
C VAL C 31 -29.60 50.79 6.74
N LYS C 32 -29.20 51.46 7.82
CA LYS C 32 -27.89 52.12 7.84
C LYS C 32 -26.78 51.09 7.89
N LEU C 33 -25.82 51.22 6.98
CA LEU C 33 -24.64 50.35 7.02
C LEU C 33 -23.91 50.52 8.34
N ARG C 34 -23.40 49.41 8.86
CA ARG C 34 -22.77 49.37 10.18
C ARG C 34 -21.30 48.98 9.98
N GLU C 35 -20.45 49.98 9.79
CA GLU C 35 -19.03 49.74 9.64
C GLU C 35 -18.46 49.11 10.91
N THR C 36 -17.41 48.33 10.74
CA THR C 36 -16.80 47.67 11.88
C THR C 36 -16.28 48.71 12.88
N PRO C 37 -16.47 48.51 14.18
CA PRO C 37 -15.99 49.50 15.15
C PRO C 37 -14.48 49.68 15.08
N LYS C 38 -14.03 50.89 15.42
CA LYS C 38 -12.61 51.17 15.44
C LYS C 38 -11.88 50.33 16.49
N GLU C 39 -12.60 49.91 17.54
CA GLU C 39 -11.97 49.12 18.59
C GLU C 39 -11.65 47.70 18.14
N PHE C 40 -12.23 47.26 17.01
CA PHE C 40 -11.91 45.94 16.48
C PHE C 40 -10.47 45.87 15.98
N PHE C 41 -9.94 46.99 15.48
CA PHE C 41 -8.58 47.01 14.96
C PHE C 41 -7.54 47.28 16.04
N GLU C 42 -7.93 47.89 17.16
CA GLU C 42 -7.00 48.04 18.28
C GLU C 42 -6.61 46.67 18.85
N ARG C 43 -7.52 45.70 18.77
CA ARG C 43 -7.32 44.38 19.35
C ARG C 43 -6.75 43.38 18.36
N GLN C 44 -6.59 43.76 17.10
CA GLN C 44 -5.99 42.84 16.13
C GLN C 44 -4.51 42.65 16.46
N PRO C 45 -4.01 41.42 16.49
CA PRO C 45 -2.57 41.23 16.76
C PRO C 45 -1.68 41.60 15.58
N ASN C 46 -2.20 41.56 14.36
CA ASN C 46 -1.41 41.83 13.16
C ASN C 46 -2.28 42.56 12.15
N LYS C 47 -1.62 43.09 11.12
CA LYS C 47 -2.33 43.70 10.01
C LYS C 47 -3.34 42.71 9.45
N GLY C 48 -4.59 43.17 9.29
CA GLY C 48 -5.65 42.32 8.79
C GLY C 48 -5.26 41.56 7.54
N HIS C 49 -5.98 40.49 7.23
CA HIS C 49 -5.65 39.67 6.08
C HIS C 49 -6.11 40.30 4.77
N ILE C 50 -7.19 41.07 4.81
CA ILE C 50 -7.63 41.88 3.68
C ILE C 50 -7.78 43.31 4.17
N HIS C 51 -7.32 44.26 3.36
CA HIS C 51 -7.32 45.66 3.77
C HIS C 51 -8.75 46.20 3.85
N ASP C 52 -9.36 46.44 2.70
CA ASP C 52 -10.68 47.05 2.62
C ASP C 52 -11.63 46.14 1.86
N VAL C 53 -12.92 46.53 1.89
CA VAL C 53 -13.95 45.77 1.19
C VAL C 53 -13.71 45.74 -0.31
N ASN C 54 -12.91 46.68 -0.83
CA ASN C 54 -12.65 46.70 -2.26
C ASN C 54 -11.71 45.57 -2.67
N GLN C 55 -10.63 45.38 -1.92
CA GLN C 55 -9.73 44.27 -2.22
C GLN C 55 -10.44 42.93 -2.12
N TYR C 56 -11.40 42.80 -1.21
CA TYR C 56 -12.13 41.54 -1.08
C TYR C 56 -12.83 41.16 -2.38
N LYS C 57 -13.27 42.14 -3.17
CA LYS C 57 -13.95 41.84 -4.41
C LYS C 57 -12.96 41.54 -5.54
N GLN C 58 -11.74 42.07 -5.47
CA GLN C 58 -10.70 41.66 -6.41
C GLN C 58 -10.30 40.21 -6.18
N MET C 59 -10.24 39.79 -4.91
CA MET C 59 -9.97 38.40 -4.60
C MET C 59 -11.19 37.52 -4.89
N TYR C 60 -12.38 38.03 -4.59
CA TYR C 60 -13.59 37.24 -4.84
C TYR C 60 -13.80 36.99 -6.32
N GLU C 61 -13.70 38.04 -7.13
CA GLU C 61 -13.94 37.89 -8.57
C GLU C 61 -12.96 36.90 -9.17
N GLN C 62 -11.69 36.95 -8.75
CA GLN C 62 -10.71 35.98 -9.26
C GLN C 62 -11.07 34.57 -8.83
N SER C 63 -11.58 34.41 -7.60
CA SER C 63 -11.97 33.09 -7.12
C SER C 63 -13.16 32.54 -7.89
N ILE C 64 -13.92 33.39 -8.57
CA ILE C 64 -15.02 32.93 -9.41
C ILE C 64 -14.57 32.74 -10.85
N LYS C 65 -13.76 33.66 -11.36
CA LYS C 65 -13.34 33.62 -12.76
C LYS C 65 -12.09 32.79 -12.98
N ASP C 66 -11.23 32.67 -11.97
CA ASP C 66 -9.98 31.93 -12.08
C ASP C 66 -9.78 31.09 -10.82
N PRO C 67 -10.61 30.07 -10.63
CA PRO C 67 -10.46 29.23 -9.43
C PRO C 67 -9.13 28.48 -9.38
N GLN C 68 -8.57 28.12 -10.53
CA GLN C 68 -7.31 27.38 -10.54
C GLN C 68 -6.18 28.24 -9.98
N GLY C 69 -6.09 29.49 -10.41
CA GLY C 69 -5.03 30.38 -9.97
C GLY C 69 -5.25 31.02 -8.61
N PHE C 70 -6.47 30.94 -8.08
CA PHE C 70 -6.79 31.50 -6.77
C PHE C 70 -6.69 30.48 -5.65
N PHE C 71 -7.31 29.30 -5.82
CA PHE C 71 -7.33 28.31 -4.75
C PHE C 71 -6.06 27.47 -4.72
N GLY C 72 -5.41 27.29 -5.87
CA GLY C 72 -4.19 26.52 -5.93
C GLY C 72 -3.15 26.99 -4.94
N PRO C 73 -2.75 28.26 -5.06
CA PRO C 73 -1.77 28.80 -4.11
C PRO C 73 -2.24 28.75 -2.67
N LEU C 74 -3.52 29.06 -2.44
CA LEU C 74 -4.05 29.01 -1.08
C LEU C 74 -3.98 27.60 -0.52
N ALA C 75 -4.23 26.58 -1.35
CA ALA C 75 -4.14 25.21 -0.89
C ALA C 75 -2.72 24.88 -0.44
N LYS C 76 -1.72 25.37 -1.17
CA LYS C 76 -0.33 25.13 -0.80
C LYS C 76 0.09 25.96 0.41
N GLU C 77 -0.52 27.13 0.61
CA GLU C 77 -0.17 27.97 1.75
C GLU C 77 -0.70 27.36 3.05
N LEU C 78 -1.97 26.98 3.08
CA LEU C 78 -2.65 26.67 4.32
C LEU C 78 -2.57 25.19 4.70
N LEU C 79 -2.45 24.29 3.73
CA LEU C 79 -2.40 22.87 4.01
C LEU C 79 -1.01 22.31 3.72
N SER C 80 -0.63 21.28 4.46
CA SER C 80 0.62 20.56 4.26
C SER C 80 0.34 19.26 3.51
N TRP C 81 1.02 19.05 2.40
CA TRP C 81 0.73 17.95 1.49
C TRP C 81 1.82 16.88 1.58
N ASP C 82 1.39 15.62 1.56
CA ASP C 82 2.30 14.50 1.42
C ASP C 82 2.58 14.14 -0.03
N HIS C 83 1.67 14.48 -0.93
CA HIS C 83 1.88 14.38 -2.37
C HIS C 83 1.19 15.57 -3.03
N ASP C 84 1.89 16.23 -3.94
CA ASP C 84 1.32 17.40 -4.60
C ASP C 84 0.11 17.00 -5.45
N PHE C 85 -0.81 17.94 -5.62
CA PHE C 85 -1.92 17.76 -6.54
C PHE C 85 -1.54 18.26 -7.92
N HIS C 86 -2.14 17.64 -8.94
CA HIS C 86 -1.86 18.00 -10.33
C HIS C 86 -2.98 18.77 -11.01
N THR C 87 -4.19 18.75 -10.46
CA THR C 87 -5.33 19.47 -11.02
C THR C 87 -6.11 20.12 -9.89
N VAL C 88 -6.34 21.43 -10.01
CA VAL C 88 -7.01 22.16 -8.93
C VAL C 88 -8.50 21.83 -8.89
N LYS C 89 -9.13 21.71 -10.06
CA LYS C 89 -10.59 21.62 -10.11
C LYS C 89 -11.01 20.74 -11.29
N SER C 90 -12.03 19.92 -11.05
CA SER C 90 -12.59 19.05 -12.08
C SER C 90 -14.08 18.86 -11.82
N GLY C 91 -14.80 18.53 -12.88
CA GLY C 91 -16.21 18.18 -12.77
C GLY C 91 -17.13 19.39 -12.87
N THR C 92 -18.44 19.09 -12.88
CA THR C 92 -19.47 20.11 -12.96
C THR C 92 -20.62 19.75 -12.02
N LEU C 93 -21.43 20.76 -11.70
CA LEU C 93 -22.60 20.53 -10.86
C LEU C 93 -23.61 19.63 -11.58
N LYS C 94 -23.77 19.82 -12.90
CA LYS C 94 -24.76 19.07 -13.65
C LYS C 94 -24.48 17.57 -13.62
N ASN C 95 -23.22 17.17 -13.50
CA ASN C 95 -22.82 15.78 -13.52
C ASN C 95 -22.40 15.23 -12.16
N GLY C 96 -22.50 16.02 -11.10
CA GLY C 96 -22.21 15.57 -9.76
C GLY C 96 -20.91 14.79 -9.64
N ASP C 97 -19.84 15.34 -10.22
CA ASP C 97 -18.52 14.72 -10.22
C ASP C 97 -17.45 15.74 -9.85
N ALA C 98 -17.77 16.62 -8.90
CA ALA C 98 -16.84 17.66 -8.52
C ALA C 98 -15.64 17.07 -7.79
N ALA C 99 -14.47 17.65 -8.03
CA ALA C 99 -13.24 17.20 -7.39
C ALA C 99 -12.28 18.38 -7.32
N TRP C 100 -11.46 18.40 -6.26
CA TRP C 100 -10.49 19.46 -6.06
C TRP C 100 -9.17 18.87 -5.63
N PHE C 101 -8.09 19.45 -6.17
CA PHE C 101 -6.72 19.03 -5.82
C PHE C 101 -6.54 17.54 -6.08
N LEU C 102 -6.89 17.13 -7.29
CA LEU C 102 -6.79 15.73 -7.68
C LEU C 102 -5.33 15.31 -7.71
N GLY C 103 -5.07 14.06 -7.30
CA GLY C 103 -3.72 13.55 -7.19
C GLY C 103 -3.03 13.83 -5.88
N GLY C 104 -3.46 14.87 -5.17
CA GLY C 104 -2.80 15.22 -3.92
C GLY C 104 -3.11 14.23 -2.82
N GLU C 105 -2.19 14.13 -1.86
CA GLU C 105 -2.36 13.34 -0.66
C GLU C 105 -2.02 14.18 0.56
N LEU C 106 -2.70 13.89 1.66
CA LEU C 106 -2.51 14.63 2.91
C LEU C 106 -3.20 13.83 4.01
N ASN C 107 -3.15 14.36 5.23
CA ASN C 107 -3.82 13.75 6.37
C ASN C 107 -4.38 14.84 7.27
N ALA C 108 -5.66 14.70 7.63
CA ALA C 108 -6.33 15.73 8.42
C ALA C 108 -5.68 15.91 9.78
N SER C 109 -5.39 14.80 10.46
CA SER C 109 -4.82 14.91 11.81
C SER C 109 -3.42 15.53 11.77
N TYR C 110 -2.66 15.27 10.70
CA TYR C 110 -1.34 15.90 10.59
C TYR C 110 -1.47 17.42 10.50
N ASN C 111 -2.44 17.90 9.72
CA ASN C 111 -2.61 19.34 9.56
C ASN C 111 -3.24 19.98 10.78
N CYS C 112 -3.98 19.22 11.59
CA CYS C 112 -4.64 19.77 12.77
C CYS C 112 -3.82 19.61 14.04
N VAL C 113 -2.82 18.73 14.05
CA VAL C 113 -2.11 18.40 15.29
C VAL C 113 -0.61 18.35 15.08
N ASP C 114 -0.15 17.35 14.32
CA ASP C 114 1.28 17.08 14.20
C ASP C 114 2.08 18.36 13.89
N ARG C 115 1.72 19.03 12.80
CA ARG C 115 2.56 20.13 12.32
C ARG C 115 2.60 21.30 13.30
N HIS C 116 1.61 21.42 14.18
CA HIS C 116 1.65 22.44 15.22
C HIS C 116 2.35 21.95 16.48
N ALA C 117 2.27 20.65 16.76
CA ALA C 117 3.01 20.09 17.89
C ALA C 117 4.51 20.24 17.68
N PHE C 118 4.99 20.02 16.46
CA PHE C 118 6.42 20.16 16.19
C PHE C 118 6.86 21.62 16.33
N ALA C 119 6.03 22.55 15.89
CA ALA C 119 6.40 23.97 15.94
C ALA C 119 6.35 24.51 17.37
N ASN C 120 5.22 24.32 18.04
CA ASN C 120 5.05 24.77 19.43
C ASN C 120 4.27 23.70 20.18
N PRO C 121 4.99 22.77 20.83
CA PRO C 121 4.27 21.68 21.53
C PRO C 121 3.42 22.18 22.68
N ASP C 122 3.86 23.22 23.38
CA ASP C 122 3.18 23.69 24.58
C ASP C 122 2.06 24.69 24.29
N LYS C 123 1.86 25.05 23.03
CA LYS C 123 0.76 25.97 22.70
C LYS C 123 -0.57 25.28 22.99
N PRO C 124 -1.53 25.98 23.60
CA PRO C 124 -2.83 25.34 23.88
C PRO C 124 -3.53 24.93 22.59
N ALA C 125 -4.29 23.84 22.69
CA ALA C 125 -5.07 23.33 21.56
C ALA C 125 -6.54 23.19 21.93
N LEU C 126 -6.88 22.36 22.91
CA LEU C 126 -8.26 22.14 23.32
C LEU C 126 -8.43 22.73 24.73
N ILE C 127 -9.06 23.90 24.79
CA ILE C 127 -9.40 24.54 26.07
C ILE C 127 -10.74 23.95 26.50
N CYS C 128 -10.67 22.88 27.28
CA CYS C 128 -11.85 22.10 27.64
C CYS C 128 -12.51 22.67 28.89
N GLU C 129 -13.78 23.02 28.77
CA GLU C 129 -14.61 23.45 29.89
C GLU C 129 -15.71 22.41 30.07
N ALA C 130 -15.63 21.63 31.14
CA ALA C 130 -16.56 20.56 31.38
C ALA C 130 -17.90 21.11 31.86
N ASP C 131 -18.82 20.20 32.19
CA ASP C 131 -20.11 20.61 32.74
C ASP C 131 -19.91 21.36 34.05
N ASP C 132 -19.21 20.74 35.00
CA ASP C 132 -18.73 21.43 36.19
C ASP C 132 -17.32 21.94 35.93
N GLU C 133 -17.10 23.24 36.14
CA GLU C 133 -15.78 23.81 35.92
C GLU C 133 -14.71 23.11 36.74
N LYS C 134 -15.08 22.47 37.85
CA LYS C 134 -14.12 21.73 38.65
C LYS C 134 -13.43 20.63 37.86
N ASP C 135 -13.99 20.22 36.73
CA ASP C 135 -13.44 19.17 35.88
C ASP C 135 -12.88 19.71 34.57
N SER C 136 -12.59 21.01 34.50
CA SER C 136 -12.08 21.60 33.28
C SER C 136 -10.58 21.42 33.18
N HIS C 137 -10.10 21.12 31.99
CA HIS C 137 -8.68 20.91 31.72
C HIS C 137 -8.32 21.55 30.40
N ILE C 138 -7.04 21.48 30.04
CA ILE C 138 -6.54 22.02 28.78
C ILE C 138 -5.51 21.06 28.21
N LEU C 139 -5.51 20.93 26.88
CA LEU C 139 -4.60 20.07 26.17
C LEU C 139 -3.78 20.91 25.19
N THR C 140 -2.46 20.91 25.36
CA THR C 140 -1.59 21.55 24.40
C THR C 140 -1.55 20.70 23.12
N TYR C 141 -1.00 21.29 22.06
CA TYR C 141 -0.84 20.53 20.82
C TYR C 141 0.07 19.32 21.03
N GLY C 142 1.08 19.45 21.90
CA GLY C 142 1.89 18.30 22.23
C GLY C 142 1.09 17.21 22.93
N ASP C 143 0.23 17.61 23.87
CA ASP C 143 -0.66 16.65 24.52
C ASP C 143 -1.61 16.03 23.50
N LEU C 144 -2.23 16.87 22.66
CA LEU C 144 -3.21 16.36 21.70
C LEU C 144 -2.60 15.32 20.77
N LEU C 145 -1.34 15.53 20.36
CA LEU C 145 -0.69 14.55 19.49
C LEU C 145 -0.52 13.21 20.19
N ARG C 146 -0.12 13.24 21.47
CA ARG C 146 0.09 11.99 22.19
C ARG C 146 -1.23 11.27 22.45
N GLU C 147 -2.30 12.01 22.72
CA GLU C 147 -3.59 11.37 22.99
C GLU C 147 -4.25 10.87 21.72
N VAL C 148 -4.05 11.56 20.60
CA VAL C 148 -4.63 11.10 19.34
C VAL C 148 -3.88 9.89 18.81
N SER C 149 -2.55 9.85 19.00
CA SER C 149 -1.77 8.70 18.55
C SER C 149 -2.16 7.44 19.31
N LYS C 150 -2.34 7.56 20.62
CA LYS C 150 -2.69 6.39 21.42
C LYS C 150 -4.06 5.83 21.04
N VAL C 151 -5.05 6.71 20.87
CA VAL C 151 -6.37 6.24 20.45
C VAL C 151 -6.31 5.67 19.04
N ALA C 152 -5.61 6.34 18.13
CA ALA C 152 -5.42 5.79 16.80
C ALA C 152 -4.67 4.46 16.86
N GLY C 153 -3.70 4.36 17.77
CA GLY C 153 -3.02 3.09 17.96
C GLY C 153 -3.97 1.98 18.39
N VAL C 154 -4.94 2.32 19.24
CA VAL C 154 -5.95 1.35 19.63
C VAL C 154 -6.77 0.92 18.42
N LEU C 155 -7.26 1.88 17.64
CA LEU C 155 -8.07 1.55 16.47
C LEU C 155 -7.26 0.76 15.46
N GLN C 156 -6.03 1.18 15.18
CA GLN C 156 -5.17 0.40 14.29
C GLN C 156 -4.98 -1.02 14.81
N SER C 157 -4.83 -1.16 16.13
CA SER C 157 -4.70 -2.49 16.72
C SER C 157 -5.95 -3.32 16.49
N TRP C 158 -7.12 -2.69 16.43
CA TRP C 158 -8.38 -3.40 16.25
C TRP C 158 -8.68 -3.74 14.80
N GLY C 159 -7.83 -3.33 13.86
CA GLY C 159 -8.05 -3.58 12.46
C GLY C 159 -8.72 -2.45 11.70
N ILE C 160 -8.84 -1.28 12.31
CA ILE C 160 -9.42 -0.12 11.62
C ILE C 160 -8.39 0.43 10.65
N LYS C 161 -8.79 0.60 9.39
CA LYS C 161 -7.88 1.00 8.34
C LYS C 161 -8.56 1.94 7.37
N LYS C 162 -7.77 2.51 6.48
CA LYS C 162 -8.27 3.41 5.44
C LYS C 162 -9.44 2.77 4.71
N GLY C 163 -10.54 3.52 4.59
CA GLY C 163 -11.74 3.04 3.94
C GLY C 163 -12.82 2.56 4.90
N ASP C 164 -12.50 2.34 6.17
CA ASP C 164 -13.50 2.00 7.16
C ASP C 164 -14.18 3.27 7.66
N THR C 165 -15.33 3.09 8.30
CA THR C 165 -16.03 4.16 8.99
C THR C 165 -16.16 3.82 10.47
N VAL C 166 -16.03 4.83 11.32
CA VAL C 166 -16.08 4.66 12.76
C VAL C 166 -17.08 5.65 13.33
N ALA C 167 -18.04 5.15 14.11
CA ALA C 167 -19.08 5.99 14.71
C ALA C 167 -18.59 6.58 16.01
N VAL C 168 -19.02 7.82 16.28
CA VAL C 168 -18.73 8.51 17.53
C VAL C 168 -20.06 8.90 18.17
N TYR C 169 -20.19 8.63 19.47
CA TYR C 169 -21.38 8.98 20.24
C TYR C 169 -20.87 9.51 21.58
N LEU C 170 -20.51 10.79 21.60
CA LEU C 170 -19.86 11.41 22.74
C LEU C 170 -20.42 12.81 22.95
N PRO C 171 -20.39 13.32 24.20
CA PRO C 171 -20.74 14.72 24.42
C PRO C 171 -19.69 15.67 23.86
N MET C 172 -19.87 16.97 24.11
CA MET C 172 -18.97 18.00 23.58
C MET C 172 -17.82 18.20 24.56
N ASN C 173 -16.81 17.33 24.45
CA ASN C 173 -15.63 17.43 25.31
C ASN C 173 -14.41 16.91 24.56
N ALA C 174 -13.28 16.87 25.26
CA ALA C 174 -12.02 16.48 24.64
C ALA C 174 -12.14 15.14 23.92
N GLN C 175 -12.83 14.18 24.53
CA GLN C 175 -12.83 12.82 24.00
C GLN C 175 -13.43 12.78 22.60
N ALA C 176 -14.39 13.67 22.31
CA ALA C 176 -14.99 13.70 20.99
C ALA C 176 -14.02 14.25 19.96
N ILE C 177 -13.26 15.30 20.32
CA ILE C 177 -12.27 15.85 19.40
C ILE C 177 -11.17 14.84 19.13
N ILE C 178 -10.67 14.19 20.18
CA ILE C 178 -9.62 13.19 20.01
C ILE C 178 -10.11 12.04 19.14
N ALA C 179 -11.35 11.61 19.35
CA ALA C 179 -11.89 10.48 18.61
C ALA C 179 -11.91 10.77 17.11
N MET C 180 -12.44 11.94 16.73
CA MET C 180 -12.50 12.30 15.32
C MET C 180 -11.11 12.37 14.70
N LEU C 181 -10.17 13.02 15.40
CA LEU C 181 -8.82 13.14 14.87
C LEU C 181 -8.12 11.79 14.79
N ALA C 182 -8.33 10.93 15.80
CA ALA C 182 -7.70 9.61 15.78
C ALA C 182 -8.24 8.76 14.63
N ILE C 183 -9.54 8.89 14.33
CA ILE C 183 -10.12 8.14 13.22
C ILE C 183 -9.55 8.63 11.90
N ALA C 184 -9.49 9.96 11.71
CA ALA C 184 -8.89 10.52 10.51
C ALA C 184 -7.40 10.24 10.41
N ARG C 185 -6.72 10.00 11.54
CA ARG C 185 -5.30 9.72 11.49
C ARG C 185 -5.00 8.45 10.73
N LEU C 186 -5.91 7.46 10.79
CA LEU C 186 -5.75 6.21 10.08
C LEU C 186 -6.32 6.24 8.68
N GLY C 187 -6.92 7.34 8.26
CA GLY C 187 -7.56 7.41 6.96
C GLY C 187 -8.93 6.79 6.91
N ALA C 188 -9.57 6.61 8.06
CA ALA C 188 -10.96 6.18 8.14
C ALA C 188 -11.85 7.39 8.31
N ALA C 189 -13.13 7.21 7.98
CA ALA C 189 -14.12 8.28 8.07
C ALA C 189 -14.89 8.16 9.38
N HIS C 190 -14.91 9.24 10.16
CA HIS C 190 -15.68 9.25 11.39
C HIS C 190 -17.10 9.74 11.10
N SER C 191 -18.08 9.02 11.62
CA SER C 191 -19.50 9.37 11.49
C SER C 191 -19.98 9.79 12.87
N VAL C 192 -20.03 11.10 13.11
CA VAL C 192 -20.40 11.62 14.42
C VAL C 192 -21.91 11.56 14.59
N ILE C 193 -22.34 11.11 15.76
CA ILE C 193 -23.76 10.98 16.09
C ILE C 193 -23.99 11.80 17.35
N PHE C 194 -24.79 12.86 17.23
CA PHE C 194 -25.04 13.76 18.35
C PHE C 194 -25.47 12.98 19.58
N ALA C 195 -24.86 13.32 20.72
CA ALA C 195 -25.08 12.56 21.95
C ALA C 195 -26.54 12.54 22.38
N GLY C 196 -27.36 13.44 21.85
CA GLY C 196 -28.77 13.48 22.22
C GLY C 196 -29.67 12.75 21.25
N PHE C 197 -29.16 11.68 20.65
CA PHE C 197 -29.93 10.88 19.71
C PHE C 197 -30.44 9.61 20.39
N SER C 198 -31.55 9.09 19.88
CA SER C 198 -32.16 7.89 20.42
C SER C 198 -31.44 6.66 19.91
N ALA C 199 -31.69 5.52 20.59
CA ALA C 199 -31.10 4.27 20.16
C ALA C 199 -31.51 3.93 18.73
N GLY C 200 -32.76 4.24 18.36
CA GLY C 200 -33.18 4.04 16.99
C GLY C 200 -32.37 4.88 16.01
N SER C 201 -32.29 6.19 16.26
CA SER C 201 -31.48 7.05 15.41
C SER C 201 -30.02 6.62 15.40
N ILE C 202 -29.53 6.04 16.50
CA ILE C 202 -28.17 5.50 16.53
C ILE C 202 -28.07 4.28 15.61
N LYS C 203 -29.01 3.34 15.75
CA LYS C 203 -28.98 2.13 14.94
C LYS C 203 -29.02 2.49 13.45
N ASP C 204 -29.83 3.47 13.07
CA ASP C 204 -29.99 3.80 11.66
C ASP C 204 -28.69 4.35 11.07
N ARG C 205 -28.00 5.22 11.81
CA ARG C 205 -26.79 5.84 11.27
C ARG C 205 -25.62 4.86 11.23
N VAL C 206 -25.52 4.00 12.25
CA VAL C 206 -24.43 3.03 12.27
C VAL C 206 -24.59 1.99 11.17
N ASN C 207 -25.83 1.57 10.92
CA ASN C 207 -26.07 0.53 9.91
C ASN C 207 -25.91 1.07 8.49
N ASP C 208 -26.27 2.33 8.26
CA ASP C 208 -26.12 2.89 6.92
C ASP C 208 -24.66 2.97 6.50
N ALA C 209 -23.77 3.25 7.46
CA ALA C 209 -22.35 3.36 7.18
C ALA C 209 -21.59 2.07 7.44
N SER C 210 -22.22 1.08 8.06
CA SER C 210 -21.57 -0.20 8.36
C SER C 210 -20.28 0.02 9.15
N CYS C 211 -20.40 0.77 10.24
CA CYS C 211 -19.24 1.12 11.03
C CYS C 211 -18.69 -0.10 11.75
N LYS C 212 -17.38 -0.34 11.59
CA LYS C 212 -16.72 -1.45 12.24
C LYS C 212 -16.41 -1.19 13.72
N ALA C 213 -16.50 0.06 14.17
CA ALA C 213 -16.19 0.38 15.55
C ALA C 213 -16.97 1.60 15.99
N LEU C 214 -17.10 1.77 17.31
CA LEU C 214 -17.84 2.86 17.92
C LEU C 214 -17.06 3.37 19.12
N ILE C 215 -16.98 4.69 19.25
CA ILE C 215 -16.30 5.33 20.38
C ILE C 215 -17.34 6.13 21.14
N THR C 216 -17.56 5.77 22.41
CA THR C 216 -18.57 6.41 23.25
C THR C 216 -18.02 6.46 24.67
N CYS C 217 -18.91 6.76 25.62
CA CYS C 217 -18.54 6.85 27.03
C CYS C 217 -19.62 6.21 27.88
N ASP C 218 -19.31 6.01 29.16
CA ASP C 218 -20.25 5.35 30.07
C ASP C 218 -21.49 6.20 30.29
N GLU C 219 -21.31 7.50 30.53
CA GLU C 219 -22.43 8.42 30.68
C GLU C 219 -21.86 9.83 30.81
N GLY C 220 -22.57 10.80 30.22
CA GLY C 220 -22.12 12.17 30.20
C GLY C 220 -22.75 13.02 31.30
N LYS C 221 -22.43 14.30 31.25
CA LYS C 221 -22.97 15.29 32.18
C LYS C 221 -23.48 16.48 31.39
N ARG C 222 -24.77 16.78 31.53
CA ARG C 222 -25.40 17.91 30.84
C ARG C 222 -26.11 18.76 31.90
N GLY C 223 -25.50 19.88 32.26
CA GLY C 223 -26.06 20.78 33.24
C GLY C 223 -26.35 20.12 34.58
N GLY C 224 -25.34 19.50 35.15
CA GLY C 224 -25.47 18.88 36.47
C GLY C 224 -26.03 17.48 36.41
N ARG C 225 -27.09 17.28 35.63
CA ARG C 225 -27.69 15.96 35.49
C ARG C 225 -26.78 15.07 34.64
N THR C 226 -26.78 13.78 34.96
CA THR C 226 -26.02 12.78 34.23
C THR C 226 -26.92 12.11 33.20
N THR C 227 -26.39 11.89 32.00
CA THR C 227 -27.16 11.38 30.88
C THR C 227 -26.73 9.97 30.53
N ASN C 228 -27.70 9.14 30.14
CA ASN C 228 -27.44 7.77 29.74
C ASN C 228 -26.85 7.77 28.33
N ILE C 229 -25.56 7.46 28.23
CA ILE C 229 -24.87 7.42 26.95
C ILE C 229 -24.67 5.96 26.52
N LYS C 230 -23.90 5.21 27.31
CA LYS C 230 -23.64 3.82 26.99
C LYS C 230 -24.94 3.02 26.94
N LYS C 231 -25.87 3.28 27.87
CA LYS C 231 -27.13 2.55 27.89
C LYS C 231 -27.84 2.65 26.55
N LEU C 232 -27.78 3.82 25.90
CA LEU C 232 -28.43 3.98 24.61
C LEU C 232 -27.68 3.26 23.50
N CYS C 233 -26.34 3.21 23.58
CA CYS C 233 -25.58 2.46 22.60
C CYS C 233 -25.91 0.98 22.65
N ASP C 234 -25.89 0.40 23.86
CA ASP C 234 -26.18 -1.02 24.01
C ASP C 234 -27.53 -1.37 23.41
N GLU C 235 -28.56 -0.55 23.70
CA GLU C 235 -29.88 -0.80 23.14
C GLU C 235 -29.86 -0.79 21.62
N ALA C 236 -29.00 0.05 21.02
CA ALA C 236 -28.92 0.16 19.57
C ALA C 236 -27.96 -0.86 18.97
N LEU C 237 -26.82 -1.09 19.62
CA LEU C 237 -25.81 -1.99 19.07
C LEU C 237 -26.37 -3.40 18.83
N VAL C 238 -27.47 -3.76 19.48
CA VAL C 238 -28.08 -5.06 19.25
C VAL C 238 -28.64 -5.20 17.84
N ASP C 239 -28.72 -4.09 17.09
CA ASP C 239 -29.16 -4.10 15.70
C ASP C 239 -28.04 -3.66 14.75
N CYS C 240 -26.78 -3.67 15.22
CA CYS C 240 -25.63 -3.20 14.46
C CYS C 240 -24.58 -4.29 14.42
N PRO C 241 -24.74 -5.27 13.52
CA PRO C 241 -23.77 -6.38 13.50
C PRO C 241 -22.39 -5.98 13.04
N THR C 242 -22.27 -4.92 12.23
CA THR C 242 -20.97 -4.53 11.71
C THR C 242 -20.03 -4.04 12.81
N VAL C 243 -20.57 -3.61 13.95
CA VAL C 243 -19.74 -3.07 15.03
C VAL C 243 -19.00 -4.23 15.70
N GLU C 244 -17.68 -4.21 15.59
CA GLU C 244 -16.85 -5.26 16.18
C GLU C 244 -16.42 -4.93 17.60
N LYS C 245 -16.12 -3.66 17.88
CA LYS C 245 -15.61 -3.28 19.18
C LYS C 245 -16.05 -1.85 19.51
N VAL C 246 -16.17 -1.57 20.80
CA VAL C 246 -16.59 -0.26 21.29
C VAL C 246 -15.55 0.21 22.29
N LEU C 247 -15.08 1.45 22.12
CA LEU C 247 -14.18 2.10 23.06
C LEU C 247 -15.00 3.00 23.97
N VAL C 248 -14.88 2.78 25.28
CA VAL C 248 -15.72 3.43 26.27
C VAL C 248 -14.84 4.27 27.19
N TYR C 249 -15.08 5.57 27.23
CA TYR C 249 -14.37 6.46 28.13
C TYR C 249 -15.11 6.56 29.46
N LYS C 250 -14.35 6.76 30.54
CA LYS C 250 -14.91 6.86 31.88
C LYS C 250 -15.14 8.33 32.21
N ARG C 251 -16.25 8.87 31.70
CA ARG C 251 -16.60 10.26 32.00
C ARG C 251 -17.08 10.42 33.43
N THR C 252 -17.73 9.41 33.99
CA THR C 252 -18.15 9.40 35.39
C THR C 252 -17.55 8.27 36.20
N ASN C 253 -17.12 7.17 35.56
CA ASN C 253 -16.52 6.03 36.24
C ASN C 253 -17.57 5.29 37.09
N ASN C 254 -18.79 5.19 36.58
CA ASN C 254 -19.84 4.49 37.29
C ASN C 254 -19.67 2.98 37.11
N PRO C 255 -19.61 2.20 38.20
CA PRO C 255 -19.37 0.76 38.04
C PRO C 255 -20.60 -0.02 37.58
N GLU C 256 -21.79 0.48 37.93
CA GLU C 256 -23.02 -0.18 37.54
C GLU C 256 -23.18 -0.26 36.02
N ILE C 257 -22.32 0.41 35.25
CA ILE C 257 -22.38 0.36 33.80
C ILE C 257 -21.83 -0.96 33.31
N HIS C 258 -22.55 -1.60 32.39
CA HIS C 258 -22.18 -2.91 31.88
C HIS C 258 -21.43 -2.77 30.57
N LEU C 259 -20.28 -3.43 30.48
CA LEU C 259 -19.50 -3.53 29.24
C LEU C 259 -19.55 -4.98 28.78
N THR C 260 -20.12 -5.21 27.61
CA THR C 260 -20.18 -6.56 27.06
C THR C 260 -18.77 -7.08 26.79
N GLU C 261 -18.44 -8.22 27.37
CA GLU C 261 -17.10 -8.77 27.20
C GLU C 261 -16.86 -9.13 25.74
N GLY C 262 -15.62 -8.92 25.29
CA GLY C 262 -15.25 -9.19 23.92
C GLY C 262 -15.65 -8.13 22.92
N ARG C 263 -16.40 -7.11 23.33
CA ARG C 263 -16.82 -6.04 22.43
C ARG C 263 -16.41 -4.68 22.98
N ASP C 264 -16.78 -4.40 24.24
CA ASP C 264 -16.55 -3.10 24.83
C ASP C 264 -15.23 -3.08 25.59
N TYR C 265 -14.47 -2.01 25.41
CA TYR C 265 -13.19 -1.83 26.07
C TYR C 265 -13.08 -0.40 26.57
N TYR C 266 -12.24 -0.21 27.58
CA TYR C 266 -12.11 1.09 28.23
C TYR C 266 -11.06 1.94 27.53
N TRP C 267 -11.40 3.22 27.35
CA TRP C 267 -10.49 4.17 26.73
C TRP C 267 -9.13 4.17 27.43
N ASP C 268 -9.14 4.41 28.75
CA ASP C 268 -7.88 4.51 29.48
C ASP C 268 -7.10 3.20 29.47
N VAL C 269 -7.82 2.06 29.49
CA VAL C 269 -7.13 0.78 29.60
C VAL C 269 -6.40 0.46 28.31
N GLU C 270 -7.00 0.77 27.16
CA GLU C 270 -6.39 0.41 25.88
C GLU C 270 -5.33 1.42 25.46
N THR C 271 -5.60 2.72 25.64
CA THR C 271 -4.63 3.73 25.24
C THR C 271 -3.33 3.59 26.04
N ALA C 272 -3.40 3.03 27.24
CA ALA C 272 -2.20 2.84 28.04
C ALA C 272 -1.25 1.83 27.42
N LYS C 273 -1.70 1.05 26.44
CA LYS C 273 -0.90 0.00 25.83
C LYS C 273 -0.10 0.46 24.63
N PHE C 274 -0.26 1.70 24.19
CA PHE C 274 0.30 2.15 22.92
C PHE C 274 1.10 3.43 23.10
N PRO C 275 2.07 3.67 22.23
CA PRO C 275 2.97 4.81 22.41
C PRO C 275 2.34 6.14 22.02
N GLY C 276 2.98 7.21 22.49
CA GLY C 276 2.54 8.56 22.26
C GLY C 276 2.76 9.10 20.86
N TYR C 277 3.17 8.27 19.91
CA TYR C 277 3.26 8.68 18.52
C TYR C 277 2.88 7.52 17.62
N LEU C 278 2.07 7.82 16.60
CA LEU C 278 1.73 6.87 15.55
C LEU C 278 1.76 7.63 14.23
N PRO C 279 2.32 7.04 13.17
CA PRO C 279 2.40 7.75 11.89
C PRO C 279 1.01 7.98 11.33
N PRO C 280 0.73 9.17 10.80
CA PRO C 280 -0.53 9.37 10.09
C PRO C 280 -0.54 8.63 8.76
N VAL C 281 -1.75 8.31 8.30
CA VAL C 281 -1.95 7.57 7.06
C VAL C 281 -2.37 8.56 5.97
N SER C 282 -1.64 8.54 4.85
CA SER C 282 -1.94 9.44 3.75
C SER C 282 -3.23 9.01 3.05
N VAL C 283 -4.07 9.99 2.72
CA VAL C 283 -5.30 9.75 1.99
C VAL C 283 -5.34 10.70 0.79
N ASN C 284 -6.08 10.31 -0.24
CA ASN C 284 -6.24 11.15 -1.41
C ASN C 284 -7.13 12.34 -1.08
N SER C 285 -6.96 13.41 -1.86
CA SER C 285 -7.75 14.62 -1.64
C SER C 285 -9.23 14.30 -1.59
N GLU C 286 -9.70 13.40 -2.44
CA GLU C 286 -11.12 13.09 -2.57
C GLU C 286 -11.54 11.85 -1.81
N ASP C 287 -10.66 11.29 -0.98
CA ASP C 287 -11.10 10.26 -0.05
C ASP C 287 -12.02 10.87 1.00
N PRO C 288 -13.14 10.22 1.33
CA PRO C 288 -14.05 10.81 2.33
C PRO C 288 -13.36 11.01 3.67
N LEU C 289 -13.60 12.17 4.26
CA LEU C 289 -13.10 12.46 5.61
C LEU C 289 -14.11 12.12 6.69
N PHE C 290 -15.40 12.35 6.43
CA PHE C 290 -16.42 12.01 7.42
C PHE C 290 -17.79 11.94 6.75
N LEU C 291 -18.64 11.09 7.33
CA LEU C 291 -20.06 11.10 7.07
C LEU C 291 -20.75 11.87 8.19
N LEU C 292 -21.73 12.69 7.82
CA LEU C 292 -22.55 13.40 8.79
C LEU C 292 -23.98 13.41 8.29
N TYR C 293 -24.87 12.77 9.04
CA TYR C 293 -26.24 12.54 8.60
C TYR C 293 -27.14 13.70 8.96
N THR C 294 -28.04 14.05 8.04
CA THR C 294 -29.02 15.10 8.26
C THR C 294 -30.33 14.50 8.76
N THR C 300 -35.87 9.55 6.14
CA THR C 300 -34.67 8.74 6.30
C THR C 300 -33.42 9.62 6.34
N PRO C 301 -32.52 9.40 7.31
CA PRO C 301 -31.30 10.21 7.37
C PRO C 301 -30.42 9.98 6.15
N LYS C 302 -29.87 11.08 5.64
CA LYS C 302 -28.99 11.06 4.47
C LYS C 302 -27.57 11.35 4.93
N GLY C 303 -26.64 10.45 4.62
CA GLY C 303 -25.26 10.60 5.03
C GLY C 303 -24.46 11.52 4.15
N VAL C 304 -24.29 12.76 4.58
CA VAL C 304 -23.52 13.74 3.80
C VAL C 304 -22.03 13.39 3.91
N VAL C 305 -21.40 13.21 2.76
CA VAL C 305 -19.99 12.82 2.68
C VAL C 305 -19.17 14.04 2.24
N HIS C 306 -18.12 14.33 2.99
CA HIS C 306 -17.19 15.41 2.68
C HIS C 306 -15.82 14.85 2.32
N SER C 307 -15.24 15.37 1.25
CA SER C 307 -13.88 15.01 0.86
C SER C 307 -12.92 15.46 1.95
N THR C 308 -11.62 15.23 1.74
CA THR C 308 -10.60 15.61 2.72
C THR C 308 -9.99 16.97 2.41
N ALA C 309 -9.35 17.11 1.25
CA ALA C 309 -8.64 18.34 0.94
C ALA C 309 -9.62 19.51 0.77
N GLY C 310 -10.65 19.32 -0.06
CA GLY C 310 -11.62 20.38 -0.27
C GLY C 310 -12.21 20.89 1.03
N TYR C 311 -12.73 19.98 1.85
CA TYR C 311 -13.35 20.40 3.11
C TYR C 311 -12.35 21.13 3.99
N LEU C 312 -11.15 20.58 4.16
CA LEU C 312 -10.17 21.19 5.05
C LEU C 312 -9.82 22.60 4.61
N LEU C 313 -9.58 22.78 3.31
CA LEU C 313 -9.27 24.12 2.81
C LEU C 313 -10.40 25.09 3.12
N GLY C 314 -11.64 24.70 2.81
CA GLY C 314 -12.77 25.56 3.11
C GLY C 314 -12.83 25.92 4.58
N ALA C 315 -12.59 24.95 5.46
CA ALA C 315 -12.64 25.23 6.90
C ALA C 315 -11.59 26.26 7.30
N ALA C 316 -10.37 26.13 6.76
CA ALA C 316 -9.30 27.04 7.15
C ALA C 316 -9.45 28.42 6.51
N LEU C 317 -9.95 28.47 5.27
CA LEU C 317 -10.12 29.75 4.60
C LEU C 317 -11.16 30.61 5.32
N SER C 318 -12.37 30.07 5.50
CA SER C 318 -13.42 30.84 6.15
C SER C 318 -13.03 31.23 7.56
N THR C 319 -12.45 30.30 8.32
CA THR C 319 -12.01 30.62 9.67
C THR C 319 -11.00 31.77 9.66
N LYS C 320 -10.15 31.83 8.64
CA LYS C 320 -9.11 32.86 8.59
C LYS C 320 -9.67 34.21 8.17
N TYR C 321 -10.54 34.24 7.15
CA TYR C 321 -10.96 35.49 6.54
C TYR C 321 -12.32 35.99 7.05
N ILE C 322 -13.28 35.10 7.30
CA ILE C 322 -14.58 35.56 7.78
C ILE C 322 -14.51 35.94 9.25
N PHE C 323 -13.71 35.21 10.04
CA PHE C 323 -13.53 35.53 11.45
C PHE C 323 -12.28 36.35 11.73
N ASP C 324 -11.37 36.47 10.77
CA ASP C 324 -10.11 37.18 10.94
C ASP C 324 -9.31 36.56 12.09
N ILE C 325 -9.03 35.27 11.96
CA ILE C 325 -8.31 34.51 12.97
C ILE C 325 -6.82 34.66 12.71
N HIS C 326 -6.08 34.94 13.78
CA HIS C 326 -4.62 35.05 13.73
C HIS C 326 -4.02 34.03 14.67
N PRO C 327 -2.71 33.76 14.60
CA PRO C 327 -2.12 32.74 15.48
C PRO C 327 -2.34 33.02 16.96
N GLU C 328 -2.51 34.28 17.35
CA GLU C 328 -2.66 34.63 18.75
C GLU C 328 -4.09 34.51 19.26
N ASP C 329 -5.04 34.25 18.37
CA ASP C 329 -6.45 34.33 18.74
C ASP C 329 -6.92 33.03 19.41
N ILE C 330 -8.06 33.13 20.07
CA ILE C 330 -8.70 32.02 20.75
C ILE C 330 -10.17 32.01 20.35
N LEU C 331 -10.60 30.96 19.65
CA LEU C 331 -11.95 30.85 19.13
C LEU C 331 -12.81 30.05 20.09
N PHE C 332 -13.98 30.58 20.44
CA PHE C 332 -14.97 29.92 21.28
C PHE C 332 -16.21 29.69 20.43
N THR C 333 -16.35 28.48 19.88
CA THR C 333 -17.55 28.08 19.15
C THR C 333 -18.45 27.32 20.12
N ALA C 334 -19.51 27.98 20.59
CA ALA C 334 -20.42 27.38 21.54
C ALA C 334 -21.42 26.46 20.85
N GLY C 335 -20.92 25.53 20.06
CA GLY C 335 -21.76 24.56 19.39
C GLY C 335 -21.44 23.15 19.84
N ASP C 336 -21.96 22.15 19.12
CA ASP C 336 -21.73 20.75 19.43
C ASP C 336 -21.29 20.02 18.16
N VAL C 337 -20.27 19.18 18.29
CA VAL C 337 -19.72 18.51 17.12
C VAL C 337 -20.66 17.47 16.55
N GLY C 338 -21.78 17.19 17.22
CA GLY C 338 -22.82 16.41 16.59
C GLY C 338 -23.39 17.03 15.33
N TRP C 339 -23.10 18.31 15.10
CA TRP C 339 -23.56 19.05 13.94
C TRP C 339 -22.37 19.64 13.18
N ILE C 340 -22.65 20.16 11.99
CA ILE C 340 -21.58 20.64 11.12
C ILE C 340 -20.86 21.83 11.75
N THR C 341 -21.58 22.65 12.52
CA THR C 341 -20.95 23.83 13.12
C THR C 341 -19.76 23.45 13.99
N GLY C 342 -19.89 22.38 14.77
CA GLY C 342 -18.76 21.92 15.57
C GLY C 342 -17.68 21.29 14.72
N HIS C 343 -18.07 20.57 13.67
CA HIS C 343 -17.10 19.97 12.76
C HIS C 343 -16.12 21.02 12.24
N THR C 344 -16.65 22.09 11.64
CA THR C 344 -15.83 23.01 10.87
C THR C 344 -15.20 24.12 11.70
N TYR C 345 -15.86 24.56 12.78
CA TYR C 345 -15.39 25.73 13.52
C TYR C 345 -15.21 25.49 15.00
N ALA C 346 -15.48 24.27 15.49
CA ALA C 346 -15.04 23.87 16.82
C ALA C 346 -13.83 22.95 16.79
N LEU C 347 -13.52 22.36 15.63
CA LEU C 347 -12.39 21.46 15.51
C LEU C 347 -11.49 21.85 14.33
N TYR C 348 -11.94 21.53 13.11
CA TYR C 348 -11.04 21.60 11.96
C TYR C 348 -10.57 23.01 11.68
N GLY C 349 -11.50 23.97 11.65
CA GLY C 349 -11.17 25.34 11.36
C GLY C 349 -10.04 25.87 12.22
N PRO C 350 -10.23 25.84 13.54
CA PRO C 350 -9.20 26.38 14.46
C PRO C 350 -7.89 25.60 14.43
N LEU C 351 -7.97 24.27 14.61
CA LEU C 351 -6.77 23.48 14.77
C LEU C 351 -5.90 23.51 13.50
N LEU C 352 -6.52 23.62 12.33
CA LEU C 352 -5.74 23.76 11.11
C LEU C 352 -4.90 25.03 11.14
N LEU C 353 -5.41 26.08 11.77
CA LEU C 353 -4.70 27.34 11.90
C LEU C 353 -3.79 27.40 13.12
N GLY C 354 -3.68 26.29 13.86
CA GLY C 354 -2.77 26.24 14.99
C GLY C 354 -3.15 27.11 16.16
N VAL C 355 -4.40 27.57 16.23
CA VAL C 355 -4.86 28.39 17.36
C VAL C 355 -5.66 27.49 18.30
N PRO C 356 -5.80 27.86 19.56
CA PRO C 356 -6.62 27.06 20.48
C PRO C 356 -8.10 27.27 20.28
N THR C 357 -8.86 26.21 20.55
CA THR C 357 -10.32 26.21 20.44
C THR C 357 -10.91 25.73 21.76
N ILE C 358 -12.04 26.31 22.14
CA ILE C 358 -12.66 26.06 23.44
C ILE C 358 -13.78 25.05 23.25
N ILE C 359 -13.67 23.91 23.94
CA ILE C 359 -14.63 22.82 23.85
C ILE C 359 -15.44 22.85 25.14
N PHE C 360 -16.68 23.34 25.05
CA PHE C 360 -17.56 23.51 26.20
C PHE C 360 -18.58 22.37 26.23
N GLU C 361 -18.56 21.59 27.30
CA GLU C 361 -19.46 20.45 27.44
C GLU C 361 -20.79 20.82 28.06
N GLY C 362 -20.82 21.83 28.93
CA GLY C 362 -22.00 22.16 29.69
C GLY C 362 -23.02 22.93 28.88
N THR C 363 -23.90 23.63 29.60
CA THR C 363 -25.01 24.38 29.03
C THR C 363 -24.84 25.86 29.34
N PRO C 364 -25.46 26.75 28.55
CA PRO C 364 -25.34 28.18 28.83
C PRO C 364 -25.98 28.62 30.14
N ALA C 365 -26.72 27.75 30.81
CA ALA C 365 -27.41 28.10 32.04
C ALA C 365 -26.80 27.45 33.29
N TYR C 366 -25.80 26.59 33.12
CA TYR C 366 -25.18 25.90 34.24
C TYR C 366 -23.74 26.35 34.41
N PRO C 367 -23.30 26.74 35.61
CA PRO C 367 -24.07 26.88 36.86
C PRO C 367 -25.15 27.96 36.76
N ASP C 368 -24.88 29.06 36.08
CA ASP C 368 -25.88 30.09 35.84
C ASP C 368 -25.74 30.56 34.39
N TYR C 369 -26.48 31.60 34.03
CA TYR C 369 -26.49 32.13 32.68
C TYR C 369 -25.31 33.05 32.38
N GLY C 370 -24.20 32.89 33.11
CA GLY C 370 -23.00 33.64 32.83
C GLY C 370 -21.82 32.73 32.53
N ARG C 371 -22.09 31.46 32.25
CA ARG C 371 -21.02 30.51 31.98
C ARG C 371 -20.29 30.88 30.69
N PHE C 372 -21.03 31.15 29.62
CA PHE C 372 -20.40 31.62 28.39
C PHE C 372 -19.45 32.79 28.66
N TRP C 373 -19.83 33.66 29.59
CA TRP C 373 -19.05 34.87 29.85
C TRP C 373 -17.90 34.61 30.81
N GLN C 374 -18.09 33.71 31.79
CA GLN C 374 -16.96 33.27 32.60
C GLN C 374 -15.88 32.63 31.73
N ILE C 375 -16.30 31.83 30.74
CA ILE C 375 -15.33 31.16 29.88
C ILE C 375 -14.61 32.17 29.01
N VAL C 376 -15.36 33.09 28.38
CA VAL C 376 -14.74 34.14 27.57
C VAL C 376 -13.74 34.93 28.41
N GLU C 377 -14.15 35.31 29.63
CA GLU C 377 -13.26 36.02 30.53
C GLU C 377 -12.12 35.12 31.01
N LYS C 378 -12.43 33.86 31.30
CA LYS C 378 -11.43 32.97 31.89
C LYS C 378 -10.23 32.78 30.97
N HIS C 379 -10.48 32.61 29.66
CA HIS C 379 -9.43 32.29 28.70
C HIS C 379 -9.15 33.43 27.73
N LYS C 380 -9.65 34.63 28.02
CA LYS C 380 -9.42 35.79 27.16
C LYS C 380 -9.70 35.45 25.70
N ALA C 381 -10.86 34.85 25.48
CA ALA C 381 -11.25 34.45 24.12
C ALA C 381 -11.40 35.68 23.24
N THR C 382 -10.96 35.57 21.99
CA THR C 382 -11.03 36.67 21.04
C THR C 382 -12.21 36.56 20.08
N HIS C 383 -12.76 35.36 19.89
CA HIS C 383 -13.86 35.14 18.96
C HIS C 383 -14.94 34.30 19.63
N PHE C 384 -16.20 34.66 19.36
CA PHE C 384 -17.36 33.95 19.90
C PHE C 384 -18.29 33.60 18.75
N TYR C 385 -18.90 32.41 18.83
CA TYR C 385 -19.66 31.86 17.71
C TYR C 385 -20.79 31.01 18.30
N VAL C 386 -22.03 31.44 18.09
CA VAL C 386 -23.21 30.78 18.65
C VAL C 386 -24.41 31.11 17.77
N ALA C 387 -25.49 30.35 17.94
CA ALA C 387 -26.71 30.53 17.15
C ALA C 387 -27.66 31.49 17.86
N PRO C 388 -28.55 32.13 17.10
CA PRO C 388 -29.52 33.05 17.74
C PRO C 388 -30.42 32.39 18.76
N THR C 389 -30.62 31.07 18.67
CA THR C 389 -31.46 30.38 19.65
C THR C 389 -30.96 30.63 21.06
N ALA C 390 -29.63 30.63 21.25
CA ALA C 390 -29.07 30.92 22.56
C ALA C 390 -29.20 32.40 22.91
N LEU C 391 -29.10 33.28 21.91
CA LEU C 391 -29.26 34.71 22.16
C LEU C 391 -30.64 35.01 22.73
N ARG C 392 -31.68 34.36 22.20
CA ARG C 392 -33.03 34.54 22.73
C ARG C 392 -33.17 33.96 24.13
N LEU C 393 -32.29 33.03 24.52
CA LEU C 393 -32.35 32.48 25.87
C LEU C 393 -31.68 33.39 26.89
N LEU C 394 -30.58 34.05 26.50
CA LEU C 394 -29.92 35.00 27.38
C LEU C 394 -30.58 36.38 27.33
N ARG C 395 -31.30 36.70 26.26
CA ARG C 395 -32.05 37.95 26.22
C ARG C 395 -33.18 37.94 27.24
N LYS C 396 -33.84 36.79 27.40
CA LYS C 396 -35.02 36.67 28.25
C LYS C 396 -34.73 35.98 29.58
N ALA C 397 -33.46 35.95 30.01
CA ALA C 397 -33.13 35.26 31.25
C ALA C 397 -31.77 35.67 31.82
N GLY C 398 -30.80 35.97 30.95
CA GLY C 398 -29.46 36.24 31.41
C GLY C 398 -28.89 37.57 30.95
N GLU C 399 -29.77 38.54 30.69
CA GLU C 399 -29.31 39.84 30.22
C GLU C 399 -28.43 40.54 31.24
N GLN C 400 -28.51 40.18 32.52
CA GLN C 400 -27.80 40.88 33.57
C GLN C 400 -26.43 40.29 33.87
N GLU C 401 -26.26 38.96 33.70
CA GLU C 401 -25.00 38.32 34.02
C GLU C 401 -23.86 38.77 33.13
N ILE C 402 -24.13 39.53 32.07
CA ILE C 402 -23.08 39.91 31.13
C ILE C 402 -22.15 40.94 31.76
N ALA C 403 -22.68 41.81 32.62
CA ALA C 403 -21.86 42.87 33.19
C ALA C 403 -20.91 42.37 34.27
N LYS C 404 -21.21 41.22 34.89
CA LYS C 404 -20.34 40.70 35.93
C LYS C 404 -18.96 40.37 35.37
N TYR C 405 -18.91 39.76 34.19
CA TYR C 405 -17.67 39.26 33.61
C TYR C 405 -17.12 40.24 32.57
N ASP C 406 -15.81 40.16 32.37
CA ASP C 406 -15.13 41.00 31.40
C ASP C 406 -15.13 40.32 30.04
N LEU C 407 -15.74 40.96 29.05
CA LEU C 407 -15.77 40.46 27.68
C LEU C 407 -14.98 41.38 26.74
N SER C 408 -13.91 41.98 27.25
CA SER C 408 -13.11 42.92 26.47
C SER C 408 -12.15 42.24 25.51
N SER C 409 -11.92 40.93 25.66
CA SER C 409 -11.00 40.23 24.77
C SER C 409 -11.61 39.99 23.39
N LEU C 410 -12.93 39.98 23.27
CA LEU C 410 -13.56 39.60 22.03
C LEU C 410 -13.33 40.62 20.93
N ARG C 411 -13.19 40.12 19.70
CA ARG C 411 -13.13 40.93 18.50
C ARG C 411 -14.30 40.66 17.57
N THR C 412 -14.55 39.41 17.24
CA THR C 412 -15.57 39.01 16.27
C THR C 412 -16.63 38.16 16.96
N LEU C 413 -17.89 38.45 16.65
CA LEU C 413 -19.02 37.70 17.16
C LEU C 413 -19.79 37.12 15.98
N GLY C 414 -20.14 35.85 16.06
CA GLY C 414 -20.73 35.14 14.93
C GLY C 414 -22.09 34.57 15.26
N SER C 415 -22.98 34.59 14.27
CA SER C 415 -24.29 33.95 14.35
C SER C 415 -24.38 32.88 13.27
N VAL C 416 -25.07 31.78 13.59
CA VAL C 416 -25.10 30.62 12.72
C VAL C 416 -26.36 29.81 13.03
N GLY C 417 -26.84 29.07 12.02
CA GLY C 417 -27.92 28.14 12.21
C GLY C 417 -29.28 28.68 11.81
N GLU C 418 -29.58 29.91 12.19
CA GLU C 418 -30.86 30.54 11.96
C GLU C 418 -30.67 31.93 11.39
N PRO C 419 -31.73 32.54 10.86
CA PRO C 419 -31.71 33.99 10.64
C PRO C 419 -31.71 34.71 11.97
N ILE C 420 -30.88 35.74 12.07
CA ILE C 420 -30.76 36.52 13.30
C ILE C 420 -31.67 37.74 13.19
N SER C 421 -32.66 37.82 14.07
CA SER C 421 -33.59 38.94 14.03
C SER C 421 -32.81 40.25 14.18
N PRO C 422 -33.15 41.29 13.40
CA PRO C 422 -32.52 42.59 13.62
C PRO C 422 -32.64 43.07 15.06
N ASP C 423 -33.70 42.64 15.77
CA ASP C 423 -33.75 42.86 17.21
C ASP C 423 -32.57 42.19 17.90
N ILE C 424 -32.44 40.87 17.73
CA ILE C 424 -31.38 40.14 18.42
C ILE C 424 -30.01 40.59 17.94
N TRP C 425 -29.92 41.06 16.69
CA TRP C 425 -28.64 41.55 16.17
C TRP C 425 -28.15 42.73 17.00
N GLU C 426 -29.03 43.70 17.27
CA GLU C 426 -28.64 44.84 18.09
C GLU C 426 -28.36 44.42 19.53
N TRP C 427 -29.21 43.57 20.09
CA TRP C 427 -28.97 43.05 21.44
C TRP C 427 -27.61 42.35 21.50
N TYR C 428 -27.38 41.41 20.59
CA TYR C 428 -26.10 40.71 20.52
C TYR C 428 -24.93 41.67 20.35
N ASN C 429 -25.19 42.84 19.77
CA ASN C 429 -24.11 43.79 19.49
C ASN C 429 -23.73 44.60 20.72
N GLU C 430 -24.72 45.16 21.42
CA GLU C 430 -24.43 46.04 22.54
C GLU C 430 -24.17 45.26 23.83
N PHE C 431 -25.02 44.29 24.15
CA PHE C 431 -24.89 43.59 25.43
C PHE C 431 -23.58 42.81 25.48
N VAL C 432 -23.32 41.98 24.48
CA VAL C 432 -22.11 41.16 24.46
C VAL C 432 -20.94 41.91 23.84
N GLY C 433 -21.18 42.57 22.70
CA GLY C 433 -20.11 43.25 22.00
C GLY C 433 -19.77 44.62 22.54
N LYS C 434 -20.63 45.21 23.37
CA LYS C 434 -20.43 46.54 23.92
C LYS C 434 -20.33 47.61 22.82
N ASN C 435 -20.85 47.32 21.63
CA ASN C 435 -20.76 48.23 20.48
C ASN C 435 -19.31 48.45 20.07
N GLN C 436 -18.48 47.42 20.24
CA GLN C 436 -17.06 47.50 19.92
C GLN C 436 -16.55 46.32 19.11
N CYS C 437 -17.41 45.37 18.73
CA CYS C 437 -17.00 44.17 18.03
C CYS C 437 -17.68 44.09 16.67
N HIS C 438 -17.19 43.17 15.85
CA HIS C 438 -17.74 42.90 14.53
C HIS C 438 -18.64 41.68 14.60
N ILE C 439 -19.80 41.77 13.96
CA ILE C 439 -20.78 40.69 13.93
C ILE C 439 -20.91 40.17 12.51
N SER C 440 -20.74 38.86 12.34
CA SER C 440 -20.79 38.22 11.02
C SER C 440 -21.86 37.13 11.06
N ASP C 441 -22.95 37.35 10.34
CA ASP C 441 -24.05 36.39 10.22
C ASP C 441 -23.66 35.37 9.16
N THR C 442 -23.17 34.21 9.62
CA THR C 442 -22.69 33.17 8.70
C THR C 442 -23.86 32.30 8.27
N TYR C 443 -24.11 32.26 6.97
CA TYR C 443 -25.12 31.40 6.38
C TYR C 443 -24.43 30.25 5.65
N TRP C 444 -24.91 29.03 5.88
CA TRP C 444 -24.34 27.83 5.27
C TRP C 444 -25.14 26.63 5.75
N GLN C 445 -24.93 25.48 5.11
CA GLN C 445 -25.58 24.24 5.47
C GLN C 445 -24.52 23.17 5.68
N THR C 446 -24.96 22.02 6.21
CA THR C 446 -24.08 20.88 6.35
C THR C 446 -23.46 20.49 5.01
N GLU C 447 -24.22 20.64 3.92
CA GLU C 447 -23.74 20.23 2.61
C GLU C 447 -22.72 21.19 2.03
N SER C 448 -22.65 22.42 2.54
CA SER C 448 -21.66 23.37 2.03
C SER C 448 -20.30 23.19 2.68
N GLY C 449 -20.23 22.53 3.83
CA GLY C 449 -18.96 22.29 4.49
C GLY C 449 -18.47 23.47 5.31
N SER C 450 -18.59 24.67 4.74
CA SER C 450 -18.12 25.89 5.41
C SER C 450 -19.04 27.04 5.00
N HIS C 451 -18.64 28.26 5.35
CA HIS C 451 -19.50 29.42 5.16
C HIS C 451 -19.77 29.68 3.69
N LEU C 452 -21.05 29.91 3.35
CA LEU C 452 -21.44 30.29 2.00
C LEU C 452 -21.53 31.80 1.83
N ILE C 453 -22.31 32.46 2.69
CA ILE C 453 -22.48 33.90 2.67
C ILE C 453 -22.28 34.42 4.09
N ALA C 454 -21.37 35.37 4.26
CA ALA C 454 -21.08 35.93 5.58
C ALA C 454 -20.32 37.23 5.41
N PRO C 455 -20.44 38.17 6.36
CA PRO C 455 -19.60 39.37 6.31
C PRO C 455 -18.24 39.13 6.96
N LEU C 456 -17.17 39.52 6.25
CA LEU C 456 -15.83 39.29 6.77
C LEU C 456 -15.51 40.28 7.87
N ALA C 457 -14.81 39.80 8.90
CA ALA C 457 -14.46 40.64 10.04
C ALA C 457 -13.52 41.75 9.60
N GLY C 458 -13.86 42.99 9.95
CA GLY C 458 -13.03 44.13 9.60
C GLY C 458 -12.91 44.38 8.12
N VAL C 459 -13.96 44.07 7.35
CA VAL C 459 -13.92 44.23 5.90
C VAL C 459 -15.30 44.62 5.38
N VAL C 460 -16.29 43.76 5.57
CA VAL C 460 -17.62 43.94 5.01
C VAL C 460 -18.49 44.68 6.03
N PRO C 461 -19.00 45.86 5.73
CA PRO C 461 -19.97 46.49 6.63
C PRO C 461 -21.20 45.61 6.80
N ASN C 462 -21.92 45.84 7.90
CA ASN C 462 -23.03 44.98 8.29
C ASN C 462 -24.38 45.66 8.03
N LYS C 463 -25.35 44.85 7.64
CA LYS C 463 -26.76 45.23 7.67
C LYS C 463 -27.46 44.26 8.61
N PRO C 464 -27.99 44.71 9.76
CA PRO C 464 -28.58 43.77 10.72
C PRO C 464 -29.55 42.78 10.10
N GLY C 465 -29.30 41.48 10.29
CA GLY C 465 -30.13 40.44 9.75
C GLY C 465 -29.72 39.93 8.39
N SER C 466 -28.78 40.58 7.73
CA SER C 466 -28.31 40.17 6.41
C SER C 466 -27.02 39.37 6.52
N ALA C 467 -26.89 38.39 5.63
CA ALA C 467 -25.64 37.63 5.51
C ALA C 467 -24.61 38.33 4.64
N SER C 468 -25.01 39.34 3.86
CA SER C 468 -24.11 40.17 3.08
C SER C 468 -23.64 39.46 1.81
N TYR C 469 -22.29 39.34 1.62
CA TYR C 469 -21.74 38.90 0.35
C TYR C 469 -21.36 37.42 0.39
N PRO C 470 -21.47 36.72 -0.73
CA PRO C 470 -20.98 35.33 -0.78
C PRO C 470 -19.46 35.28 -0.64
N PHE C 471 -18.97 34.15 -0.16
CA PHE C 471 -17.56 33.96 0.12
C PHE C 471 -16.82 33.48 -1.12
N PHE C 472 -15.49 33.46 -1.05
CA PHE C 472 -14.66 33.03 -2.17
C PHE C 472 -15.19 31.74 -2.77
N GLY C 473 -15.19 31.67 -4.10
CA GLY C 473 -15.60 30.48 -4.81
C GLY C 473 -17.08 30.20 -4.82
N ILE C 474 -17.88 30.94 -4.06
CA ILE C 474 -19.33 30.75 -4.02
C ILE C 474 -19.95 31.80 -4.92
N ASP C 475 -20.46 31.37 -6.08
CA ASP C 475 -21.08 32.26 -7.04
C ASP C 475 -22.59 32.23 -6.82
N ALA C 476 -23.03 33.04 -5.86
CA ALA C 476 -24.45 33.08 -5.49
C ALA C 476 -25.30 33.61 -6.65
N ALA C 477 -26.55 33.17 -6.67
CA ALA C 477 -27.49 33.61 -7.69
C ALA C 477 -28.91 33.35 -7.19
N LEU C 478 -29.85 34.12 -7.71
CA LEU C 478 -31.27 33.93 -7.44
C LEU C 478 -31.95 33.41 -8.69
N ILE C 479 -32.84 32.44 -8.51
CA ILE C 479 -33.55 31.79 -9.60
C ILE C 479 -35.04 32.00 -9.39
N ASP C 480 -35.74 32.42 -10.44
CA ASP C 480 -37.19 32.49 -10.39
C ASP C 480 -37.75 31.09 -10.23
N PRO C 481 -38.39 30.74 -9.11
CA PRO C 481 -38.87 29.36 -8.94
C PRO C 481 -39.89 28.96 -9.99
N VAL C 482 -40.66 29.91 -10.52
CA VAL C 482 -41.73 29.57 -11.45
C VAL C 482 -41.14 29.11 -12.79
N THR C 483 -40.19 29.87 -13.33
CA THR C 483 -39.62 29.57 -14.63
C THR C 483 -38.30 28.82 -14.55
N GLY C 484 -37.59 28.89 -13.43
CA GLY C 484 -36.29 28.27 -13.35
C GLY C 484 -35.19 28.99 -14.07
N VAL C 485 -35.34 30.30 -14.30
CA VAL C 485 -34.36 31.09 -15.01
C VAL C 485 -33.72 32.07 -14.03
N GLU C 486 -32.40 32.18 -14.10
CA GLU C 486 -31.67 33.02 -13.15
C GLU C 486 -32.13 34.46 -13.24
N ILE C 487 -32.42 35.04 -12.07
CA ILE C 487 -32.86 36.43 -11.99
C ILE C 487 -31.64 37.34 -11.98
N GLU C 488 -31.55 38.23 -12.96
CA GLU C 488 -30.46 39.18 -13.07
C GLU C 488 -30.90 40.54 -12.56
N GLY C 489 -29.92 41.41 -12.33
CA GLY C 489 -30.17 42.68 -11.69
C GLY C 489 -30.45 42.54 -10.21
N ASN C 490 -30.21 43.63 -9.48
CA ASN C 490 -30.38 43.63 -8.04
C ASN C 490 -31.84 43.94 -7.69
N ASP C 491 -32.13 43.95 -6.38
CA ASP C 491 -33.48 44.15 -5.87
C ASP C 491 -34.42 43.07 -6.41
N ALA C 492 -34.16 41.84 -5.95
CA ALA C 492 -34.86 40.68 -6.46
C ALA C 492 -34.98 39.64 -5.35
N GLU C 493 -35.82 38.63 -5.62
CA GLU C 493 -36.00 37.52 -4.70
C GLU C 493 -36.23 36.24 -5.49
N GLY C 494 -35.94 35.12 -4.86
CA GLY C 494 -36.14 33.83 -5.49
C GLY C 494 -35.34 32.75 -4.78
N VAL C 495 -35.31 31.58 -5.40
CA VAL C 495 -34.57 30.45 -4.85
C VAL C 495 -33.08 30.74 -4.92
N LEU C 496 -32.40 30.57 -3.79
CA LEU C 496 -30.96 30.80 -3.73
C LEU C 496 -30.22 29.60 -4.29
N ALA C 497 -29.31 29.85 -5.22
CA ALA C 497 -28.56 28.77 -5.86
C ALA C 497 -27.17 29.26 -6.21
N ILE C 498 -26.24 28.31 -6.34
CA ILE C 498 -24.84 28.58 -6.64
C ILE C 498 -24.54 28.00 -8.02
N LYS C 499 -23.71 28.71 -8.78
CA LYS C 499 -23.52 28.40 -10.20
C LYS C 499 -22.34 27.47 -10.47
N ASP C 500 -21.47 27.24 -9.49
CA ASP C 500 -20.37 26.31 -9.66
C ASP C 500 -20.03 25.72 -8.30
N HIS C 501 -19.44 24.52 -8.32
CA HIS C 501 -19.09 23.87 -7.06
C HIS C 501 -17.87 24.55 -6.44
N TRP C 502 -17.67 24.27 -5.16
CA TRP C 502 -16.60 24.88 -4.36
C TRP C 502 -15.87 23.80 -3.60
N PRO C 503 -14.65 24.09 -3.13
CA PRO C 503 -13.82 23.03 -2.54
C PRO C 503 -14.50 22.23 -1.44
N SER C 504 -15.16 22.88 -0.50
CA SER C 504 -15.76 22.21 0.65
C SER C 504 -17.17 21.69 0.37
N MET C 505 -17.60 21.66 -0.88
CA MET C 505 -18.94 21.17 -1.19
C MET C 505 -19.01 19.66 -0.96
N ALA C 506 -20.04 19.21 -0.26
CA ALA C 506 -20.27 17.79 -0.07
C ALA C 506 -20.31 17.09 -1.42
N ARG C 507 -19.67 15.92 -1.49
CA ARG C 507 -19.45 15.24 -2.77
C ARG C 507 -20.53 14.23 -3.10
N THR C 508 -21.27 13.74 -2.11
CA THR C 508 -22.30 12.73 -2.35
C THR C 508 -23.08 12.44 -1.07
N VAL C 509 -24.06 11.55 -1.17
CA VAL C 509 -24.76 10.99 -0.02
C VAL C 509 -24.44 9.50 0.02
N TYR C 510 -23.93 9.04 1.17
CA TYR C 510 -23.29 7.73 1.23
C TYR C 510 -24.15 6.66 0.58
N LYS C 511 -23.58 5.95 -0.38
CA LYS C 511 -24.22 4.84 -1.08
C LYS C 511 -25.56 5.23 -1.69
N ASN C 512 -25.78 6.52 -1.93
CA ASN C 512 -27.03 6.99 -2.52
C ASN C 512 -26.78 8.31 -3.25
N HIS C 513 -26.01 8.25 -4.33
CA HIS C 513 -25.72 9.44 -5.11
C HIS C 513 -26.93 9.94 -5.87
N THR C 514 -27.93 9.08 -6.11
CA THR C 514 -29.14 9.52 -6.79
C THR C 514 -29.88 10.56 -5.96
N LYS C 515 -30.14 10.25 -4.68
CA LYS C 515 -30.77 11.23 -3.80
C LYS C 515 -29.96 12.52 -3.74
N TYR C 516 -28.63 12.41 -3.87
CA TYR C 516 -27.78 13.59 -3.88
C TYR C 516 -28.00 14.43 -5.13
N MET C 517 -28.18 13.78 -6.28
CA MET C 517 -28.46 14.52 -7.51
C MET C 517 -29.86 15.11 -7.49
N ASP C 518 -30.85 14.32 -7.06
CA ASP C 518 -32.23 14.79 -7.05
C ASP C 518 -32.41 15.97 -6.11
N THR C 519 -31.57 16.07 -5.07
CA THR C 519 -31.74 17.10 -4.05
C THR C 519 -31.05 18.41 -4.44
N TYR C 520 -29.80 18.34 -4.89
CA TYR C 520 -28.98 19.53 -5.05
C TYR C 520 -28.71 19.91 -6.50
N MET C 521 -28.65 18.95 -7.42
CA MET C 521 -28.18 19.21 -8.77
C MET C 521 -29.27 19.14 -9.83
N ASN C 522 -30.33 18.37 -9.60
CA ASN C 522 -31.33 18.14 -10.63
C ASN C 522 -32.47 19.17 -10.61
N PRO C 523 -32.82 19.76 -9.46
CA PRO C 523 -33.86 20.81 -9.50
C PRO C 523 -33.57 21.89 -10.51
N TYR C 524 -32.35 22.42 -10.49
CA TYR C 524 -31.91 23.47 -11.43
C TYR C 524 -30.59 23.01 -12.02
N PRO C 525 -30.62 22.33 -13.16
CA PRO C 525 -29.38 21.85 -13.78
C PRO C 525 -28.41 23.00 -14.01
N GLY C 526 -27.14 22.74 -13.72
CA GLY C 526 -26.11 23.76 -13.78
C GLY C 526 -26.00 24.61 -12.53
N TYR C 527 -26.86 24.40 -11.54
CA TYR C 527 -26.85 25.14 -10.30
C TYR C 527 -26.83 24.17 -9.13
N TYR C 528 -26.58 24.72 -7.94
CA TYR C 528 -26.66 23.98 -6.68
C TYR C 528 -27.85 24.52 -5.90
N PHE C 529 -28.86 23.68 -5.70
CA PHE C 529 -30.08 24.08 -5.01
C PHE C 529 -29.83 24.06 -3.50
N THR C 530 -29.84 25.24 -2.89
CA THR C 530 -29.57 25.35 -1.45
C THR C 530 -30.78 24.98 -0.60
N GLY C 531 -31.97 24.92 -1.19
CA GLY C 531 -33.17 24.68 -0.42
C GLY C 531 -33.71 25.90 0.31
N ASP C 532 -33.09 27.06 0.13
CA ASP C 532 -33.49 28.29 0.79
C ASP C 532 -33.97 29.31 -0.22
N GLY C 533 -34.77 30.25 0.26
CA GLY C 533 -35.14 31.43 -0.50
C GLY C 533 -34.41 32.64 0.07
N ALA C 534 -33.95 33.52 -0.81
CA ALA C 534 -33.20 34.69 -0.39
C ALA C 534 -33.54 35.86 -1.31
N ALA C 535 -33.07 37.04 -0.92
CA ALA C 535 -33.25 38.26 -1.69
C ALA C 535 -31.93 39.02 -1.72
N ARG C 536 -31.66 39.66 -2.85
CA ARG C 536 -30.47 40.48 -3.04
C ARG C 536 -30.90 41.92 -3.30
N ASP C 537 -30.39 42.85 -2.50
CA ASP C 537 -30.76 44.24 -2.63
C ASP C 537 -29.79 44.97 -3.56
N HIS C 538 -30.02 46.29 -3.71
CA HIS C 538 -29.22 47.08 -4.65
C HIS C 538 -27.73 47.12 -4.31
N ASP C 539 -27.34 46.63 -3.13
CA ASP C 539 -25.93 46.59 -2.75
C ASP C 539 -25.33 45.19 -2.83
N GLY C 540 -26.09 44.20 -3.26
CA GLY C 540 -25.62 42.83 -3.31
C GLY C 540 -25.76 42.06 -2.01
N TYR C 541 -26.04 42.74 -0.90
CA TYR C 541 -26.25 42.05 0.36
C TYR C 541 -27.41 41.07 0.24
N TYR C 542 -27.15 39.81 0.56
CA TYR C 542 -28.16 38.76 0.48
C TYR C 542 -28.91 38.65 1.81
N TRP C 543 -30.23 38.50 1.71
CA TRP C 543 -31.10 38.33 2.86
C TRP C 543 -31.74 36.95 2.79
N ILE C 544 -31.44 36.11 3.77
CA ILE C 544 -31.95 34.75 3.79
C ILE C 544 -33.40 34.77 4.27
N ARG C 545 -34.31 34.33 3.42
CA ARG C 545 -35.75 34.35 3.71
C ARG C 545 -36.27 33.01 4.22
N GLY C 546 -35.38 32.05 4.48
CA GLY C 546 -35.79 30.76 5.03
C GLY C 546 -35.85 29.68 3.97
N ARG C 547 -36.17 28.47 4.45
CA ARG C 547 -36.29 27.32 3.55
C ARG C 547 -37.57 27.41 2.74
N VAL C 548 -37.54 26.79 1.56
CA VAL C 548 -38.70 26.74 0.68
C VAL C 548 -39.40 25.39 0.83
S SO4 D . 10.38 -44.87 -28.31
O1 SO4 D . 9.08 -45.61 -28.12
O2 SO4 D . 10.22 -43.87 -29.41
O3 SO4 D . 11.47 -45.84 -28.67
O4 SO4 D . 10.75 -44.16 -27.04
S SO4 E . -0.12 -39.40 -25.51
O1 SO4 E . 0.75 -38.87 -26.61
O2 SO4 E . -1.27 -38.47 -25.28
O3 SO4 E . 0.68 -39.51 -24.25
O4 SO4 E . -0.65 -40.75 -25.89
S SO4 F . 19.46 3.26 -14.44
O1 SO4 F . 18.20 2.49 -14.65
O2 SO4 F . 19.38 4.56 -15.19
O3 SO4 F . 20.63 2.46 -14.94
O4 SO4 F . 19.65 3.52 -12.97
S SO4 G . -4.04 -16.93 -49.98
O1 SO4 G . -2.88 -16.41 -50.78
O2 SO4 G . -5.30 -16.29 -50.47
O3 SO4 G . -4.14 -18.42 -50.13
O4 SO4 G . -3.85 -16.59 -48.52
S SO4 H . 0.06 3.61 -0.11
O1 SO4 H . 0.21 3.43 -1.60
O2 SO4 H . -0.55 4.95 0.17
O3 SO4 H . -0.82 2.53 0.43
O4 SO4 H . 1.42 3.54 0.54
S SO4 I . 2.20 6.76 -1.70
O1 SO4 I . 2.38 8.02 -2.51
O2 SO4 I . 1.23 7.04 -0.59
O3 SO4 I . 1.67 5.68 -2.59
O4 SO4 I . 3.51 6.33 -1.12
CL CL J . 14.95 13.78 -16.27
CL CL K . 9.05 -33.67 -41.22
O2' WPO L . 2.71 -17.87 -34.68
C2' WPO L . 2.70 -16.46 -34.57
C1' WPO L . 1.37 -15.91 -35.08
O4' WPO L . 0.48 -15.89 -33.98
C4' WPO L . 1.19 -16.26 -32.77
C5' WPO L . 0.65 -15.49 -31.59
O5' WPO L . -0.73 -15.83 -31.38
P WPO L . -1.46 -15.10 -30.15
O1P WPO L . -2.86 -15.58 -30.05
O2P WPO L . -0.58 -15.23 -28.96
O3P WPO L . -1.45 -13.55 -30.56
C1P WPO L . -2.15 -13.15 -31.74
C2P WPO L . -2.02 -11.69 -31.93
C3P WPO L . -0.89 -11.07 -32.13
C3' WPO L . 2.66 -16.01 -33.11
O3' WPO L . 3.52 -16.75 -32.26
N9 WPO L . 1.47 -14.56 -35.64
C8 WPO L . 1.09 -13.40 -35.04
N7 WPO L . 1.29 -12.33 -35.79
C5 WPO L . 1.86 -12.84 -36.96
C4 WPO L . 1.97 -14.21 -36.87
N3 WPO L . 2.48 -15.02 -37.82
C2 WPO L . 2.88 -14.32 -38.88
N1 WPO L . 2.82 -13.01 -39.10
C6 WPO L . 2.31 -12.21 -38.13
N6 WPO L . 2.24 -10.90 -38.33
O2' WPO M . -17.15 -10.66 -28.77
C2' WPO M . -17.91 -10.90 -29.94
C1' WPO M . -19.18 -11.67 -29.63
O4' WPO M . -20.15 -11.27 -30.60
C4' WPO M . -19.63 -10.19 -31.41
C5' WPO M . -19.26 -10.74 -32.77
O5' WPO M . -18.24 -11.75 -32.65
P WPO M . -17.50 -12.21 -34.00
O1P WPO M . -18.48 -12.95 -34.84
O2P WPO M . -16.22 -12.85 -33.59
O3P WPO M . -17.22 -10.78 -34.64
C1P WPO M . -15.92 -10.50 -35.17
C2P WPO M . -15.59 -11.34 -36.34
C3P WPO M . -14.48 -11.25 -37.04
C3' WPO M . -18.47 -9.63 -30.59
O3' WPO M . -18.97 -8.72 -29.62
N9 WPO M . -19.09 -13.13 -29.68
C8 WPO M . -18.21 -13.90 -30.39
N7 WPO M . -18.40 -15.19 -30.26
C5 WPO M . -19.51 -15.27 -29.42
C4 WPO M . -19.94 -14.01 -29.07
N3 WPO M . -20.99 -13.72 -28.26
C2 WPO M . -21.58 -14.83 -27.84
N1 WPO M . -21.27 -16.11 -28.09
C6 WPO M . -20.22 -16.38 -28.91
N6 WPO M . -19.91 -17.64 -29.17
O1 PG4 N . 21.28 -9.44 -12.25
C1 PG4 N . 20.07 -10.15 -12.16
C2 PG4 N . 19.41 -9.93 -10.82
O2 PG4 N . 19.50 -8.58 -10.44
C3 PG4 N . 18.68 -7.73 -11.20
C4 PG4 N . 19.49 -6.57 -11.72
O3 PG4 N . 20.35 -6.99 -12.76
C5 PG4 N . 20.07 -6.38 -13.99
C6 PG4 N . 21.19 -6.69 -14.96
O4 PG4 N . 21.69 -7.98 -14.71
C7 PG4 N . 22.96 -8.21 -15.27
C8 PG4 N . 24.02 -7.48 -14.50
O5 PG4 N . 24.52 -6.40 -15.25
S SO4 O . 6.07 -9.93 33.98
O1 SO4 O . 6.44 -9.55 32.58
O2 SO4 O . 4.62 -9.64 34.22
O3 SO4 O . 6.32 -11.39 34.18
O4 SO4 O . 6.90 -9.14 34.94
S SO4 P . 24.85 -13.12 21.93
O1 SO4 P . 24.59 -13.59 20.53
O2 SO4 P . 23.56 -12.81 22.61
O3 SO4 P . 25.57 -14.19 22.69
O4 SO4 P . 25.71 -11.88 21.90
S SO4 Q . 21.40 -14.65 25.14
O1 SO4 Q . 21.60 -14.28 23.70
O2 SO4 Q . 20.01 -15.17 25.33
O3 SO4 Q . 22.40 -15.70 25.52
O4 SO4 Q . 21.61 -13.44 26.01
S SO4 R . 5.10 9.59 -2.59
O1 SO4 R . 4.63 9.19 -3.96
O2 SO4 R . 4.54 10.95 -2.28
O3 SO4 R . 4.60 8.61 -1.57
O4 SO4 R . 6.60 9.61 -2.54
S SO4 S . 7.43 12.70 -4.09
O1 SO4 S . 7.14 11.82 -5.26
O2 SO4 S . 6.15 13.24 -3.53
O3 SO4 S . 8.30 13.84 -4.52
O4 SO4 S . 8.16 11.92 -3.03
CL CL T . 10.75 -17.74 27.94
O2' WPO U . 24.13 -6.61 30.87
C2' WPO U . 24.63 -6.11 29.65
C1' WPO U . 25.23 -7.26 28.84
O4' WPO U . 24.16 -7.86 28.12
C4' WPO U . 22.98 -7.03 28.27
C5' WPO U . 22.15 -7.06 27.00
O5' WPO U . 21.60 -8.38 26.81
P WPO U . 20.71 -8.62 25.50
O1P WPO U . 19.68 -7.54 25.44
O2P WPO U . 20.28 -10.04 25.45
O3P WPO U . 21.76 -8.35 24.32
C1P WPO U . 22.90 -9.20 24.22
C2P WPO U . 23.89 -8.63 23.28
C3P WPO U . 23.81 -7.43 22.76
C3' WPO U . 23.52 -5.67 28.69
O3' WPO U . 22.51 -4.87 29.31
N9 WPO U . 26.26 -6.83 27.89
C8 WPO U . 26.11 -6.66 26.54
N7 WPO U . 27.21 -6.27 25.94
C5 WPO U . 28.14 -6.16 26.97
C4 WPO U . 27.56 -6.50 28.18
N3 WPO U . 28.17 -6.49 29.37
C2 WPO U . 29.45 -6.11 29.26
N1 WPO U . 30.13 -5.76 28.17
C6 WPO U . 29.49 -5.77 26.97
N6 WPO U . 30.17 -5.42 25.88
O2 PG4 V . 18.41 -8.67 30.52
C3 PG4 V . 19.60 -7.92 30.53
C4 PG4 V . 19.42 -6.66 29.73
O3 PG4 V . 18.26 -5.98 30.15
C5 PG4 V . 18.18 -4.65 29.71
C6 PG4 V . 16.79 -4.12 29.97
O4 PG4 V . 16.86 -2.91 30.70
C7 PG4 V . 16.87 -3.09 32.09
C8 PG4 V . 15.49 -3.43 32.58
O5 PG4 V . 15.52 -3.60 33.98
O2' WPO W . -32.19 27.23 5.84
C2' WPO W . -30.91 27.69 6.17
C1' WPO W . -30.74 27.76 7.69
O4' WPO W . -30.40 26.44 8.12
C4' WPO W . -30.06 25.64 6.96
C5' WPO W . -28.88 24.74 7.28
O5' WPO W . -29.18 23.91 8.41
P WPO W . -28.09 22.78 8.76
O1P WPO W . -27.81 22.03 7.51
O2P WPO W . -28.51 22.04 9.97
O3P WPO W . -26.77 23.62 9.13
C1P WPO W . -26.70 24.27 10.39
C2P WPO W . -25.58 25.25 10.42
C3P WPO W . -24.89 25.61 9.37
C3' WPO W . -29.82 26.67 5.84
O3' WPO W . -29.94 26.07 4.56
N9 WPO W . -29.67 28.67 8.13
C8 WPO W . -28.45 28.32 8.65
N7 WPO W . -27.69 29.34 8.95
C5 WPO W . -28.47 30.44 8.60
C4 WPO W . -29.69 30.04 8.09
N3 WPO W . -30.67 30.84 7.67
C2 WPO W . -30.33 32.12 7.78
N1 WPO W . -29.21 32.65 8.25
C6 WPO W . -28.22 31.82 8.68
N6 WPO W . -27.10 32.35 9.15
O2' WPO X . -23.68 17.31 23.58
C2' WPO X . -24.26 17.92 24.71
C1' WPO X . -24.92 16.91 25.64
O4' WPO X . -24.90 17.50 26.94
C4' WPO X . -24.11 18.70 26.92
C5' WPO X . -25.03 19.89 26.88
O5' WPO X . -26.37 19.45 26.55
P WPO X . -27.34 20.50 25.84
O1P WPO X . -28.74 20.20 26.23
O2P WPO X . -26.96 20.55 24.40
O3P WPO X . -26.91 21.89 26.52
C1P WPO X . -26.25 22.88 25.71
C2P WPO X . -27.15 23.37 24.64
C3P WPO X . -26.91 23.28 23.36
C3' WPO X . -23.24 18.55 25.67
O3' WPO X . -22.17 17.66 25.96
N9 WPO X . -26.30 16.55 25.31
C8 WPO X . -27.22 17.30 24.63
N7 WPO X . -28.38 16.72 24.50
C5 WPO X . -28.22 15.51 25.15
C4 WPO X . -26.94 15.39 25.66
N3 WPO X . -26.45 14.34 26.34
C2 WPO X . -27.37 13.39 26.48
N1 WPO X . -28.63 13.36 26.05
C6 WPO X . -29.11 14.43 25.37
N6 WPO X . -30.37 14.42 24.94
#